data_208L
# 
_entry.id   208L 
# 
_audit_conform.dict_name       mmcif_pdbx.dic 
_audit_conform.dict_version    5.398 
_audit_conform.dict_location   http://mmcif.pdb.org/dictionaries/ascii/mmcif_pdbx.dic 
# 
loop_
_database_2.database_id 
_database_2.database_code 
_database_2.pdbx_database_accession 
_database_2.pdbx_DOI 
PDB   208L         pdb_0000208l 10.2210/pdb208l/pdb 
WWPDB D_1000177563 ?            ?                   
# 
loop_
_pdbx_audit_revision_history.ordinal 
_pdbx_audit_revision_history.data_content_type 
_pdbx_audit_revision_history.major_revision 
_pdbx_audit_revision_history.minor_revision 
_pdbx_audit_revision_history.revision_date 
1 'Structure model' 1 0 1996-10-14 
2 'Structure model' 1 1 2008-03-24 
3 'Structure model' 1 2 2011-07-13 
4 'Structure model' 1 3 2017-11-29 
5 'Structure model' 1 4 2021-11-03 
6 'Structure model' 1 5 2024-04-03 
7 'Structure model' 1 6 2024-10-30 
# 
_pdbx_audit_revision_details.ordinal             1 
_pdbx_audit_revision_details.revision_ordinal    1 
_pdbx_audit_revision_details.data_content_type   'Structure model' 
_pdbx_audit_revision_details.provider            repository 
_pdbx_audit_revision_details.type                'Initial release' 
_pdbx_audit_revision_details.description         ? 
_pdbx_audit_revision_details.details             ? 
# 
loop_
_pdbx_audit_revision_group.ordinal 
_pdbx_audit_revision_group.revision_ordinal 
_pdbx_audit_revision_group.data_content_type 
_pdbx_audit_revision_group.group 
1 2 'Structure model' 'Version format compliance' 
2 3 'Structure model' 'Version format compliance' 
3 4 'Structure model' 'Derived calculations'      
4 4 'Structure model' Other                       
5 5 'Structure model' 'Database references'       
6 5 'Structure model' 'Derived calculations'      
7 6 'Structure model' 'Data collection'           
8 6 'Structure model' 'Refinement description'    
9 7 'Structure model' 'Structure summary'         
# 
loop_
_pdbx_audit_revision_category.ordinal 
_pdbx_audit_revision_category.revision_ordinal 
_pdbx_audit_revision_category.data_content_type 
_pdbx_audit_revision_category.category 
1  4 'Structure model' pdbx_database_status          
2  4 'Structure model' struct_conf                   
3  4 'Structure model' struct_conf_type              
4  5 'Structure model' database_2                    
5  5 'Structure model' struct_ref_seq_dif            
6  5 'Structure model' struct_site                   
7  6 'Structure model' chem_comp_atom                
8  6 'Structure model' chem_comp_bond                
9  6 'Structure model' pdbx_initial_refinement_model 
10 7 'Structure model' pdbx_entry_details            
11 7 'Structure model' pdbx_modification_feature     
# 
loop_
_pdbx_audit_revision_item.ordinal 
_pdbx_audit_revision_item.revision_ordinal 
_pdbx_audit_revision_item.data_content_type 
_pdbx_audit_revision_item.item 
1 4 'Structure model' '_pdbx_database_status.process_site'  
2 5 'Structure model' '_database_2.pdbx_DOI'                
3 5 'Structure model' '_database_2.pdbx_database_accession' 
4 5 'Structure model' '_struct_ref_seq_dif.details'         
5 5 'Structure model' '_struct_site.pdbx_auth_asym_id'      
6 5 'Structure model' '_struct_site.pdbx_auth_comp_id'      
7 5 'Structure model' '_struct_site.pdbx_auth_seq_id'       
# 
_pdbx_database_status.status_code                     REL 
_pdbx_database_status.entry_id                        208L 
_pdbx_database_status.recvd_initial_deposition_date   1996-03-26 
_pdbx_database_status.deposit_site                    ? 
_pdbx_database_status.process_site                    BNL 
_pdbx_database_status.SG_entry                        . 
_pdbx_database_status.pdb_format_compatible           Y 
_pdbx_database_status.status_code_mr                  ? 
_pdbx_database_status.status_code_sf                  ? 
_pdbx_database_status.status_code_cs                  ? 
_pdbx_database_status.methods_development_category    ? 
_pdbx_database_status.status_code_nmr_data            ? 
# 
loop_
_audit_author.name 
_audit_author.pdbx_ordinal 
'Matsushima, M.' 1 
'Song, H.'       2 
# 
loop_
_citation.id 
_citation.title 
_citation.journal_abbrev 
_citation.journal_volume 
_citation.page_first 
_citation.page_last 
_citation.year 
_citation.journal_id_ASTM 
_citation.country 
_citation.journal_id_ISSN 
_citation.journal_id_CSD 
_citation.book_publisher 
_citation.pdbx_database_id_PubMed 
_citation.pdbx_database_id_DOI 
primary 'A role of PDI in the reductive cleavage of mixed disulfides.'                                                      
'J.Biochem.(Tokyo)'        120 525 530 1996 JOBIAO JA 0021-924X 0418 ? 8902616 ? 
1       'Structure of a Glutathionylated Human Lysozyme: A Folding Intermediate Mimic in the Formation of a Disulfide Bond' 
'Acta Crystallogr.,Sect.D' 51  619 ?   1995 ABCRE6 DK 0907-4449 0766 ? ?       ? 
2       'Pdi and Glutathione-Mediated Reduction of the Glutathionylated Variant of Human Lysozyme'                          
'FEBS Lett.'               328 203 ?   1993 FEBLAL NE 0014-5793 0165 ? ?       ? 
# 
loop_
_citation_author.citation_id 
_citation_author.name 
_citation_author.ordinal 
_citation_author.identifier_ORCID 
primary 'Nakamura, S.'   1  ? 
primary 'Matsushima, M.' 2  ? 
primary 'Song, H.'       3  ? 
primary 'Kikuchi, M.'    4  ? 
1       'Inaka, K.'      5  ? 
1       'Miki, K.'       6  ? 
1       'Kikuchi, M.'    7  ? 
1       'Taniyama, Y.'   8  ? 
1       'Matsushima, M.' 9  ? 
2       'Hayano, T.'     10 ? 
2       'Inaka, K.'      11 ? 
2       'Otsu, M.'       12 ? 
2       'Taniyama, Y.'   13 ? 
2       'Miki, K.'       14 ? 
2       'Matsushima, M.' 15 ? 
2       'Kikuchi, M.'    16 ? 
# 
loop_
_entity.id 
_entity.type 
_entity.src_method 
_entity.pdbx_description 
_entity.formula_weight 
_entity.pdbx_number_of_molecules 
_entity.pdbx_ec 
_entity.pdbx_mutation 
_entity.pdbx_fragment 
_entity.details 
1 polymer     man LYSOZYME 14688.627 1  3.2.1.17 C77A ? ? 
2 non-polymer syn CYSTEINE 121.158   1  ?        ?    ? 
'C77 CHANGED TO ALA AND A CYSTEINE WAS CHEMICALLY BOUND ON THE SH GROUP OF CYS95 THROUGH A DISULFIDE BOND' 
3 water       nat water    18.015    40 ?        ?    ? ? 
# 
_entity_name_com.entity_id   1 
_entity_name_com.name        HL_95CYS 
# 
_entity_poly.entity_id                      1 
_entity_poly.type                           'polypeptide(L)' 
_entity_poly.nstd_linkage                   no 
_entity_poly.nstd_monomer                   no 
_entity_poly.pdbx_seq_one_letter_code       
;KVFERCELARTLKRLGMDGYRGISLANWMCLAKWESGYNTRATNYNAGDRSTDYGIFQINSRYWCNDGKTPGAVNAAHLS
CSALLQDNIADAVACAKRVVRDPQGIRAWVAWRNRCQNRDVRQYVQGCGV
;
_entity_poly.pdbx_seq_one_letter_code_can   
;KVFERCELARTLKRLGMDGYRGISLANWMCLAKWESGYNTRATNYNAGDRSTDYGIFQINSRYWCNDGKTPGAVNAAHLS
CSALLQDNIADAVACAKRVVRDPQGIRAWVAWRNRCQNRDVRQYVQGCGV
;
_entity_poly.pdbx_strand_id                 A 
_entity_poly.pdbx_target_identifier         ? 
# 
loop_
_pdbx_entity_nonpoly.entity_id 
_pdbx_entity_nonpoly.name 
_pdbx_entity_nonpoly.comp_id 
2 CYSTEINE CYS 
3 water    HOH 
# 
loop_
_entity_poly_seq.entity_id 
_entity_poly_seq.num 
_entity_poly_seq.mon_id 
_entity_poly_seq.hetero 
1 1   LYS n 
1 2   VAL n 
1 3   PHE n 
1 4   GLU n 
1 5   ARG n 
1 6   CYS n 
1 7   GLU n 
1 8   LEU n 
1 9   ALA n 
1 10  ARG n 
1 11  THR n 
1 12  LEU n 
1 13  LYS n 
1 14  ARG n 
1 15  LEU n 
1 16  GLY n 
1 17  MET n 
1 18  ASP n 
1 19  GLY n 
1 20  TYR n 
1 21  ARG n 
1 22  GLY n 
1 23  ILE n 
1 24  SER n 
1 25  LEU n 
1 26  ALA n 
1 27  ASN n 
1 28  TRP n 
1 29  MET n 
1 30  CYS n 
1 31  LEU n 
1 32  ALA n 
1 33  LYS n 
1 34  TRP n 
1 35  GLU n 
1 36  SER n 
1 37  GLY n 
1 38  TYR n 
1 39  ASN n 
1 40  THR n 
1 41  ARG n 
1 42  ALA n 
1 43  THR n 
1 44  ASN n 
1 45  TYR n 
1 46  ASN n 
1 47  ALA n 
1 48  GLY n 
1 49  ASP n 
1 50  ARG n 
1 51  SER n 
1 52  THR n 
1 53  ASP n 
1 54  TYR n 
1 55  GLY n 
1 56  ILE n 
1 57  PHE n 
1 58  GLN n 
1 59  ILE n 
1 60  ASN n 
1 61  SER n 
1 62  ARG n 
1 63  TYR n 
1 64  TRP n 
1 65  CYS n 
1 66  ASN n 
1 67  ASP n 
1 68  GLY n 
1 69  LYS n 
1 70  THR n 
1 71  PRO n 
1 72  GLY n 
1 73  ALA n 
1 74  VAL n 
1 75  ASN n 
1 76  ALA n 
1 77  ALA n 
1 78  HIS n 
1 79  LEU n 
1 80  SER n 
1 81  CYS n 
1 82  SER n 
1 83  ALA n 
1 84  LEU n 
1 85  LEU n 
1 86  GLN n 
1 87  ASP n 
1 88  ASN n 
1 89  ILE n 
1 90  ALA n 
1 91  ASP n 
1 92  ALA n 
1 93  VAL n 
1 94  ALA n 
1 95  CYS n 
1 96  ALA n 
1 97  LYS n 
1 98  ARG n 
1 99  VAL n 
1 100 VAL n 
1 101 ARG n 
1 102 ASP n 
1 103 PRO n 
1 104 GLN n 
1 105 GLY n 
1 106 ILE n 
1 107 ARG n 
1 108 ALA n 
1 109 TRP n 
1 110 VAL n 
1 111 ALA n 
1 112 TRP n 
1 113 ARG n 
1 114 ASN n 
1 115 ARG n 
1 116 CYS n 
1 117 GLN n 
1 118 ASN n 
1 119 ARG n 
1 120 ASP n 
1 121 VAL n 
1 122 ARG n 
1 123 GLN n 
1 124 TYR n 
1 125 VAL n 
1 126 GLN n 
1 127 GLY n 
1 128 CYS n 
1 129 GLY n 
1 130 VAL n 
# 
_entity_src_gen.entity_id                          1 
_entity_src_gen.pdbx_src_id                        1 
_entity_src_gen.pdbx_alt_source_flag               sample 
_entity_src_gen.pdbx_seq_type                      ? 
_entity_src_gen.pdbx_beg_seq_num                   ? 
_entity_src_gen.pdbx_end_seq_num                   ? 
_entity_src_gen.gene_src_common_name               human 
_entity_src_gen.gene_src_genus                     Homo 
_entity_src_gen.pdbx_gene_src_gene                 ? 
_entity_src_gen.gene_src_species                   ? 
_entity_src_gen.gene_src_strain                    ? 
_entity_src_gen.gene_src_tissue                    ? 
_entity_src_gen.gene_src_tissue_fraction           ? 
_entity_src_gen.gene_src_details                   ? 
_entity_src_gen.pdbx_gene_src_fragment             ? 
_entity_src_gen.pdbx_gene_src_scientific_name      'Homo sapiens' 
_entity_src_gen.pdbx_gene_src_ncbi_taxonomy_id     9606 
_entity_src_gen.pdbx_gene_src_variant              ? 
_entity_src_gen.pdbx_gene_src_cell_line            ? 
_entity_src_gen.pdbx_gene_src_atcc                 ? 
_entity_src_gen.pdbx_gene_src_organ                ? 
_entity_src_gen.pdbx_gene_src_organelle            ? 
_entity_src_gen.pdbx_gene_src_cell                 ? 
_entity_src_gen.pdbx_gene_src_cellular_location    ? 
_entity_src_gen.host_org_common_name               ? 
_entity_src_gen.pdbx_host_org_scientific_name      'Escherichia coli' 
_entity_src_gen.pdbx_host_org_ncbi_taxonomy_id     562 
_entity_src_gen.host_org_genus                     Escherichia 
_entity_src_gen.pdbx_host_org_gene                 ? 
_entity_src_gen.pdbx_host_org_organ                ? 
_entity_src_gen.host_org_species                   ? 
_entity_src_gen.pdbx_host_org_tissue               ? 
_entity_src_gen.pdbx_host_org_tissue_fraction      ? 
_entity_src_gen.pdbx_host_org_strain               ? 
_entity_src_gen.pdbx_host_org_variant              ? 
_entity_src_gen.pdbx_host_org_cell_line            ? 
_entity_src_gen.pdbx_host_org_atcc                 ? 
_entity_src_gen.pdbx_host_org_culture_collection   ? 
_entity_src_gen.pdbx_host_org_cell                 ? 
_entity_src_gen.pdbx_host_org_organelle            ? 
_entity_src_gen.pdbx_host_org_cellular_location    ? 
_entity_src_gen.pdbx_host_org_vector_type          ? 
_entity_src_gen.pdbx_host_org_vector               ? 
_entity_src_gen.host_org_details                   ? 
_entity_src_gen.expression_system_id               ? 
_entity_src_gen.plasmid_name                       ? 
_entity_src_gen.plasmid_details                    ? 
_entity_src_gen.pdbx_description                   ? 
# 
loop_
_chem_comp.id 
_chem_comp.type 
_chem_comp.mon_nstd_flag 
_chem_comp.name 
_chem_comp.pdbx_synonyms 
_chem_comp.formula 
_chem_comp.formula_weight 
ALA 'L-peptide linking' y ALANINE         ? 'C3 H7 N O2'     89.093  
ARG 'L-peptide linking' y ARGININE        ? 'C6 H15 N4 O2 1' 175.209 
ASN 'L-peptide linking' y ASPARAGINE      ? 'C4 H8 N2 O3'    132.118 
ASP 'L-peptide linking' y 'ASPARTIC ACID' ? 'C4 H7 N O4'     133.103 
CYS 'L-peptide linking' y CYSTEINE        ? 'C3 H7 N O2 S'   121.158 
GLN 'L-peptide linking' y GLUTAMINE       ? 'C5 H10 N2 O3'   146.144 
GLU 'L-peptide linking' y 'GLUTAMIC ACID' ? 'C5 H9 N O4'     147.129 
GLY 'peptide linking'   y GLYCINE         ? 'C2 H5 N O2'     75.067  
HIS 'L-peptide linking' y HISTIDINE       ? 'C6 H10 N3 O2 1' 156.162 
HOH non-polymer         . WATER           ? 'H2 O'           18.015  
ILE 'L-peptide linking' y ISOLEUCINE      ? 'C6 H13 N O2'    131.173 
LEU 'L-peptide linking' y LEUCINE         ? 'C6 H13 N O2'    131.173 
LYS 'L-peptide linking' y LYSINE          ? 'C6 H15 N2 O2 1' 147.195 
MET 'L-peptide linking' y METHIONINE      ? 'C5 H11 N O2 S'  149.211 
PHE 'L-peptide linking' y PHENYLALANINE   ? 'C9 H11 N O2'    165.189 
PRO 'L-peptide linking' y PROLINE         ? 'C5 H9 N O2'     115.130 
SER 'L-peptide linking' y SERINE          ? 'C3 H7 N O3'     105.093 
THR 'L-peptide linking' y THREONINE       ? 'C4 H9 N O3'     119.119 
TRP 'L-peptide linking' y TRYPTOPHAN      ? 'C11 H12 N2 O2'  204.225 
TYR 'L-peptide linking' y TYROSINE        ? 'C9 H11 N O3'    181.189 
VAL 'L-peptide linking' y VALINE          ? 'C5 H11 N O2'    117.146 
# 
loop_
_pdbx_poly_seq_scheme.asym_id 
_pdbx_poly_seq_scheme.entity_id 
_pdbx_poly_seq_scheme.seq_id 
_pdbx_poly_seq_scheme.mon_id 
_pdbx_poly_seq_scheme.ndb_seq_num 
_pdbx_poly_seq_scheme.pdb_seq_num 
_pdbx_poly_seq_scheme.auth_seq_num 
_pdbx_poly_seq_scheme.pdb_mon_id 
_pdbx_poly_seq_scheme.auth_mon_id 
_pdbx_poly_seq_scheme.pdb_strand_id 
_pdbx_poly_seq_scheme.pdb_ins_code 
_pdbx_poly_seq_scheme.hetero 
A 1 1   LYS 1   1   1   LYS LYS A . n 
A 1 2   VAL 2   2   2   VAL VAL A . n 
A 1 3   PHE 3   3   3   PHE PHE A . n 
A 1 4   GLU 4   4   4   GLU GLU A . n 
A 1 5   ARG 5   5   5   ARG ARG A . n 
A 1 6   CYS 6   6   6   CYS CYS A . n 
A 1 7   GLU 7   7   7   GLU GLU A . n 
A 1 8   LEU 8   8   8   LEU LEU A . n 
A 1 9   ALA 9   9   9   ALA ALA A . n 
A 1 10  ARG 10  10  10  ARG ARG A . n 
A 1 11  THR 11  11  11  THR THR A . n 
A 1 12  LEU 12  12  12  LEU LEU A . n 
A 1 13  LYS 13  13  13  LYS LYS A . n 
A 1 14  ARG 14  14  14  ARG ARG A . n 
A 1 15  LEU 15  15  15  LEU LEU A . n 
A 1 16  GLY 16  16  16  GLY GLY A . n 
A 1 17  MET 17  17  17  MET MET A . n 
A 1 18  ASP 18  18  18  ASP ASP A . n 
A 1 19  GLY 19  19  19  GLY GLY A . n 
A 1 20  TYR 20  20  20  TYR TYR A . n 
A 1 21  ARG 21  21  21  ARG ARG A . n 
A 1 22  GLY 22  22  22  GLY GLY A . n 
A 1 23  ILE 23  23  23  ILE ILE A . n 
A 1 24  SER 24  24  24  SER SER A . n 
A 1 25  LEU 25  25  25  LEU LEU A . n 
A 1 26  ALA 26  26  26  ALA ALA A . n 
A 1 27  ASN 27  27  27  ASN ASN A . n 
A 1 28  TRP 28  28  28  TRP TRP A . n 
A 1 29  MET 29  29  29  MET MET A . n 
A 1 30  CYS 30  30  30  CYS CYS A . n 
A 1 31  LEU 31  31  31  LEU LEU A . n 
A 1 32  ALA 32  32  32  ALA ALA A . n 
A 1 33  LYS 33  33  33  LYS LYS A . n 
A 1 34  TRP 34  34  34  TRP TRP A . n 
A 1 35  GLU 35  35  35  GLU GLU A . n 
A 1 36  SER 36  36  36  SER SER A . n 
A 1 37  GLY 37  37  37  GLY GLY A . n 
A 1 38  TYR 38  38  38  TYR TYR A . n 
A 1 39  ASN 39  39  39  ASN ASN A . n 
A 1 40  THR 40  40  40  THR THR A . n 
A 1 41  ARG 41  41  41  ARG ARG A . n 
A 1 42  ALA 42  42  42  ALA ALA A . n 
A 1 43  THR 43  43  43  THR THR A . n 
A 1 44  ASN 44  44  44  ASN ASN A . n 
A 1 45  TYR 45  45  45  TYR TYR A . n 
A 1 46  ASN 46  46  46  ASN ASN A . n 
A 1 47  ALA 47  47  47  ALA ALA A . n 
A 1 48  GLY 48  48  48  GLY GLY A . n 
A 1 49  ASP 49  49  49  ASP ASP A . n 
A 1 50  ARG 50  50  50  ARG ARG A . n 
A 1 51  SER 51  51  51  SER SER A . n 
A 1 52  THR 52  52  52  THR THR A . n 
A 1 53  ASP 53  53  53  ASP ASP A . n 
A 1 54  TYR 54  54  54  TYR TYR A . n 
A 1 55  GLY 55  55  55  GLY GLY A . n 
A 1 56  ILE 56  56  56  ILE ILE A . n 
A 1 57  PHE 57  57  57  PHE PHE A . n 
A 1 58  GLN 58  58  58  GLN GLN A . n 
A 1 59  ILE 59  59  59  ILE ILE A . n 
A 1 60  ASN 60  60  60  ASN ASN A . n 
A 1 61  SER 61  61  61  SER SER A . n 
A 1 62  ARG 62  62  62  ARG ARG A . n 
A 1 63  TYR 63  63  63  TYR TYR A . n 
A 1 64  TRP 64  64  64  TRP TRP A . n 
A 1 65  CYS 65  65  65  CYS CYS A . n 
A 1 66  ASN 66  66  66  ASN ASN A . n 
A 1 67  ASP 67  67  67  ASP ASP A . n 
A 1 68  GLY 68  68  68  GLY GLY A . n 
A 1 69  LYS 69  69  69  LYS LYS A . n 
A 1 70  THR 70  70  70  THR THR A . n 
A 1 71  PRO 71  71  71  PRO PRO A . n 
A 1 72  GLY 72  72  72  GLY GLY A . n 
A 1 73  ALA 73  73  73  ALA ALA A . n 
A 1 74  VAL 74  74  74  VAL VAL A . n 
A 1 75  ASN 75  75  75  ASN ASN A . n 
A 1 76  ALA 76  76  76  ALA ALA A . n 
A 1 77  ALA 77  77  77  ALA ALA A . n 
A 1 78  HIS 78  78  78  HIS HIS A . n 
A 1 79  LEU 79  79  79  LEU LEU A . n 
A 1 80  SER 80  80  80  SER SER A . n 
A 1 81  CYS 81  81  81  CYS CYS A . n 
A 1 82  SER 82  82  82  SER SER A . n 
A 1 83  ALA 83  83  83  ALA ALA A . n 
A 1 84  LEU 84  84  84  LEU LEU A . n 
A 1 85  LEU 85  85  85  LEU LEU A . n 
A 1 86  GLN 86  86  86  GLN GLN A . n 
A 1 87  ASP 87  87  87  ASP ASP A . n 
A 1 88  ASN 88  88  88  ASN ASN A . n 
A 1 89  ILE 89  89  89  ILE ILE A . n 
A 1 90  ALA 90  90  90  ALA ALA A . n 
A 1 91  ASP 91  91  91  ASP ASP A . n 
A 1 92  ALA 92  92  92  ALA ALA A . n 
A 1 93  VAL 93  93  93  VAL VAL A . n 
A 1 94  ALA 94  94  94  ALA ALA A . n 
A 1 95  CYS 95  95  95  CYS CYS A . n 
A 1 96  ALA 96  96  96  ALA ALA A . n 
A 1 97  LYS 97  97  97  LYS LYS A . n 
A 1 98  ARG 98  98  98  ARG ARG A . n 
A 1 99  VAL 99  99  99  VAL VAL A . n 
A 1 100 VAL 100 100 100 VAL VAL A . n 
A 1 101 ARG 101 101 101 ARG ARG A . n 
A 1 102 ASP 102 102 102 ASP ASP A . n 
A 1 103 PRO 103 103 103 PRO PRO A . n 
A 1 104 GLN 104 104 104 GLN GLN A . n 
A 1 105 GLY 105 105 105 GLY GLY A . n 
A 1 106 ILE 106 106 106 ILE ILE A . n 
A 1 107 ARG 107 107 107 ARG ARG A . n 
A 1 108 ALA 108 108 108 ALA ALA A . n 
A 1 109 TRP 109 109 109 TRP TRP A . n 
A 1 110 VAL 110 110 110 VAL VAL A . n 
A 1 111 ALA 111 111 111 ALA ALA A . n 
A 1 112 TRP 112 112 112 TRP TRP A . n 
A 1 113 ARG 113 113 113 ARG ARG A . n 
A 1 114 ASN 114 114 114 ASN ASN A . n 
A 1 115 ARG 115 115 115 ARG ARG A . n 
A 1 116 CYS 116 116 116 CYS CYS A . n 
A 1 117 GLN 117 117 117 GLN GLN A . n 
A 1 118 ASN 118 118 118 ASN ASN A . n 
A 1 119 ARG 119 119 119 ARG ARG A . n 
A 1 120 ASP 120 120 120 ASP ASP A . n 
A 1 121 VAL 121 121 121 VAL VAL A . n 
A 1 122 ARG 122 122 122 ARG ARG A . n 
A 1 123 GLN 123 123 123 GLN GLN A . n 
A 1 124 TYR 124 124 124 TYR TYR A . n 
A 1 125 VAL 125 125 125 VAL VAL A . n 
A 1 126 GLN 126 126 126 GLN GLN A . n 
A 1 127 GLY 127 127 127 GLY GLY A . n 
A 1 128 CYS 128 128 128 CYS CYS A . n 
A 1 129 GLY 129 129 129 GLY GLY A . n 
A 1 130 VAL 130 130 130 VAL VAL A . n 
# 
loop_
_pdbx_nonpoly_scheme.asym_id 
_pdbx_nonpoly_scheme.entity_id 
_pdbx_nonpoly_scheme.mon_id 
_pdbx_nonpoly_scheme.ndb_seq_num 
_pdbx_nonpoly_scheme.pdb_seq_num 
_pdbx_nonpoly_scheme.auth_seq_num 
_pdbx_nonpoly_scheme.pdb_mon_id 
_pdbx_nonpoly_scheme.auth_mon_id 
_pdbx_nonpoly_scheme.pdb_strand_id 
_pdbx_nonpoly_scheme.pdb_ins_code 
B 2 CYS 1  200 200 CYS CYS A . 
C 3 HOH 1  213 213 HOH HOH A . 
C 3 HOH 2  214 214 HOH HOH A . 
C 3 HOH 3  215 215 HOH HOH A . 
C 3 HOH 4  216 216 HOH HOH A . 
C 3 HOH 5  217 217 HOH HOH A . 
C 3 HOH 6  218 218 HOH HOH A . 
C 3 HOH 7  219 219 HOH HOH A . 
C 3 HOH 8  220 220 HOH HOH A . 
C 3 HOH 9  221 221 HOH HOH A . 
C 3 HOH 10 222 222 HOH HOH A . 
C 3 HOH 11 223 223 HOH HOH A . 
C 3 HOH 12 224 224 HOH HOH A . 
C 3 HOH 13 225 225 HOH HOH A . 
C 3 HOH 14 226 226 HOH HOH A . 
C 3 HOH 15 227 227 HOH HOH A . 
C 3 HOH 16 228 228 HOH HOH A . 
C 3 HOH 17 229 229 HOH HOH A . 
C 3 HOH 18 230 230 HOH HOH A . 
C 3 HOH 19 231 231 HOH HOH A . 
C 3 HOH 20 232 232 HOH HOH A . 
C 3 HOH 21 233 233 HOH HOH A . 
C 3 HOH 22 234 234 HOH HOH A . 
C 3 HOH 23 235 235 HOH HOH A . 
C 3 HOH 24 236 236 HOH HOH A . 
C 3 HOH 25 237 237 HOH HOH A . 
C 3 HOH 26 238 238 HOH HOH A . 
C 3 HOH 27 239 239 HOH HOH A . 
C 3 HOH 28 240 240 HOH HOH A . 
C 3 HOH 29 241 241 HOH HOH A . 
C 3 HOH 30 242 242 HOH HOH A . 
C 3 HOH 31 243 243 HOH HOH A . 
C 3 HOH 32 244 244 HOH HOH A . 
C 3 HOH 33 245 245 HOH HOH A . 
C 3 HOH 34 246 246 HOH HOH A . 
C 3 HOH 35 247 247 HOH HOH A . 
C 3 HOH 36 248 248 HOH HOH A . 
C 3 HOH 37 249 249 HOH HOH A . 
C 3 HOH 38 250 250 HOH HOH A . 
C 3 HOH 39 251 251 HOH HOH A . 
C 3 HOH 40 252 252 HOH HOH A . 
# 
loop_
_software.name 
_software.classification 
_software.version 
_software.citation_id 
_software.pdbx_ordinal 
WELMS   'data collection' .   ? 1 
PROTEIN 'data reduction'  .   ? 2 
X-PLOR  'model building'  3.1 ? 3 
X-PLOR  refinement        3.1 ? 4 
WELMS   'data reduction'  .   ? 5 
PROTEIN 'data scaling'    .   ? 6 
X-PLOR  phasing           3.1 ? 7 
# 
_cell.entry_id           208L 
_cell.length_a           57.810 
_cell.length_b           61.040 
_cell.length_c           32.650 
_cell.angle_alpha        90.00 
_cell.angle_beta         90.00 
_cell.angle_gamma        90.00 
_cell.Z_PDB              4 
_cell.pdbx_unique_axis   ? 
# 
_symmetry.entry_id                         208L 
_symmetry.space_group_name_H-M             'P 21 21 21' 
_symmetry.pdbx_full_space_group_name_H-M   ? 
_symmetry.cell_setting                     ? 
_symmetry.Int_Tables_number                19 
# 
_exptl.entry_id          208L 
_exptl.method            'X-RAY DIFFRACTION' 
_exptl.crystals_number   1 
# 
_exptl_crystal.id                    1 
_exptl_crystal.density_meas          ? 
_exptl_crystal.density_Matthews      1.96 
_exptl_crystal.density_percent_sol   37.27 
_exptl_crystal.description           ? 
# 
_exptl_crystal_grow.crystal_id      1 
_exptl_crystal_grow.method          ? 
_exptl_crystal_grow.temp            ? 
_exptl_crystal_grow.temp_details    ? 
_exptl_crystal_grow.pH              6.0 
_exptl_crystal_grow.pdbx_pH_range   ? 
_exptl_crystal_grow.pdbx_details    'pH 6.0' 
# 
_diffrn.id                     1 
_diffrn.ambient_temp           280 
_diffrn.ambient_temp_details   ? 
_diffrn.crystal_id             1 
# 
_diffrn_detector.diffrn_id              1 
_diffrn_detector.detector               'IMAGE PLATE' 
_diffrn_detector.type                   MACSCIENCE 
_diffrn_detector.pdbx_collection_date   1993-02-01 
_diffrn_detector.details                MIRROR-MIRROR 
# 
_diffrn_radiation.diffrn_id                        1 
_diffrn_radiation.wavelength_id                    1 
_diffrn_radiation.pdbx_monochromatic_or_laue_m_l   M 
_diffrn_radiation.monochromator                    ? 
_diffrn_radiation.pdbx_diffrn_protocol             ? 
_diffrn_radiation.pdbx_scattering_type             x-ray 
# 
_diffrn_radiation_wavelength.id           1 
_diffrn_radiation_wavelength.wavelength   1.5418 
_diffrn_radiation_wavelength.wt           1.0 
# 
_diffrn_source.diffrn_id                   1 
_diffrn_source.source                      'ROTATING ANODE' 
_diffrn_source.type                        'MACSCIENCE M18X' 
_diffrn_source.pdbx_synchrotron_site       ? 
_diffrn_source.pdbx_synchrotron_beamline   ? 
_diffrn_source.pdbx_wavelength             1.5418 
_diffrn_source.pdbx_wavelength_list        ? 
# 
_reflns.entry_id                     208L 
_reflns.observed_criterion_sigma_I   2.0 
_reflns.observed_criterion_sigma_F   ? 
_reflns.d_resolution_low             100. 
_reflns.d_resolution_high            1.80 
_reflns.number_obs                   ? 
_reflns.number_all                   ? 
_reflns.percent_possible_obs         ? 
_reflns.pdbx_Rmerge_I_obs            ? 
_reflns.pdbx_Rsym_value              ? 
_reflns.pdbx_netI_over_sigmaI        ? 
_reflns.B_iso_Wilson_estimate        ? 
_reflns.pdbx_redundancy              ? 
_reflns.pdbx_diffrn_id               1 
_reflns.pdbx_ordinal                 1 
# 
_refine.entry_id                                 208L 
_refine.ls_number_reflns_obs                     4140 
_refine.ls_number_reflns_all                     ? 
_refine.pdbx_ls_sigma_I                          ? 
_refine.pdbx_ls_sigma_F                          2.0 
_refine.pdbx_data_cutoff_high_absF               ? 
_refine.pdbx_data_cutoff_low_absF                ? 
_refine.pdbx_data_cutoff_high_rms_absF           ? 
_refine.ls_d_res_low                             6.0 
_refine.ls_d_res_high                            2.2 
_refine.ls_percent_reflns_obs                    ? 
_refine.ls_R_factor_obs                          0.18 
_refine.ls_R_factor_all                          ? 
_refine.ls_R_factor_R_work                       0.18 
_refine.ls_R_factor_R_free                       ? 
_refine.ls_R_factor_R_free_error                 ? 
_refine.ls_R_factor_R_free_error_details         ? 
_refine.ls_percent_reflns_R_free                 ? 
_refine.ls_number_reflns_R_free                  ? 
_refine.ls_number_parameters                     ? 
_refine.ls_number_restraints                     ? 
_refine.occupancy_min                            ? 
_refine.occupancy_max                            ? 
_refine.B_iso_mean                               ? 
_refine.aniso_B[1][1]                            ? 
_refine.aniso_B[2][2]                            ? 
_refine.aniso_B[3][3]                            ? 
_refine.aniso_B[1][2]                            ? 
_refine.aniso_B[1][3]                            ? 
_refine.aniso_B[2][3]                            ? 
_refine.solvent_model_details                    ? 
_refine.solvent_model_param_ksol                 ? 
_refine.solvent_model_param_bsol                 ? 
_refine.pdbx_ls_cross_valid_method               ? 
_refine.details                                  ? 
_refine.pdbx_starting_model                      'NATIVE HUMAN LYSOZYME' 
_refine.pdbx_method_to_determine_struct          'MOLECULAR REPLACEMENT' 
_refine.pdbx_isotropic_thermal_model             ? 
_refine.pdbx_stereochemistry_target_values       ? 
_refine.pdbx_stereochem_target_val_spec_case     ? 
_refine.pdbx_R_Free_selection_details            ? 
_refine.pdbx_overall_ESU_R                       ? 
_refine.pdbx_overall_ESU_R_Free                  ? 
_refine.overall_SU_ML                            ? 
_refine.overall_SU_B                             ? 
_refine.pdbx_refine_id                           'X-RAY DIFFRACTION' 
_refine.pdbx_diffrn_id                           1 
_refine.pdbx_TLS_residual_ADP_flag               ? 
_refine.correlation_coeff_Fo_to_Fc               ? 
_refine.correlation_coeff_Fo_to_Fc_free          ? 
_refine.pdbx_solvent_vdw_probe_radii             ? 
_refine.pdbx_solvent_ion_probe_radii             ? 
_refine.pdbx_solvent_shrinkage_radii             ? 
_refine.pdbx_overall_phase_error                 ? 
_refine.overall_SU_R_Cruickshank_DPI             ? 
_refine.pdbx_overall_SU_R_free_Cruickshank_DPI   ? 
_refine.pdbx_overall_SU_R_Blow_DPI               ? 
_refine.pdbx_overall_SU_R_free_Blow_DPI          ? 
# 
_refine_hist.pdbx_refine_id                   'X-RAY DIFFRACTION' 
_refine_hist.cycle_id                         LAST 
_refine_hist.pdbx_number_atoms_protein        1035 
_refine_hist.pdbx_number_atoms_nucleic_acid   0 
_refine_hist.pdbx_number_atoms_ligand         0 
_refine_hist.number_atoms_solvent             40 
_refine_hist.number_atoms_total               1075 
_refine_hist.d_res_high                       2.2 
_refine_hist.d_res_low                        6.0 
# 
loop_
_refine_ls_restr.type 
_refine_ls_restr.dev_ideal 
_refine_ls_restr.dev_ideal_target 
_refine_ls_restr.weight 
_refine_ls_restr.number 
_refine_ls_restr.pdbx_refine_id 
_refine_ls_restr.pdbx_restraint_function 
x_bond_d                0.013 ? ? ? 'X-RAY DIFFRACTION' ? 
x_bond_d_na             ?     ? ? ? 'X-RAY DIFFRACTION' ? 
x_bond_d_prot           ?     ? ? ? 'X-RAY DIFFRACTION' ? 
x_angle_d               ?     ? ? ? 'X-RAY DIFFRACTION' ? 
x_angle_d_na            ?     ? ? ? 'X-RAY DIFFRACTION' ? 
x_angle_d_prot          ?     ? ? ? 'X-RAY DIFFRACTION' ? 
x_angle_deg             ?     ? ? ? 'X-RAY DIFFRACTION' ? 
x_angle_deg_na          ?     ? ? ? 'X-RAY DIFFRACTION' ? 
x_angle_deg_prot        ?     ? ? ? 'X-RAY DIFFRACTION' ? 
x_dihedral_angle_d      ?     ? ? ? 'X-RAY DIFFRACTION' ? 
x_dihedral_angle_d_na   ?     ? ? ? 'X-RAY DIFFRACTION' ? 
x_dihedral_angle_d_prot ?     ? ? ? 'X-RAY DIFFRACTION' ? 
x_improper_angle_d      ?     ? ? ? 'X-RAY DIFFRACTION' ? 
x_improper_angle_d_na   ?     ? ? ? 'X-RAY DIFFRACTION' ? 
x_improper_angle_d_prot ?     ? ? ? 'X-RAY DIFFRACTION' ? 
x_mcbond_it             ?     ? ? ? 'X-RAY DIFFRACTION' ? 
x_mcangle_it            ?     ? ? ? 'X-RAY DIFFRACTION' ? 
x_scbond_it             ?     ? ? ? 'X-RAY DIFFRACTION' ? 
x_scangle_it            ?     ? ? ? 'X-RAY DIFFRACTION' ? 
# 
loop_
_pdbx_xplor_file.serial_no 
_pdbx_xplor_file.param_file 
_pdbx_xplor_file.topol_file 
_pdbx_xplor_file.pdbx_refine_id 
1 PARHCSDX.PRO TOPHCSDX-NEW.PRO 'X-RAY DIFFRACTION' 
2 ?            TOPH19.PEP       'X-RAY DIFFRACTION' 
# 
_struct.entry_id                  208L 
_struct.title                     'MUTANT HUMAN LYSOZYME C77A' 
_struct.pdbx_model_details        ? 
_struct.pdbx_CASP_flag            ? 
_struct.pdbx_model_type_details   ? 
# 
_struct_keywords.entry_id        208L 
_struct_keywords.pdbx_keywords   'COMPLEX (HYDROLASE (O-GLYCOSYL)/CYS)' 
_struct_keywords.text            
'COMPLEX (HYDROLASE (O-GLYCOSYL)-CYS), MUTANT HUMAN LYSOZYME, HYDROLASE, COMPLEX (HYDROLASE (O-GLYCOSYL)-CYS) complex' 
# 
loop_
_struct_asym.id 
_struct_asym.pdbx_blank_PDB_chainid_flag 
_struct_asym.pdbx_modified 
_struct_asym.entity_id 
_struct_asym.details 
A N N 1 ? 
B N N 2 ? 
C N N 3 ? 
# 
_struct_ref.id                         1 
_struct_ref.db_name                    UNP 
_struct_ref.db_code                    LYC_HUMAN 
_struct_ref.entity_id                  1 
_struct_ref.pdbx_db_accession          P00695 
_struct_ref.pdbx_align_begin           1 
_struct_ref.pdbx_seq_one_letter_code   
;MKALIVLGLVLLSVTVQGKVFERCELARTLKRLGMDGYRGISLANWMCLAKWESGYNTRATNYNAGDRSTDYGIFQINSR
YWCNDGKTPGAVNACHLSCSALLQDNIADAVACAKRVVRDPQGIRAWVAWRNRCQNRDVRQYVQGCGV
;
_struct_ref.pdbx_db_isoform            ? 
# 
_struct_ref_seq.align_id                      1 
_struct_ref_seq.ref_id                        1 
_struct_ref_seq.pdbx_PDB_id_code              208L 
_struct_ref_seq.pdbx_strand_id                A 
_struct_ref_seq.seq_align_beg                 1 
_struct_ref_seq.pdbx_seq_align_beg_ins_code   ? 
_struct_ref_seq.seq_align_end                 130 
_struct_ref_seq.pdbx_seq_align_end_ins_code   ? 
_struct_ref_seq.pdbx_db_accession             P00695 
_struct_ref_seq.db_align_beg                  19 
_struct_ref_seq.pdbx_db_align_beg_ins_code    ? 
_struct_ref_seq.db_align_end                  148 
_struct_ref_seq.pdbx_db_align_end_ins_code    ? 
_struct_ref_seq.pdbx_auth_seq_align_beg       1 
_struct_ref_seq.pdbx_auth_seq_align_end       130 
# 
_struct_ref_seq_dif.align_id                     1 
_struct_ref_seq_dif.pdbx_pdb_id_code             208L 
_struct_ref_seq_dif.mon_id                       ALA 
_struct_ref_seq_dif.pdbx_pdb_strand_id           A 
_struct_ref_seq_dif.seq_num                      77 
_struct_ref_seq_dif.pdbx_pdb_ins_code            ? 
_struct_ref_seq_dif.pdbx_seq_db_name             UNP 
_struct_ref_seq_dif.pdbx_seq_db_accession_code   P00695 
_struct_ref_seq_dif.db_mon_id                    CYS 
_struct_ref_seq_dif.pdbx_seq_db_seq_num          95 
_struct_ref_seq_dif.details                      'engineered mutation' 
_struct_ref_seq_dif.pdbx_auth_seq_num            77 
_struct_ref_seq_dif.pdbx_ordinal                 1 
# 
_pdbx_struct_assembly.id                   1 
_pdbx_struct_assembly.details              author_and_software_defined_assembly 
_pdbx_struct_assembly.method_details       PISA 
_pdbx_struct_assembly.oligomeric_details   monomeric 
_pdbx_struct_assembly.oligomeric_count     1 
# 
_pdbx_struct_assembly_gen.assembly_id       1 
_pdbx_struct_assembly_gen.oper_expression   1 
_pdbx_struct_assembly_gen.asym_id_list      A,B,C 
# 
_pdbx_struct_oper_list.id                   1 
_pdbx_struct_oper_list.type                 'identity operation' 
_pdbx_struct_oper_list.name                 1_555 
_pdbx_struct_oper_list.symmetry_operation   x,y,z 
_pdbx_struct_oper_list.matrix[1][1]         1.0000000000 
_pdbx_struct_oper_list.matrix[1][2]         0.0000000000 
_pdbx_struct_oper_list.matrix[1][3]         0.0000000000 
_pdbx_struct_oper_list.vector[1]            0.0000000000 
_pdbx_struct_oper_list.matrix[2][1]         0.0000000000 
_pdbx_struct_oper_list.matrix[2][2]         1.0000000000 
_pdbx_struct_oper_list.matrix[2][3]         0.0000000000 
_pdbx_struct_oper_list.vector[2]            0.0000000000 
_pdbx_struct_oper_list.matrix[3][1]         0.0000000000 
_pdbx_struct_oper_list.matrix[3][2]         0.0000000000 
_pdbx_struct_oper_list.matrix[3][3]         1.0000000000 
_pdbx_struct_oper_list.vector[3]            0.0000000000 
# 
_struct_biol.id   1 
# 
loop_
_struct_conf.conf_type_id 
_struct_conf.id 
_struct_conf.pdbx_PDB_helix_id 
_struct_conf.beg_label_comp_id 
_struct_conf.beg_label_asym_id 
_struct_conf.beg_label_seq_id 
_struct_conf.pdbx_beg_PDB_ins_code 
_struct_conf.end_label_comp_id 
_struct_conf.end_label_asym_id 
_struct_conf.end_label_seq_id 
_struct_conf.pdbx_end_PDB_ins_code 
_struct_conf.beg_auth_comp_id 
_struct_conf.beg_auth_asym_id 
_struct_conf.beg_auth_seq_id 
_struct_conf.end_auth_comp_id 
_struct_conf.end_auth_asym_id 
_struct_conf.end_auth_seq_id 
_struct_conf.pdbx_PDB_helix_class 
_struct_conf.details 
_struct_conf.pdbx_PDB_helix_length 
HELX_P HELX_P1 1 ARG A 5   ? ARG A 14  ? ARG A 5   ARG A 14  1 ? 10 
HELX_P HELX_P2 2 TYR A 20  ? GLY A 22  ? TYR A 20  GLY A 22  5 ? 3  
HELX_P HELX_P3 3 LEU A 25  ? SER A 36  ? LEU A 25  SER A 36  1 ? 12 
HELX_P HELX_P4 4 CYS A 81  ? LEU A 85  ? CYS A 81  LEU A 85  5 ? 5  
HELX_P HELX_P5 5 ALA A 90  ? ARG A 101 ? ALA A 90  ARG A 101 1 ? 12 
HELX_P HELX_P6 6 GLY A 105 ? ALA A 108 ? GLY A 105 ALA A 108 5 ? 4  
HELX_P HELX_P7 7 VAL A 110 ? ARG A 115 ? VAL A 110 ARG A 115 1 ? 6  
HELX_P HELX_P8 8 ARG A 122 ? TYR A 124 ? ARG A 122 TYR A 124 5 ? 3  
# 
_struct_conf_type.id          HELX_P 
_struct_conf_type.criteria    ? 
_struct_conf_type.reference   ? 
# 
loop_
_struct_conn.id 
_struct_conn.conn_type_id 
_struct_conn.pdbx_leaving_atom_flag 
_struct_conn.pdbx_PDB_id 
_struct_conn.ptnr1_label_asym_id 
_struct_conn.ptnr1_label_comp_id 
_struct_conn.ptnr1_label_seq_id 
_struct_conn.ptnr1_label_atom_id 
_struct_conn.pdbx_ptnr1_label_alt_id 
_struct_conn.pdbx_ptnr1_PDB_ins_code 
_struct_conn.pdbx_ptnr1_standard_comp_id 
_struct_conn.ptnr1_symmetry 
_struct_conn.ptnr2_label_asym_id 
_struct_conn.ptnr2_label_comp_id 
_struct_conn.ptnr2_label_seq_id 
_struct_conn.ptnr2_label_atom_id 
_struct_conn.pdbx_ptnr2_label_alt_id 
_struct_conn.pdbx_ptnr2_PDB_ins_code 
_struct_conn.ptnr1_auth_asym_id 
_struct_conn.ptnr1_auth_comp_id 
_struct_conn.ptnr1_auth_seq_id 
_struct_conn.ptnr2_auth_asym_id 
_struct_conn.ptnr2_auth_comp_id 
_struct_conn.ptnr2_auth_seq_id 
_struct_conn.ptnr2_symmetry 
_struct_conn.pdbx_ptnr3_label_atom_id 
_struct_conn.pdbx_ptnr3_label_seq_id 
_struct_conn.pdbx_ptnr3_label_comp_id 
_struct_conn.pdbx_ptnr3_label_asym_id 
_struct_conn.pdbx_ptnr3_label_alt_id 
_struct_conn.pdbx_ptnr3_PDB_ins_code 
_struct_conn.details 
_struct_conn.pdbx_dist_value 
_struct_conn.pdbx_value_order 
_struct_conn.pdbx_role 
disulf1 disulf ? ? A CYS 6  SG ? ? ? 1_555 A CYS 128 SG ? ? A CYS 6  A CYS 128 1_555 ? ? ? ? ? ? ? 2.044 ? ? 
disulf2 disulf ? ? A CYS 30 SG ? ? ? 1_555 A CYS 116 SG ? ? A CYS 30 A CYS 116 1_555 ? ? ? ? ? ? ? 2.023 ? ? 
disulf3 disulf ? ? A CYS 65 SG ? ? ? 1_555 A CYS 81  SG ? ? A CYS 65 A CYS 81  1_555 ? ? ? ? ? ? ? 2.051 ? ? 
disulf4 disulf ? ? A CYS 95 SG ? ? ? 1_555 B CYS .   SG ? ? A CYS 95 A CYS 200 1_555 ? ? ? ? ? ? ? 2.027 ? ? 
# 
_struct_conn_type.id          disulf 
_struct_conn_type.criteria    ? 
_struct_conn_type.reference   ? 
# 
loop_
_pdbx_modification_feature.ordinal 
_pdbx_modification_feature.label_comp_id 
_pdbx_modification_feature.label_asym_id 
_pdbx_modification_feature.label_seq_id 
_pdbx_modification_feature.label_alt_id 
_pdbx_modification_feature.modified_residue_label_comp_id 
_pdbx_modification_feature.modified_residue_label_asym_id 
_pdbx_modification_feature.modified_residue_label_seq_id 
_pdbx_modification_feature.modified_residue_label_alt_id 
_pdbx_modification_feature.auth_comp_id 
_pdbx_modification_feature.auth_asym_id 
_pdbx_modification_feature.auth_seq_id 
_pdbx_modification_feature.PDB_ins_code 
_pdbx_modification_feature.symmetry 
_pdbx_modification_feature.modified_residue_auth_comp_id 
_pdbx_modification_feature.modified_residue_auth_asym_id 
_pdbx_modification_feature.modified_residue_auth_seq_id 
_pdbx_modification_feature.modified_residue_PDB_ins_code 
_pdbx_modification_feature.modified_residue_symmetry 
_pdbx_modification_feature.comp_id_linking_atom 
_pdbx_modification_feature.modified_residue_id_linking_atom 
_pdbx_modification_feature.modified_residue_id 
_pdbx_modification_feature.ref_pcm_id 
_pdbx_modification_feature.ref_comp_id 
_pdbx_modification_feature.type 
_pdbx_modification_feature.category 
1 CYS A 6  ? CYS A 128 ? CYS A 6   ? 1_555 CYS A 128 ? 1_555 SG SG . . . None 'Disulfide bridge' 
2 CYS A 30 ? CYS A 116 ? CYS A 30  ? 1_555 CYS A 116 ? 1_555 SG SG . . . None 'Disulfide bridge' 
3 CYS A 65 ? CYS A 81  ? CYS A 65  ? 1_555 CYS A 81  ? 1_555 SG SG . . . None 'Disulfide bridge' 
4 CYS B .  ? CYS A 95  ? CYS A 200 ? 1_555 CYS A 95  ? 1_555 SG SG . . . None 'Disulfide bridge' 
# 
loop_
_struct_sheet.id 
_struct_sheet.type 
_struct_sheet.number_strands 
_struct_sheet.details 
S1 ? 2 ? 
S2 ? 3 ? 
# 
loop_
_struct_sheet_order.sheet_id 
_struct_sheet_order.range_id_1 
_struct_sheet_order.range_id_2 
_struct_sheet_order.offset 
_struct_sheet_order.sense 
S1 1 2 ? anti-parallel 
S2 1 2 ? anti-parallel 
S2 2 3 ? anti-parallel 
# 
loop_
_struct_sheet_range.sheet_id 
_struct_sheet_range.id 
_struct_sheet_range.beg_label_comp_id 
_struct_sheet_range.beg_label_asym_id 
_struct_sheet_range.beg_label_seq_id 
_struct_sheet_range.pdbx_beg_PDB_ins_code 
_struct_sheet_range.end_label_comp_id 
_struct_sheet_range.end_label_asym_id 
_struct_sheet_range.end_label_seq_id 
_struct_sheet_range.pdbx_end_PDB_ins_code 
_struct_sheet_range.beg_auth_comp_id 
_struct_sheet_range.beg_auth_asym_id 
_struct_sheet_range.beg_auth_seq_id 
_struct_sheet_range.end_auth_comp_id 
_struct_sheet_range.end_auth_asym_id 
_struct_sheet_range.end_auth_seq_id 
S1 1 LYS A 1  ? PHE A 3  ? LYS A 1  PHE A 3  
S1 2 TYR A 38 ? THR A 40 ? TYR A 38 THR A 40 
S2 1 ALA A 42 ? ASN A 46 ? ALA A 42 ASN A 46 
S2 2 SER A 51 ? GLY A 55 ? SER A 51 GLY A 55 
S2 3 ILE A 59 ? SER A 61 ? ILE A 59 SER A 61 
# 
_struct_site.id                   AC1 
_struct_site.pdbx_evidence_code   Software 
_struct_site.pdbx_auth_asym_id    A 
_struct_site.pdbx_auth_comp_id    CYS 
_struct_site.pdbx_auth_seq_id     200 
_struct_site.pdbx_auth_ins_code   ? 
_struct_site.pdbx_num_residues    4 
_struct_site.details              'BINDING SITE FOR RESIDUE CYS A 200' 
# 
loop_
_struct_site_gen.id 
_struct_site_gen.site_id 
_struct_site_gen.pdbx_num_res 
_struct_site_gen.label_comp_id 
_struct_site_gen.label_asym_id 
_struct_site_gen.label_seq_id 
_struct_site_gen.pdbx_auth_ins_code 
_struct_site_gen.auth_comp_id 
_struct_site_gen.auth_asym_id 
_struct_site_gen.auth_seq_id 
_struct_site_gen.label_atom_id 
_struct_site_gen.label_alt_id 
_struct_site_gen.symmetry 
_struct_site_gen.details 
1 AC1 4 TRP A 64 ? TRP A 64 . ? 1_555 ? 
2 AC1 4 HIS A 78 ? HIS A 78 . ? 1_555 ? 
3 AC1 4 LEU A 79 ? LEU A 79 . ? 1_555 ? 
4 AC1 4 CYS A 95 ? CYS A 95 . ? 1_555 ? 
# 
_pdbx_entry_details.entry_id                   208L 
_pdbx_entry_details.compound_details           ? 
_pdbx_entry_details.source_details             ? 
_pdbx_entry_details.nonpolymer_details         ? 
_pdbx_entry_details.sequence_details           ? 
_pdbx_entry_details.has_ligand_of_interest     ? 
_pdbx_entry_details.has_protein_modification   Y 
# 
loop_
_pdbx_validate_torsion.id 
_pdbx_validate_torsion.PDB_model_num 
_pdbx_validate_torsion.auth_comp_id 
_pdbx_validate_torsion.auth_asym_id 
_pdbx_validate_torsion.auth_seq_id 
_pdbx_validate_torsion.PDB_ins_code 
_pdbx_validate_torsion.label_alt_id 
_pdbx_validate_torsion.phi 
_pdbx_validate_torsion.psi 
1 1 TYR A 38  ? ? 80.35   24.61   
2 1 ALA A 42  ? ? -33.29  116.05  
3 1 ASN A 46  ? ? -118.38 70.45   
4 1 ALA A 47  ? ? -29.22  -43.01  
5 1 HIS A 78  ? ? -74.58  -159.34 
6 1 ARG A 107 ? ? -58.86  -7.03   
# 
loop_
_chem_comp_atom.comp_id 
_chem_comp_atom.atom_id 
_chem_comp_atom.type_symbol 
_chem_comp_atom.pdbx_aromatic_flag 
_chem_comp_atom.pdbx_stereo_config 
_chem_comp_atom.pdbx_ordinal 
ALA N    N N N 1   
ALA CA   C N S 2   
ALA C    C N N 3   
ALA O    O N N 4   
ALA CB   C N N 5   
ALA OXT  O N N 6   
ALA H    H N N 7   
ALA H2   H N N 8   
ALA HA   H N N 9   
ALA HB1  H N N 10  
ALA HB2  H N N 11  
ALA HB3  H N N 12  
ALA HXT  H N N 13  
ARG N    N N N 14  
ARG CA   C N S 15  
ARG C    C N N 16  
ARG O    O N N 17  
ARG CB   C N N 18  
ARG CG   C N N 19  
ARG CD   C N N 20  
ARG NE   N N N 21  
ARG CZ   C N N 22  
ARG NH1  N N N 23  
ARG NH2  N N N 24  
ARG OXT  O N N 25  
ARG H    H N N 26  
ARG H2   H N N 27  
ARG HA   H N N 28  
ARG HB2  H N N 29  
ARG HB3  H N N 30  
ARG HG2  H N N 31  
ARG HG3  H N N 32  
ARG HD2  H N N 33  
ARG HD3  H N N 34  
ARG HE   H N N 35  
ARG HH11 H N N 36  
ARG HH12 H N N 37  
ARG HH21 H N N 38  
ARG HH22 H N N 39  
ARG HXT  H N N 40  
ASN N    N N N 41  
ASN CA   C N S 42  
ASN C    C N N 43  
ASN O    O N N 44  
ASN CB   C N N 45  
ASN CG   C N N 46  
ASN OD1  O N N 47  
ASN ND2  N N N 48  
ASN OXT  O N N 49  
ASN H    H N N 50  
ASN H2   H N N 51  
ASN HA   H N N 52  
ASN HB2  H N N 53  
ASN HB3  H N N 54  
ASN HD21 H N N 55  
ASN HD22 H N N 56  
ASN HXT  H N N 57  
ASP N    N N N 58  
ASP CA   C N S 59  
ASP C    C N N 60  
ASP O    O N N 61  
ASP CB   C N N 62  
ASP CG   C N N 63  
ASP OD1  O N N 64  
ASP OD2  O N N 65  
ASP OXT  O N N 66  
ASP H    H N N 67  
ASP H2   H N N 68  
ASP HA   H N N 69  
ASP HB2  H N N 70  
ASP HB3  H N N 71  
ASP HD2  H N N 72  
ASP HXT  H N N 73  
CYS N    N N N 74  
CYS CA   C N R 75  
CYS C    C N N 76  
CYS O    O N N 77  
CYS CB   C N N 78  
CYS SG   S N N 79  
CYS OXT  O N N 80  
CYS H    H N N 81  
CYS H2   H N N 82  
CYS HA   H N N 83  
CYS HB2  H N N 84  
CYS HB3  H N N 85  
CYS HG   H N N 86  
CYS HXT  H N N 87  
GLN N    N N N 88  
GLN CA   C N S 89  
GLN C    C N N 90  
GLN O    O N N 91  
GLN CB   C N N 92  
GLN CG   C N N 93  
GLN CD   C N N 94  
GLN OE1  O N N 95  
GLN NE2  N N N 96  
GLN OXT  O N N 97  
GLN H    H N N 98  
GLN H2   H N N 99  
GLN HA   H N N 100 
GLN HB2  H N N 101 
GLN HB3  H N N 102 
GLN HG2  H N N 103 
GLN HG3  H N N 104 
GLN HE21 H N N 105 
GLN HE22 H N N 106 
GLN HXT  H N N 107 
GLU N    N N N 108 
GLU CA   C N S 109 
GLU C    C N N 110 
GLU O    O N N 111 
GLU CB   C N N 112 
GLU CG   C N N 113 
GLU CD   C N N 114 
GLU OE1  O N N 115 
GLU OE2  O N N 116 
GLU OXT  O N N 117 
GLU H    H N N 118 
GLU H2   H N N 119 
GLU HA   H N N 120 
GLU HB2  H N N 121 
GLU HB3  H N N 122 
GLU HG2  H N N 123 
GLU HG3  H N N 124 
GLU HE2  H N N 125 
GLU HXT  H N N 126 
GLY N    N N N 127 
GLY CA   C N N 128 
GLY C    C N N 129 
GLY O    O N N 130 
GLY OXT  O N N 131 
GLY H    H N N 132 
GLY H2   H N N 133 
GLY HA2  H N N 134 
GLY HA3  H N N 135 
GLY HXT  H N N 136 
HIS N    N N N 137 
HIS CA   C N S 138 
HIS C    C N N 139 
HIS O    O N N 140 
HIS CB   C N N 141 
HIS CG   C Y N 142 
HIS ND1  N Y N 143 
HIS CD2  C Y N 144 
HIS CE1  C Y N 145 
HIS NE2  N Y N 146 
HIS OXT  O N N 147 
HIS H    H N N 148 
HIS H2   H N N 149 
HIS HA   H N N 150 
HIS HB2  H N N 151 
HIS HB3  H N N 152 
HIS HD1  H N N 153 
HIS HD2  H N N 154 
HIS HE1  H N N 155 
HIS HE2  H N N 156 
HIS HXT  H N N 157 
HOH O    O N N 158 
HOH H1   H N N 159 
HOH H2   H N N 160 
ILE N    N N N 161 
ILE CA   C N S 162 
ILE C    C N N 163 
ILE O    O N N 164 
ILE CB   C N S 165 
ILE CG1  C N N 166 
ILE CG2  C N N 167 
ILE CD1  C N N 168 
ILE OXT  O N N 169 
ILE H    H N N 170 
ILE H2   H N N 171 
ILE HA   H N N 172 
ILE HB   H N N 173 
ILE HG12 H N N 174 
ILE HG13 H N N 175 
ILE HG21 H N N 176 
ILE HG22 H N N 177 
ILE HG23 H N N 178 
ILE HD11 H N N 179 
ILE HD12 H N N 180 
ILE HD13 H N N 181 
ILE HXT  H N N 182 
LEU N    N N N 183 
LEU CA   C N S 184 
LEU C    C N N 185 
LEU O    O N N 186 
LEU CB   C N N 187 
LEU CG   C N N 188 
LEU CD1  C N N 189 
LEU CD2  C N N 190 
LEU OXT  O N N 191 
LEU H    H N N 192 
LEU H2   H N N 193 
LEU HA   H N N 194 
LEU HB2  H N N 195 
LEU HB3  H N N 196 
LEU HG   H N N 197 
LEU HD11 H N N 198 
LEU HD12 H N N 199 
LEU HD13 H N N 200 
LEU HD21 H N N 201 
LEU HD22 H N N 202 
LEU HD23 H N N 203 
LEU HXT  H N N 204 
LYS N    N N N 205 
LYS CA   C N S 206 
LYS C    C N N 207 
LYS O    O N N 208 
LYS CB   C N N 209 
LYS CG   C N N 210 
LYS CD   C N N 211 
LYS CE   C N N 212 
LYS NZ   N N N 213 
LYS OXT  O N N 214 
LYS H    H N N 215 
LYS H2   H N N 216 
LYS HA   H N N 217 
LYS HB2  H N N 218 
LYS HB3  H N N 219 
LYS HG2  H N N 220 
LYS HG3  H N N 221 
LYS HD2  H N N 222 
LYS HD3  H N N 223 
LYS HE2  H N N 224 
LYS HE3  H N N 225 
LYS HZ1  H N N 226 
LYS HZ2  H N N 227 
LYS HZ3  H N N 228 
LYS HXT  H N N 229 
MET N    N N N 230 
MET CA   C N S 231 
MET C    C N N 232 
MET O    O N N 233 
MET CB   C N N 234 
MET CG   C N N 235 
MET SD   S N N 236 
MET CE   C N N 237 
MET OXT  O N N 238 
MET H    H N N 239 
MET H2   H N N 240 
MET HA   H N N 241 
MET HB2  H N N 242 
MET HB3  H N N 243 
MET HG2  H N N 244 
MET HG3  H N N 245 
MET HE1  H N N 246 
MET HE2  H N N 247 
MET HE3  H N N 248 
MET HXT  H N N 249 
PHE N    N N N 250 
PHE CA   C N S 251 
PHE C    C N N 252 
PHE O    O N N 253 
PHE CB   C N N 254 
PHE CG   C Y N 255 
PHE CD1  C Y N 256 
PHE CD2  C Y N 257 
PHE CE1  C Y N 258 
PHE CE2  C Y N 259 
PHE CZ   C Y N 260 
PHE OXT  O N N 261 
PHE H    H N N 262 
PHE H2   H N N 263 
PHE HA   H N N 264 
PHE HB2  H N N 265 
PHE HB3  H N N 266 
PHE HD1  H N N 267 
PHE HD2  H N N 268 
PHE HE1  H N N 269 
PHE HE2  H N N 270 
PHE HZ   H N N 271 
PHE HXT  H N N 272 
PRO N    N N N 273 
PRO CA   C N S 274 
PRO C    C N N 275 
PRO O    O N N 276 
PRO CB   C N N 277 
PRO CG   C N N 278 
PRO CD   C N N 279 
PRO OXT  O N N 280 
PRO H    H N N 281 
PRO HA   H N N 282 
PRO HB2  H N N 283 
PRO HB3  H N N 284 
PRO HG2  H N N 285 
PRO HG3  H N N 286 
PRO HD2  H N N 287 
PRO HD3  H N N 288 
PRO HXT  H N N 289 
SER N    N N N 290 
SER CA   C N S 291 
SER C    C N N 292 
SER O    O N N 293 
SER CB   C N N 294 
SER OG   O N N 295 
SER OXT  O N N 296 
SER H    H N N 297 
SER H2   H N N 298 
SER HA   H N N 299 
SER HB2  H N N 300 
SER HB3  H N N 301 
SER HG   H N N 302 
SER HXT  H N N 303 
THR N    N N N 304 
THR CA   C N S 305 
THR C    C N N 306 
THR O    O N N 307 
THR CB   C N R 308 
THR OG1  O N N 309 
THR CG2  C N N 310 
THR OXT  O N N 311 
THR H    H N N 312 
THR H2   H N N 313 
THR HA   H N N 314 
THR HB   H N N 315 
THR HG1  H N N 316 
THR HG21 H N N 317 
THR HG22 H N N 318 
THR HG23 H N N 319 
THR HXT  H N N 320 
TRP N    N N N 321 
TRP CA   C N S 322 
TRP C    C N N 323 
TRP O    O N N 324 
TRP CB   C N N 325 
TRP CG   C Y N 326 
TRP CD1  C Y N 327 
TRP CD2  C Y N 328 
TRP NE1  N Y N 329 
TRP CE2  C Y N 330 
TRP CE3  C Y N 331 
TRP CZ2  C Y N 332 
TRP CZ3  C Y N 333 
TRP CH2  C Y N 334 
TRP OXT  O N N 335 
TRP H    H N N 336 
TRP H2   H N N 337 
TRP HA   H N N 338 
TRP HB2  H N N 339 
TRP HB3  H N N 340 
TRP HD1  H N N 341 
TRP HE1  H N N 342 
TRP HE3  H N N 343 
TRP HZ2  H N N 344 
TRP HZ3  H N N 345 
TRP HH2  H N N 346 
TRP HXT  H N N 347 
TYR N    N N N 348 
TYR CA   C N S 349 
TYR C    C N N 350 
TYR O    O N N 351 
TYR CB   C N N 352 
TYR CG   C Y N 353 
TYR CD1  C Y N 354 
TYR CD2  C Y N 355 
TYR CE1  C Y N 356 
TYR CE2  C Y N 357 
TYR CZ   C Y N 358 
TYR OH   O N N 359 
TYR OXT  O N N 360 
TYR H    H N N 361 
TYR H2   H N N 362 
TYR HA   H N N 363 
TYR HB2  H N N 364 
TYR HB3  H N N 365 
TYR HD1  H N N 366 
TYR HD2  H N N 367 
TYR HE1  H N N 368 
TYR HE2  H N N 369 
TYR HH   H N N 370 
TYR HXT  H N N 371 
VAL N    N N N 372 
VAL CA   C N S 373 
VAL C    C N N 374 
VAL O    O N N 375 
VAL CB   C N N 376 
VAL CG1  C N N 377 
VAL CG2  C N N 378 
VAL OXT  O N N 379 
VAL H    H N N 380 
VAL H2   H N N 381 
VAL HA   H N N 382 
VAL HB   H N N 383 
VAL HG11 H N N 384 
VAL HG12 H N N 385 
VAL HG13 H N N 386 
VAL HG21 H N N 387 
VAL HG22 H N N 388 
VAL HG23 H N N 389 
VAL HXT  H N N 390 
# 
loop_
_chem_comp_bond.comp_id 
_chem_comp_bond.atom_id_1 
_chem_comp_bond.atom_id_2 
_chem_comp_bond.value_order 
_chem_comp_bond.pdbx_aromatic_flag 
_chem_comp_bond.pdbx_stereo_config 
_chem_comp_bond.pdbx_ordinal 
ALA N   CA   sing N N 1   
ALA N   H    sing N N 2   
ALA N   H2   sing N N 3   
ALA CA  C    sing N N 4   
ALA CA  CB   sing N N 5   
ALA CA  HA   sing N N 6   
ALA C   O    doub N N 7   
ALA C   OXT  sing N N 8   
ALA CB  HB1  sing N N 9   
ALA CB  HB2  sing N N 10  
ALA CB  HB3  sing N N 11  
ALA OXT HXT  sing N N 12  
ARG N   CA   sing N N 13  
ARG N   H    sing N N 14  
ARG N   H2   sing N N 15  
ARG CA  C    sing N N 16  
ARG CA  CB   sing N N 17  
ARG CA  HA   sing N N 18  
ARG C   O    doub N N 19  
ARG C   OXT  sing N N 20  
ARG CB  CG   sing N N 21  
ARG CB  HB2  sing N N 22  
ARG CB  HB3  sing N N 23  
ARG CG  CD   sing N N 24  
ARG CG  HG2  sing N N 25  
ARG CG  HG3  sing N N 26  
ARG CD  NE   sing N N 27  
ARG CD  HD2  sing N N 28  
ARG CD  HD3  sing N N 29  
ARG NE  CZ   sing N N 30  
ARG NE  HE   sing N N 31  
ARG CZ  NH1  sing N N 32  
ARG CZ  NH2  doub N N 33  
ARG NH1 HH11 sing N N 34  
ARG NH1 HH12 sing N N 35  
ARG NH2 HH21 sing N N 36  
ARG NH2 HH22 sing N N 37  
ARG OXT HXT  sing N N 38  
ASN N   CA   sing N N 39  
ASN N   H    sing N N 40  
ASN N   H2   sing N N 41  
ASN CA  C    sing N N 42  
ASN CA  CB   sing N N 43  
ASN CA  HA   sing N N 44  
ASN C   O    doub N N 45  
ASN C   OXT  sing N N 46  
ASN CB  CG   sing N N 47  
ASN CB  HB2  sing N N 48  
ASN CB  HB3  sing N N 49  
ASN CG  OD1  doub N N 50  
ASN CG  ND2  sing N N 51  
ASN ND2 HD21 sing N N 52  
ASN ND2 HD22 sing N N 53  
ASN OXT HXT  sing N N 54  
ASP N   CA   sing N N 55  
ASP N   H    sing N N 56  
ASP N   H2   sing N N 57  
ASP CA  C    sing N N 58  
ASP CA  CB   sing N N 59  
ASP CA  HA   sing N N 60  
ASP C   O    doub N N 61  
ASP C   OXT  sing N N 62  
ASP CB  CG   sing N N 63  
ASP CB  HB2  sing N N 64  
ASP CB  HB3  sing N N 65  
ASP CG  OD1  doub N N 66  
ASP CG  OD2  sing N N 67  
ASP OD2 HD2  sing N N 68  
ASP OXT HXT  sing N N 69  
CYS N   CA   sing N N 70  
CYS N   H    sing N N 71  
CYS N   H2   sing N N 72  
CYS CA  C    sing N N 73  
CYS CA  CB   sing N N 74  
CYS CA  HA   sing N N 75  
CYS C   O    doub N N 76  
CYS C   OXT  sing N N 77  
CYS CB  SG   sing N N 78  
CYS CB  HB2  sing N N 79  
CYS CB  HB3  sing N N 80  
CYS SG  HG   sing N N 81  
CYS OXT HXT  sing N N 82  
GLN N   CA   sing N N 83  
GLN N   H    sing N N 84  
GLN N   H2   sing N N 85  
GLN CA  C    sing N N 86  
GLN CA  CB   sing N N 87  
GLN CA  HA   sing N N 88  
GLN C   O    doub N N 89  
GLN C   OXT  sing N N 90  
GLN CB  CG   sing N N 91  
GLN CB  HB2  sing N N 92  
GLN CB  HB3  sing N N 93  
GLN CG  CD   sing N N 94  
GLN CG  HG2  sing N N 95  
GLN CG  HG3  sing N N 96  
GLN CD  OE1  doub N N 97  
GLN CD  NE2  sing N N 98  
GLN NE2 HE21 sing N N 99  
GLN NE2 HE22 sing N N 100 
GLN OXT HXT  sing N N 101 
GLU N   CA   sing N N 102 
GLU N   H    sing N N 103 
GLU N   H2   sing N N 104 
GLU CA  C    sing N N 105 
GLU CA  CB   sing N N 106 
GLU CA  HA   sing N N 107 
GLU C   O    doub N N 108 
GLU C   OXT  sing N N 109 
GLU CB  CG   sing N N 110 
GLU CB  HB2  sing N N 111 
GLU CB  HB3  sing N N 112 
GLU CG  CD   sing N N 113 
GLU CG  HG2  sing N N 114 
GLU CG  HG3  sing N N 115 
GLU CD  OE1  doub N N 116 
GLU CD  OE2  sing N N 117 
GLU OE2 HE2  sing N N 118 
GLU OXT HXT  sing N N 119 
GLY N   CA   sing N N 120 
GLY N   H    sing N N 121 
GLY N   H2   sing N N 122 
GLY CA  C    sing N N 123 
GLY CA  HA2  sing N N 124 
GLY CA  HA3  sing N N 125 
GLY C   O    doub N N 126 
GLY C   OXT  sing N N 127 
GLY OXT HXT  sing N N 128 
HIS N   CA   sing N N 129 
HIS N   H    sing N N 130 
HIS N   H2   sing N N 131 
HIS CA  C    sing N N 132 
HIS CA  CB   sing N N 133 
HIS CA  HA   sing N N 134 
HIS C   O    doub N N 135 
HIS C   OXT  sing N N 136 
HIS CB  CG   sing N N 137 
HIS CB  HB2  sing N N 138 
HIS CB  HB3  sing N N 139 
HIS CG  ND1  sing Y N 140 
HIS CG  CD2  doub Y N 141 
HIS ND1 CE1  doub Y N 142 
HIS ND1 HD1  sing N N 143 
HIS CD2 NE2  sing Y N 144 
HIS CD2 HD2  sing N N 145 
HIS CE1 NE2  sing Y N 146 
HIS CE1 HE1  sing N N 147 
HIS NE2 HE2  sing N N 148 
HIS OXT HXT  sing N N 149 
HOH O   H1   sing N N 150 
HOH O   H2   sing N N 151 
ILE N   CA   sing N N 152 
ILE N   H    sing N N 153 
ILE N   H2   sing N N 154 
ILE CA  C    sing N N 155 
ILE CA  CB   sing N N 156 
ILE CA  HA   sing N N 157 
ILE C   O    doub N N 158 
ILE C   OXT  sing N N 159 
ILE CB  CG1  sing N N 160 
ILE CB  CG2  sing N N 161 
ILE CB  HB   sing N N 162 
ILE CG1 CD1  sing N N 163 
ILE CG1 HG12 sing N N 164 
ILE CG1 HG13 sing N N 165 
ILE CG2 HG21 sing N N 166 
ILE CG2 HG22 sing N N 167 
ILE CG2 HG23 sing N N 168 
ILE CD1 HD11 sing N N 169 
ILE CD1 HD12 sing N N 170 
ILE CD1 HD13 sing N N 171 
ILE OXT HXT  sing N N 172 
LEU N   CA   sing N N 173 
LEU N   H    sing N N 174 
LEU N   H2   sing N N 175 
LEU CA  C    sing N N 176 
LEU CA  CB   sing N N 177 
LEU CA  HA   sing N N 178 
LEU C   O    doub N N 179 
LEU C   OXT  sing N N 180 
LEU CB  CG   sing N N 181 
LEU CB  HB2  sing N N 182 
LEU CB  HB3  sing N N 183 
LEU CG  CD1  sing N N 184 
LEU CG  CD2  sing N N 185 
LEU CG  HG   sing N N 186 
LEU CD1 HD11 sing N N 187 
LEU CD1 HD12 sing N N 188 
LEU CD1 HD13 sing N N 189 
LEU CD2 HD21 sing N N 190 
LEU CD2 HD22 sing N N 191 
LEU CD2 HD23 sing N N 192 
LEU OXT HXT  sing N N 193 
LYS N   CA   sing N N 194 
LYS N   H    sing N N 195 
LYS N   H2   sing N N 196 
LYS CA  C    sing N N 197 
LYS CA  CB   sing N N 198 
LYS CA  HA   sing N N 199 
LYS C   O    doub N N 200 
LYS C   OXT  sing N N 201 
LYS CB  CG   sing N N 202 
LYS CB  HB2  sing N N 203 
LYS CB  HB3  sing N N 204 
LYS CG  CD   sing N N 205 
LYS CG  HG2  sing N N 206 
LYS CG  HG3  sing N N 207 
LYS CD  CE   sing N N 208 
LYS CD  HD2  sing N N 209 
LYS CD  HD3  sing N N 210 
LYS CE  NZ   sing N N 211 
LYS CE  HE2  sing N N 212 
LYS CE  HE3  sing N N 213 
LYS NZ  HZ1  sing N N 214 
LYS NZ  HZ2  sing N N 215 
LYS NZ  HZ3  sing N N 216 
LYS OXT HXT  sing N N 217 
MET N   CA   sing N N 218 
MET N   H    sing N N 219 
MET N   H2   sing N N 220 
MET CA  C    sing N N 221 
MET CA  CB   sing N N 222 
MET CA  HA   sing N N 223 
MET C   O    doub N N 224 
MET C   OXT  sing N N 225 
MET CB  CG   sing N N 226 
MET CB  HB2  sing N N 227 
MET CB  HB3  sing N N 228 
MET CG  SD   sing N N 229 
MET CG  HG2  sing N N 230 
MET CG  HG3  sing N N 231 
MET SD  CE   sing N N 232 
MET CE  HE1  sing N N 233 
MET CE  HE2  sing N N 234 
MET CE  HE3  sing N N 235 
MET OXT HXT  sing N N 236 
PHE N   CA   sing N N 237 
PHE N   H    sing N N 238 
PHE N   H2   sing N N 239 
PHE CA  C    sing N N 240 
PHE CA  CB   sing N N 241 
PHE CA  HA   sing N N 242 
PHE C   O    doub N N 243 
PHE C   OXT  sing N N 244 
PHE CB  CG   sing N N 245 
PHE CB  HB2  sing N N 246 
PHE CB  HB3  sing N N 247 
PHE CG  CD1  doub Y N 248 
PHE CG  CD2  sing Y N 249 
PHE CD1 CE1  sing Y N 250 
PHE CD1 HD1  sing N N 251 
PHE CD2 CE2  doub Y N 252 
PHE CD2 HD2  sing N N 253 
PHE CE1 CZ   doub Y N 254 
PHE CE1 HE1  sing N N 255 
PHE CE2 CZ   sing Y N 256 
PHE CE2 HE2  sing N N 257 
PHE CZ  HZ   sing N N 258 
PHE OXT HXT  sing N N 259 
PRO N   CA   sing N N 260 
PRO N   CD   sing N N 261 
PRO N   H    sing N N 262 
PRO CA  C    sing N N 263 
PRO CA  CB   sing N N 264 
PRO CA  HA   sing N N 265 
PRO C   O    doub N N 266 
PRO C   OXT  sing N N 267 
PRO CB  CG   sing N N 268 
PRO CB  HB2  sing N N 269 
PRO CB  HB3  sing N N 270 
PRO CG  CD   sing N N 271 
PRO CG  HG2  sing N N 272 
PRO CG  HG3  sing N N 273 
PRO CD  HD2  sing N N 274 
PRO CD  HD3  sing N N 275 
PRO OXT HXT  sing N N 276 
SER N   CA   sing N N 277 
SER N   H    sing N N 278 
SER N   H2   sing N N 279 
SER CA  C    sing N N 280 
SER CA  CB   sing N N 281 
SER CA  HA   sing N N 282 
SER C   O    doub N N 283 
SER C   OXT  sing N N 284 
SER CB  OG   sing N N 285 
SER CB  HB2  sing N N 286 
SER CB  HB3  sing N N 287 
SER OG  HG   sing N N 288 
SER OXT HXT  sing N N 289 
THR N   CA   sing N N 290 
THR N   H    sing N N 291 
THR N   H2   sing N N 292 
THR CA  C    sing N N 293 
THR CA  CB   sing N N 294 
THR CA  HA   sing N N 295 
THR C   O    doub N N 296 
THR C   OXT  sing N N 297 
THR CB  OG1  sing N N 298 
THR CB  CG2  sing N N 299 
THR CB  HB   sing N N 300 
THR OG1 HG1  sing N N 301 
THR CG2 HG21 sing N N 302 
THR CG2 HG22 sing N N 303 
THR CG2 HG23 sing N N 304 
THR OXT HXT  sing N N 305 
TRP N   CA   sing N N 306 
TRP N   H    sing N N 307 
TRP N   H2   sing N N 308 
TRP CA  C    sing N N 309 
TRP CA  CB   sing N N 310 
TRP CA  HA   sing N N 311 
TRP C   O    doub N N 312 
TRP C   OXT  sing N N 313 
TRP CB  CG   sing N N 314 
TRP CB  HB2  sing N N 315 
TRP CB  HB3  sing N N 316 
TRP CG  CD1  doub Y N 317 
TRP CG  CD2  sing Y N 318 
TRP CD1 NE1  sing Y N 319 
TRP CD1 HD1  sing N N 320 
TRP CD2 CE2  doub Y N 321 
TRP CD2 CE3  sing Y N 322 
TRP NE1 CE2  sing Y N 323 
TRP NE1 HE1  sing N N 324 
TRP CE2 CZ2  sing Y N 325 
TRP CE3 CZ3  doub Y N 326 
TRP CE3 HE3  sing N N 327 
TRP CZ2 CH2  doub Y N 328 
TRP CZ2 HZ2  sing N N 329 
TRP CZ3 CH2  sing Y N 330 
TRP CZ3 HZ3  sing N N 331 
TRP CH2 HH2  sing N N 332 
TRP OXT HXT  sing N N 333 
TYR N   CA   sing N N 334 
TYR N   H    sing N N 335 
TYR N   H2   sing N N 336 
TYR CA  C    sing N N 337 
TYR CA  CB   sing N N 338 
TYR CA  HA   sing N N 339 
TYR C   O    doub N N 340 
TYR C   OXT  sing N N 341 
TYR CB  CG   sing N N 342 
TYR CB  HB2  sing N N 343 
TYR CB  HB3  sing N N 344 
TYR CG  CD1  doub Y N 345 
TYR CG  CD2  sing Y N 346 
TYR CD1 CE1  sing Y N 347 
TYR CD1 HD1  sing N N 348 
TYR CD2 CE2  doub Y N 349 
TYR CD2 HD2  sing N N 350 
TYR CE1 CZ   doub Y N 351 
TYR CE1 HE1  sing N N 352 
TYR CE2 CZ   sing Y N 353 
TYR CE2 HE2  sing N N 354 
TYR CZ  OH   sing N N 355 
TYR OH  HH   sing N N 356 
TYR OXT HXT  sing N N 357 
VAL N   CA   sing N N 358 
VAL N   H    sing N N 359 
VAL N   H2   sing N N 360 
VAL CA  C    sing N N 361 
VAL CA  CB   sing N N 362 
VAL CA  HA   sing N N 363 
VAL C   O    doub N N 364 
VAL C   OXT  sing N N 365 
VAL CB  CG1  sing N N 366 
VAL CB  CG2  sing N N 367 
VAL CB  HB   sing N N 368 
VAL CG1 HG11 sing N N 369 
VAL CG1 HG12 sing N N 370 
VAL CG1 HG13 sing N N 371 
VAL CG2 HG21 sing N N 372 
VAL CG2 HG22 sing N N 373 
VAL CG2 HG23 sing N N 374 
VAL OXT HXT  sing N N 375 
# 
_pdbx_initial_refinement_model.accession_code   ? 
_pdbx_initial_refinement_model.id               1 
_pdbx_initial_refinement_model.entity_id_list   ? 
_pdbx_initial_refinement_model.type             'experimental model' 
_pdbx_initial_refinement_model.source_name      Other 
_pdbx_initial_refinement_model.details          'NATIVE HUMAN LYSOZYME' 
# 
_atom_sites.entry_id                    208L 
_atom_sites.fract_transf_matrix[1][1]   -0.00649120 
_atom_sites.fract_transf_matrix[1][2]   -0.00485892 
_atom_sites.fract_transf_matrix[1][3]   0.01527992 
_atom_sites.fract_transf_matrix[2][1]   0.00678761 
_atom_sites.fract_transf_matrix[2][2]   0.01313351 
_atom_sites.fract_transf_matrix[2][3]   0.00705988 
_atom_sites.fract_transf_matrix[3][1]   -0.02539597 
_atom_sites.fract_transf_matrix[3][2]   0.01616182 
_atom_sites.fract_transf_matrix[3][3]   -0.00564932 
_atom_sites.fract_transf_vector[1]      0.222445 
_atom_sites.fract_transf_vector[2]      0.244103 
_atom_sites.fract_transf_vector[3]      0.874081 
# 
loop_
_atom_type.symbol 
C 
N 
O 
S 
# 
loop_
_atom_site.group_PDB 
_atom_site.id 
_atom_site.type_symbol 
_atom_site.label_atom_id 
_atom_site.label_alt_id 
_atom_site.label_comp_id 
_atom_site.label_asym_id 
_atom_site.label_entity_id 
_atom_site.label_seq_id 
_atom_site.pdbx_PDB_ins_code 
_atom_site.Cartn_x 
_atom_site.Cartn_y 
_atom_site.Cartn_z 
_atom_site.occupancy 
_atom_site.B_iso_or_equiv 
_atom_site.pdbx_formal_charge 
_atom_site.auth_seq_id 
_atom_site.auth_comp_id 
_atom_site.auth_asym_id 
_atom_site.auth_atom_id 
_atom_site.pdbx_PDB_model_num 
ATOM   1    N N   . LYS A 1 1   ? 11.737  3.385   -6.944  1.00 16.48 ? 1   LYS A N   1 
ATOM   2    C CA  . LYS A 1 1   ? 12.733  3.474   -5.852  1.00 13.11 ? 1   LYS A CA  1 
ATOM   3    C C   . LYS A 1 1   ? 12.567  2.352   -4.852  1.00 13.08 ? 1   LYS A C   1 
ATOM   4    O O   . LYS A 1 1   ? 11.485  2.134   -4.332  1.00 14.06 ? 1   LYS A O   1 
ATOM   5    C CB  . LYS A 1 1   ? 12.615  4.801   -5.106  1.00 14.38 ? 1   LYS A CB  1 
ATOM   6    C CG  . LYS A 1 1   ? 13.447  4.878   -3.801  1.00 11.74 ? 1   LYS A CG  1 
ATOM   7    C CD  . LYS A 1 1   ? 13.155  6.180   -3.049  1.00 11.21 ? 1   LYS A CD  1 
ATOM   8    C CE  . LYS A 1 1   ? 14.018  6.348   -1.788  1.00 11.44 ? 1   LYS A CE  1 
ATOM   9    N NZ  . LYS A 1 1   ? 13.496  7.419   -0.851  1.00 11.33 ? 1   LYS A NZ  1 
ATOM   10   N N   . VAL A 1 2   ? 13.640  1.616   -4.624  1.00 12.06 ? 2   VAL A N   1 
ATOM   11   C CA  . VAL A 1 2   ? 13.629  0.563   -3.635  1.00 13.49 ? 2   VAL A CA  1 
ATOM   12   C C   . VAL A 1 2   ? 14.098  1.240   -2.315  1.00 14.52 ? 2   VAL A C   1 
ATOM   13   O O   . VAL A 1 2   ? 15.222  1.775   -2.232  1.00 13.50 ? 2   VAL A O   1 
ATOM   14   C CB  . VAL A 1 2   ? 14.566  -0.607  -4.061  1.00 14.54 ? 2   VAL A CB  1 
ATOM   15   C CG1 . VAL A 1 2   ? 14.561  -1.697  -2.999  1.00 17.10 ? 2   VAL A CG1 1 
ATOM   16   C CG2 . VAL A 1 2   ? 14.102  -1.185  -5.385  1.00 13.31 ? 2   VAL A CG2 1 
ATOM   17   N N   . PHE A 1 3   ? 13.185  1.315   -1.345  1.00 13.98 ? 3   PHE A N   1 
ATOM   18   C CA  . PHE A 1 3   ? 13.439  1.922   -0.034  1.00 14.13 ? 3   PHE A CA  1 
ATOM   19   C C   . PHE A 1 3   ? 14.314  1.091   0.915   1.00 14.20 ? 3   PHE A C   1 
ATOM   20   O O   . PHE A 1 3   ? 14.518  -0.117  0.729   1.00 17.05 ? 3   PHE A O   1 
ATOM   21   C CB  . PHE A 1 3   ? 12.106  2.158   0.702   1.00 11.97 ? 3   PHE A CB  1 
ATOM   22   C CG  . PHE A 1 3   ? 11.486  3.496   0.452   1.00 10.87 ? 3   PHE A CG  1 
ATOM   23   C CD1 . PHE A 1 3   ? 11.793  4.580   1.264   1.00 8.22  ? 3   PHE A CD1 1 
ATOM   24   C CD2 . PHE A 1 3   ? 10.555  3.670   -0.564  1.00 11.43 ? 3   PHE A CD2 1 
ATOM   25   C CE1 . PHE A 1 3   ? 11.178  5.813   1.074   1.00 9.78  ? 3   PHE A CE1 1 
ATOM   26   C CE2 . PHE A 1 3   ? 9.929   4.915   -0.760  1.00 10.66 ? 3   PHE A CE2 1 
ATOM   27   C CZ  . PHE A 1 3   ? 10.243  5.984   0.065   1.00 8.14  ? 3   PHE A CZ  1 
ATOM   28   N N   . GLU A 1 4   ? 14.819  1.744   1.951   1.00 12.85 ? 4   GLU A N   1 
ATOM   29   C CA  . GLU A 1 4   ? 15.570  1.041   2.979   1.00 13.21 ? 4   GLU A CA  1 
ATOM   30   C C   . GLU A 1 4   ? 14.500  0.874   4.073   1.00 11.94 ? 4   GLU A C   1 
ATOM   31   O O   . GLU A 1 4   ? 13.532  1.655   4.117   1.00 11.16 ? 4   GLU A O   1 
ATOM   32   C CB  . GLU A 1 4   ? 16.739  1.894   3.460   1.00 16.45 ? 4   GLU A CB  1 
ATOM   33   C CG  . GLU A 1 4   ? 17.917  1.912   2.485   1.00 19.48 ? 4   GLU A CG  1 
ATOM   34   C CD  . GLU A 1 4   ? 18.891  0.775   2.730   1.00 21.55 ? 4   GLU A CD  1 
ATOM   35   O OE1 . GLU A 1 4   ? 19.002  0.316   3.890   1.00 23.99 ? 4   GLU A OE1 1 
ATOM   36   O OE2 . GLU A 1 4   ? 19.571  0.340   1.776   1.00 23.18 ? 4   GLU A OE2 1 
ATOM   37   N N   . ARG A 1 5   ? 14.646  -0.105  4.960   1.00 9.48  ? 5   ARG A N   1 
ATOM   38   C CA  . ARG A 1 5   ? 13.605  -0.288  5.975   1.00 10.21 ? 5   ARG A CA  1 
ATOM   39   C C   . ARG A 1 5   ? 13.298  0.925   6.872   1.00 9.47  ? 5   ARG A C   1 
ATOM   40   O O   . ARG A 1 5   ? 12.172  1.421   6.874   1.00 9.49  ? 5   ARG A O   1 
ATOM   41   C CB  . ARG A 1 5   ? 13.864  -1.536  6.826   1.00 8.90  ? 5   ARG A CB  1 
ATOM   42   C CG  . ARG A 1 5   ? 12.743  -1.894  7.785   1.00 9.24  ? 5   ARG A CG  1 
ATOM   43   C CD  . ARG A 1 5   ? 13.163  -3.017  8.723   1.00 10.05 ? 5   ARG A CD  1 
ATOM   44   N NE  . ARG A 1 5   ? 14.375  -2.698  9.490   1.00 9.67  ? 5   ARG A NE  1 
ATOM   45   C CZ  . ARG A 1 5   ? 14.446  -2.604  10.823  1.00 10.45 ? 5   ARG A CZ  1 
ATOM   46   N NH1 . ARG A 1 5   ? 13.370  -2.796  11.581  1.00 6.04  ? 5   ARG A NH1 1 
ATOM   47   N NH2 . ARG A 1 5   ? 15.610  -2.311  11.399  1.00 8.39  ? 5   ARG A NH2 1 
ATOM   48   N N   . CYS A 1 6   ? 14.304  1.415   7.595   1.00 8.96  ? 6   CYS A N   1 
ATOM   49   C CA  . CYS A 1 6   ? 14.124  2.547   8.519   1.00 8.40  ? 6   CYS A CA  1 
ATOM   50   C C   . CYS A 1 6   ? 13.773  3.890   7.890   1.00 7.94  ? 6   CYS A C   1 
ATOM   51   O O   . CYS A 1 6   ? 12.987  4.658   8.450   1.00 6.24  ? 6   CYS A O   1 
ATOM   52   C CB  . CYS A 1 6   ? 15.305  2.653   9.470   1.00 9.48  ? 6   CYS A CB  1 
ATOM   53   S SG  . CYS A 1 6   ? 15.340  1.260   10.642  1.00 12.96 ? 6   CYS A SG  1 
ATOM   54   N N   . GLU A 1 7   ? 14.311  4.125   6.693   1.00 9.47  ? 7   GLU A N   1 
ATOM   55   C CA  . GLU A 1 7   ? 14.026  5.321   5.907   1.00 9.65  ? 7   GLU A CA  1 
ATOM   56   C C   . GLU A 1 7   ? 12.515  5.344   5.625   1.00 10.07 ? 7   GLU A C   1 
ATOM   57   O O   . GLU A 1 7   ? 11.826  6.326   5.916   1.00 11.48 ? 7   GLU A O   1 
ATOM   58   C CB  . GLU A 1 7   ? 14.821  5.265   4.604   1.00 9.65  ? 7   GLU A CB  1 
ATOM   59   C CG  . GLU A 1 7   ? 14.305  6.125   3.464   1.00 12.25 ? 7   GLU A CG  1 
ATOM   60   C CD  . GLU A 1 7   ? 14.933  5.742   2.096   1.00 13.57 ? 7   GLU A CD  1 
ATOM   61   O OE1 . GLU A 1 7   ? 15.370  4.583   1.919   1.00 12.89 ? 7   GLU A OE1 1 
ATOM   62   O OE2 . GLU A 1 7   ? 14.980  6.600   1.188   1.00 12.94 ? 7   GLU A OE2 1 
ATOM   63   N N   . LEU A 1 8   ? 11.988  4.211   5.164   1.00 11.73 ? 8   LEU A N   1 
ATOM   64   C CA  . LEU A 1 8   ? 10.568  4.094   4.860   1.00 10.35 ? 8   LEU A CA  1 
ATOM   65   C C   . LEU A 1 8   ? 9.736   4.295   6.110   1.00 8.59  ? 8   LEU A C   1 
ATOM   66   O O   . LEU A 1 8   ? 8.764   5.041   6.097   1.00 10.22 ? 8   LEU A O   1 
ATOM   67   C CB  . LEU A 1 8   ? 10.239  2.728   4.238   1.00 7.45  ? 8   LEU A CB  1 
ATOM   68   C CG  . LEU A 1 8   ? 8.736   2.511   4.001   1.00 7.62  ? 8   LEU A CG  1 
ATOM   69   C CD1 . LEU A 1 8   ? 8.208   3.499   2.967   1.00 4.75  ? 8   LEU A CD1 1 
ATOM   70   C CD2 . LEU A 1 8   ? 8.441   1.061   3.573   1.00 8.59  ? 8   LEU A CD2 1 
ATOM   71   N N   . ALA A 1 9   ? 10.115  3.593   7.171   1.00 11.76 ? 9   ALA A N   1 
ATOM   72   C CA  . ALA A 1 9   ? 9.421   3.651   8.454   1.00 12.61 ? 9   ALA A CA  1 
ATOM   73   C C   . ALA A 1 9   ? 9.375   5.078   8.988   1.00 14.73 ? 9   ALA A C   1 
ATOM   74   O O   . ALA A 1 9   ? 8.411   5.464   9.661   1.00 16.20 ? 9   ALA A O   1 
ATOM   75   C CB  . ALA A 1 9   ? 10.095  2.727   9.462   1.00 11.62 ? 9   ALA A CB  1 
ATOM   76   N N   . ARG A 1 10  ? 10.415  5.858   8.709   1.00 13.95 ? 10  ARG A N   1 
ATOM   77   C CA  . ARG A 1 10  ? 10.416  7.234   9.169   1.00 13.30 ? 10  ARG A CA  1 
ATOM   78   C C   . ARG A 1 10  ? 9.523   8.043   8.240   1.00 12.36 ? 10  ARG A C   1 
ATOM   79   O O   . ARG A 1 10  ? 8.705   8.860   8.695   1.00 13.62 ? 10  ARG A O   1 
ATOM   80   C CB  . ARG A 1 10  ? 11.833  7.791   9.220   1.00 14.33 ? 10  ARG A CB  1 
ATOM   81   C CG  . ARG A 1 10  ? 12.700  7.193   10.338  1.00 14.79 ? 10  ARG A CG  1 
ATOM   82   C CD  . ARG A 1 10  ? 14.017  7.985   10.569  1.00 14.43 ? 10  ARG A CD  1 
ATOM   83   N NE  . ARG A 1 10  ? 14.937  7.887   9.439   1.00 12.59 ? 10  ARG A NE  1 
ATOM   84   C CZ  . ARG A 1 10  ? 15.708  6.833   9.202   1.00 13.68 ? 10  ARG A CZ  1 
ATOM   85   N NH1 . ARG A 1 10  ? 15.696  5.797   10.022  1.00 15.05 ? 10  ARG A NH1 1 
ATOM   86   N NH2 . ARG A 1 10  ? 16.510  6.824   8.153   1.00 16.21 ? 10  ARG A NH2 1 
ATOM   87   N N   . THR A 1 11  ? 9.609   7.731   6.949   1.00 10.72 ? 11  THR A N   1 
ATOM   88   C CA  . THR A 1 11  ? 8.819   8.398   5.904   1.00 10.86 ? 11  THR A CA  1 
ATOM   89   C C   . THR A 1 11  ? 7.305   8.300   6.124   1.00 12.09 ? 11  THR A C   1 
ATOM   90   O O   . THR A 1 11  ? 6.583   9.298   5.972   1.00 13.26 ? 11  THR A O   1 
ATOM   91   C CB  . THR A 1 11  ? 9.100   7.793   4.523   1.00 8.61  ? 11  THR A CB  1 
ATOM   92   O OG1 . THR A 1 11  ? 10.480  7.956   4.191   1.00 7.71  ? 11  THR A OG1 1 
ATOM   93   C CG2 . THR A 1 11  ? 8.226   8.431   3.482   1.00 4.92  ? 11  THR A CG2 1 
ATOM   94   N N   . LEU A 1 12  ? 6.836   7.077   6.399   1.00 11.81 ? 12  LEU A N   1 
ATOM   95   C CA  . LEU A 1 12  ? 5.421   6.819   6.646   1.00 11.27 ? 12  LEU A CA  1 
ATOM   96   C C   . LEU A 1 12  ? 4.959   7.541   7.898   1.00 11.41 ? 12  LEU A C   1 
ATOM   97   O O   . LEU A 1 12  ? 3.807   7.998   7.977   1.00 12.43 ? 12  LEU A O   1 
ATOM   98   C CB  . LEU A 1 12  ? 5.158   5.316   6.823   1.00 10.46 ? 12  LEU A CB  1 
ATOM   99   C CG  . LEU A 1 12  ? 5.195   4.415   5.587   1.00 8.63  ? 12  LEU A CG  1 
ATOM   100  C CD1 . LEU A 1 12  ? 5.050   2.938   5.998   1.00 9.32  ? 12  LEU A CD1 1 
ATOM   101  C CD2 . LEU A 1 12  ? 4.089   4.846   4.604   1.00 9.58  ? 12  LEU A CD2 1 
ATOM   102  N N   . LYS A 1 13  ? 5.864   7.621   8.879   1.00 12.29 ? 13  LYS A N   1 
ATOM   103  C CA  . LYS A 1 13  ? 5.587   8.258   10.168  1.00 10.65 ? 13  LYS A CA  1 
ATOM   104  C C   . LYS A 1 13  ? 5.329   9.722   9.900   1.00 10.61 ? 13  LYS A C   1 
ATOM   105  O O   . LYS A 1 13  ? 4.364   10.282  10.409  1.00 9.95  ? 13  LYS A O   1 
ATOM   106  C CB  . LYS A 1 13  ? 6.751   8.068   11.137  1.00 9.69  ? 13  LYS A CB  1 
ATOM   107  C CG  . LYS A 1 13  ? 6.575   8.760   12.484  1.00 11.68 ? 13  LYS A CG  1 
ATOM   108  C CD  . LYS A 1 13  ? 5.403   8.207   13.298  1.00 13.60 ? 13  LYS A CD  1 
ATOM   109  C CE  . LYS A 1 13  ? 5.766   8.120   14.796  1.00 13.00 ? 13  LYS A CE  1 
ATOM   110  N NZ  . LYS A 1 13  ? 4.686   7.516   15.619  1.00 11.44 ? 13  LYS A NZ  1 
ATOM   111  N N   . ARG A 1 14  ? 6.148   10.305  9.029   1.00 11.71 ? 14  ARG A N   1 
ATOM   112  C CA  . ARG A 1 14  ? 5.989   11.711  8.646   1.00 12.75 ? 14  ARG A CA  1 
ATOM   113  C C   . ARG A 1 14  ? 4.651   11.934  7.970   1.00 11.90 ? 14  ARG A C   1 
ATOM   114  O O   . ARG A 1 14  ? 4.029   12.959  8.162   1.00 11.83 ? 14  ARG A O   1 
ATOM   115  C CB  . ARG A 1 14  ? 7.084   12.137  7.666   1.00 12.75 ? 14  ARG A CB  1 
ATOM   116  C CG  . ARG A 1 14  ? 8.244   12.872  8.277   1.00 14.43 ? 14  ARG A CG  1 
ATOM   117  C CD  . ARG A 1 14  ? 9.130   13.506  7.179   1.00 15.97 ? 14  ARG A CD  1 
ATOM   118  N NE  . ARG A 1 14  ? 10.190  12.637  6.649   1.00 18.06 ? 14  ARG A NE  1 
ATOM   119  C CZ  . ARG A 1 14  ? 10.091  11.890  5.546   1.00 21.22 ? 14  ARG A CZ  1 
ATOM   120  N NH1 . ARG A 1 14  ? 8.968   11.858  4.835   1.00 21.07 ? 14  ARG A NH1 1 
ATOM   121  N NH2 . ARG A 1 14  ? 11.167  11.277  5.068   1.00 23.52 ? 14  ARG A NH2 1 
ATOM   122  N N   . LEU A 1 15  ? 4.216   10.956  7.176   1.00 14.03 ? 15  LEU A N   1 
ATOM   123  C CA  . LEU A 1 15  ? 2.963   11.061  6.415   1.00 13.65 ? 15  LEU A CA  1 
ATOM   124  C C   . LEU A 1 15  ? 1.670   10.805  7.210   1.00 12.88 ? 15  LEU A C   1 
ATOM   125  O O   . LEU A 1 15  ? 0.562   10.904  6.682   1.00 10.59 ? 15  LEU A O   1 
ATOM   126  C CB  . LEU A 1 15  ? 3.060   10.229  5.123   1.00 12.66 ? 15  LEU A CB  1 
ATOM   127  C CG  . LEU A 1 15  ? 4.065   10.845  4.119   1.00 13.26 ? 15  LEU A CG  1 
ATOM   128  C CD1 . LEU A 1 15  ? 4.302   9.951   2.909   1.00 12.87 ? 15  LEU A CD1 1 
ATOM   129  C CD2 . LEU A 1 15  ? 3.567   12.213  3.652   1.00 12.73 ? 15  LEU A CD2 1 
ATOM   130  N N   . GLY A 1 16  ? 1.844   10.555  8.502   1.00 12.38 ? 16  GLY A N   1 
ATOM   131  C CA  . GLY A 1 16  ? 0.727   10.354  9.396   1.00 12.29 ? 16  GLY A CA  1 
ATOM   132  C C   . GLY A 1 16  ? 0.080   8.990   9.434   1.00 12.61 ? 16  GLY A C   1 
ATOM   133  O O   . GLY A 1 16  ? -1.057  8.879   9.859   1.00 14.93 ? 16  GLY A O   1 
ATOM   134  N N   . MET A 1 17  ? 0.805   7.959   9.037   1.00 12.72 ? 17  MET A N   1 
ATOM   135  C CA  . MET A 1 17  ? 0.289   6.585   9.012   1.00 12.39 ? 17  MET A CA  1 
ATOM   136  C C   . MET A 1 17  ? 0.185   5.842   10.353  1.00 12.99 ? 17  MET A C   1 
ATOM   137  O O   . MET A 1 17  ? -0.627  4.915   10.487  1.00 14.48 ? 17  MET A O   1 
ATOM   138  C CB  . MET A 1 17  ? 1.123   5.750   8.039   1.00 10.16 ? 17  MET A CB  1 
ATOM   139  C CG  . MET A 1 17  ? 1.008   6.217   6.607   1.00 7.54  ? 17  MET A CG  1 
ATOM   140  S SD  . MET A 1 17  ? -0.658  5.960   5.953   1.00 10.31 ? 17  MET A SD  1 
ATOM   141  C CE  . MET A 1 17  ? -0.327  4.664   4.784   1.00 5.02  ? 17  MET A CE  1 
ATOM   142  N N   . ASP A 1 18  ? 0.990   6.244   11.336  1.00 13.97 ? 18  ASP A N   1 
ATOM   143  C CA  . ASP A 1 18  ? 1.003   5.598   12.647  1.00 12.45 ? 18  ASP A CA  1 
ATOM   144  C C   . ASP A 1 18  ? -0.273  5.764   13.456  1.00 12.97 ? 18  ASP A C   1 
ATOM   145  O O   . ASP A 1 18  ? -0.604  6.865   13.878  1.00 14.08 ? 18  ASP A O   1 
ATOM   146  C CB  . ASP A 1 18  ? 2.213   6.049   13.466  1.00 14.75 ? 18  ASP A CB  1 
ATOM   147  C CG  . ASP A 1 18  ? 2.386   5.248   14.767  1.00 15.18 ? 18  ASP A CG  1 
ATOM   148  O OD1 . ASP A 1 18  ? 2.508   4.008   14.700  1.00 13.64 ? 18  ASP A OD1 1 
ATOM   149  O OD2 . ASP A 1 18  ? 2.434   5.870   15.866  1.00 21.56 ? 18  ASP A OD2 1 
ATOM   150  N N   . GLY A 1 19  ? -0.979  4.647   13.660  1.00 12.02 ? 19  GLY A N   1 
ATOM   151  C CA  . GLY A 1 19  ? -2.209  4.644   14.427  1.00 9.45  ? 19  GLY A CA  1 
ATOM   152  C C   . GLY A 1 19  ? -3.410  5.063   13.615  1.00 8.62  ? 19  GLY A C   1 
ATOM   153  O O   . GLY A 1 19  ? -4.503  5.260   14.140  1.00 7.94  ? 19  GLY A O   1 
ATOM   154  N N   . TYR A 1 20  ? -3.181  5.224   12.324  1.00 10.10 ? 20  TYR A N   1 
ATOM   155  C CA  . TYR A 1 20  ? -4.223  5.617   11.397  1.00 10.87 ? 20  TYR A CA  1 
ATOM   156  C C   . TYR A 1 20  ? -5.245  4.471   11.244  1.00 11.97 ? 20  TYR A C   1 
ATOM   157  O O   . TYR A 1 20  ? -4.893  3.348   10.863  1.00 12.00 ? 20  TYR A O   1 
ATOM   158  C CB  . TYR A 1 20  ? -3.607  6.034   10.042  1.00 11.13 ? 20  TYR A CB  1 
ATOM   159  C CG  . TYR A 1 20  ? -4.607  6.679   9.138   1.00 11.02 ? 20  TYR A CG  1 
ATOM   160  C CD1 . TYR A 1 20  ? -5.064  7.974   9.394   1.00 14.89 ? 20  TYR A CD1 1 
ATOM   161  C CD2 . TYR A 1 20  ? -5.203  5.967   8.108   1.00 12.31 ? 20  TYR A CD2 1 
ATOM   162  C CE1 . TYR A 1 20  ? -6.097  8.539   8.660   1.00 12.38 ? 20  TYR A CE1 1 
ATOM   163  C CE2 . TYR A 1 20  ? -6.248  6.527   7.365   1.00 12.39 ? 20  TYR A CE2 1 
ATOM   164  C CZ  . TYR A 1 20  ? -6.686  7.810   7.656   1.00 12.23 ? 20  TYR A CZ  1 
ATOM   165  O OH  . TYR A 1 20  ? -7.739  8.351   6.985   1.00 13.46 ? 20  TYR A OH  1 
ATOM   166  N N   . ARG A 1 21  ? -6.483  4.746   11.659  1.00 13.16 ? 21  ARG A N   1 
ATOM   167  C CA  . ARG A 1 21  ? -7.599  3.794   11.592  1.00 13.56 ? 21  ARG A CA  1 
ATOM   168  C C   . ARG A 1 21  ? -7.330  2.591   12.527  1.00 12.83 ? 21  ARG A C   1 
ATOM   169  O O   . ARG A 1 21  ? -7.906  1.513   12.382  1.00 10.95 ? 21  ARG A O   1 
ATOM   170  C CB  . ARG A 1 21  ? -7.804  3.372   10.120  1.00 15.90 ? 21  ARG A CB  1 
ATOM   171  C CG  . ARG A 1 21  ? -8.951  2.409   9.806   1.00 17.62 ? 21  ARG A CG  1 
ATOM   172  C CD  . ARG A 1 21  ? -10.305 3.102   9.580   1.00 17.95 ? 21  ARG A CD  1 
ATOM   173  N NE  . ARG A 1 21  ? -11.339 2.091   9.353   1.00 18.32 ? 21  ARG A NE  1 
ATOM   174  C CZ  . ARG A 1 21  ? -12.647 2.319   9.426   1.00 19.24 ? 21  ARG A CZ  1 
ATOM   175  N NH1 . ARG A 1 21  ? -13.102 3.546   9.664   1.00 18.51 ? 21  ARG A NH1 1 
ATOM   176  N NH2 . ARG A 1 21  ? -13.505 1.322   9.231   1.00 18.33 ? 21  ARG A NH2 1 
ATOM   177  N N   . GLY A 1 22  ? -6.502  2.821   13.537  1.00 10.97 ? 22  GLY A N   1 
ATOM   178  C CA  . GLY A 1 22  ? -6.158  1.775   14.478  1.00 9.21  ? 22  GLY A CA  1 
ATOM   179  C C   . GLY A 1 22  ? -4.975  0.945   13.996  1.00 11.99 ? 22  GLY A C   1 
ATOM   180  O O   . GLY A 1 22  ? -4.648  -0.052  14.660  1.00 13.57 ? 22  GLY A O   1 
ATOM   181  N N   . ILE A 1 23  ? -4.342  1.364   12.875  1.00 11.35 ? 23  ILE A N   1 
ATOM   182  C CA  . ILE A 1 23  ? -3.196  0.678   12.236  1.00 10.15 ? 23  ILE A CA  1 
ATOM   183  C C   . ILE A 1 23  ? -1.775  1.221   12.547  1.00 10.12 ? 23  ILE A C   1 
ATOM   184  O O   . ILE A 1 23  ? -1.361  2.278   12.052  1.00 9.86  ? 23  ILE A O   1 
ATOM   185  C CB  . ILE A 1 23  ? -3.385  0.610   10.671  1.00 11.03 ? 23  ILE A CB  1 
ATOM   186  C CG1 . ILE A 1 23  ? -4.698  -0.107  10.323  1.00 7.72  ? 23  ILE A CG1 1 
ATOM   187  C CG2 . ILE A 1 23  ? -2.198  -0.099  10.012  1.00 7.19  ? 23  ILE A CG2 1 
ATOM   188  C CD1 . ILE A 1 23  ? -5.371  0.398   9.039   1.00 7.84  ? 23  ILE A CD1 1 
ATOM   189  N N   . SER A 1 24  ? -1.015  0.455   13.327  1.00 10.34 ? 24  SER A N   1 
ATOM   190  C CA  . SER A 1 24  ? 0.340   0.850   13.702  1.00 11.13 ? 24  SER A CA  1 
ATOM   191  C C   . SER A 1 24  ? 1.260   1.009   12.504  1.00 12.06 ? 24  SER A C   1 
ATOM   192  O O   . SER A 1 24  ? 0.914   0.634   11.383  1.00 14.62 ? 24  SER A O   1 
ATOM   193  C CB  . SER A 1 24  ? 0.957   -0.133  14.720  1.00 10.51 ? 24  SER A CB  1 
ATOM   194  O OG  . SER A 1 24  ? 0.826   -1.495  14.331  1.00 8.99  ? 24  SER A OG  1 
ATOM   195  N N   . LEU A 1 25  ? 2.438   1.569   12.748  1.00 10.98 ? 25  LEU A N   1 
ATOM   196  C CA  . LEU A 1 25  ? 3.403   1.765   11.685  1.00 10.38 ? 25  LEU A CA  1 
ATOM   197  C C   . LEU A 1 25  ? 3.969   0.390   11.376  1.00 10.04 ? 25  LEU A C   1 
ATOM   198  O O   . LEU A 1 25  ? 4.195   0.057   10.226  1.00 9.38  ? 25  LEU A O   1 
ATOM   199  C CB  . LEU A 1 25  ? 4.512   2.728   12.134  1.00 10.88 ? 25  LEU A CB  1 
ATOM   200  C CG  . LEU A 1 25  ? 5.415   3.259   11.014  1.00 12.38 ? 25  LEU A CG  1 
ATOM   201  C CD1 . LEU A 1 25  ? 4.619   4.203   10.108  1.00 13.90 ? 25  LEU A CD1 1 
ATOM   202  C CD2 . LEU A 1 25  ? 6.608   3.996   11.612  1.00 14.82 ? 25  LEU A CD2 1 
ATOM   203  N N   . ALA A 1 26  ? 4.177   -0.400  12.431  1.00 10.49 ? 26  ALA A N   1 
ATOM   204  C CA  . ALA A 1 26  ? 4.688   -1.757  12.328  1.00 9.00  ? 26  ALA A CA  1 
ATOM   205  C C   . ALA A 1 26  ? 3.861   -2.580  11.331  1.00 10.08 ? 26  ALA A C   1 
ATOM   206  O O   . ALA A 1 26  ? 4.420   -3.324  10.533  1.00 11.21 ? 26  ALA A O   1 
ATOM   207  C CB  . ALA A 1 26  ? 4.678   -2.410  13.699  1.00 10.54 ? 26  ALA A CB  1 
ATOM   208  N N   . ASN A 1 27  ? 2.536   -2.425  11.362  1.00 10.58 ? 27  ASN A N   1 
ATOM   209  C CA  . ASN A 1 27  ? 1.659   -3.133  10.435  1.00 10.43 ? 27  ASN A CA  1 
ATOM   210  C C   . ASN A 1 27  ? 1.722   -2.617  9.001   1.00 11.50 ? 27  ASN A C   1 
ATOM   211  O O   . ASN A 1 27  ? 1.588   -3.388  8.051   1.00 11.14 ? 27  ASN A O   1 
ATOM   212  C CB  . ASN A 1 27  ? 0.238   -3.147  10.957  1.00 11.53 ? 27  ASN A CB  1 
ATOM   213  C CG  . ASN A 1 27  ? 0.016   -4.277  11.919  1.00 11.81 ? 27  ASN A CG  1 
ATOM   214  O OD1 . ASN A 1 27  ? 0.036   -5.459  11.523  1.00 12.22 ? 27  ASN A OD1 1 
ATOM   215  N ND2 . ASN A 1 27  ? -0.120  -3.944  13.205  1.00 10.35 ? 27  ASN A ND2 1 
ATOM   216  N N   . TRP A 1 28  ? 1.966   -1.317  8.854   1.00 11.81 ? 28  TRP A N   1 
ATOM   217  C CA  . TRP A 1 28  ? 2.119   -0.674  7.546   1.00 12.75 ? 28  TRP A CA  1 
ATOM   218  C C   . TRP A 1 28  ? 3.434   -1.127  6.869   1.00 12.16 ? 28  TRP A C   1 
ATOM   219  O O   . TRP A 1 28  ? 3.541   -1.199  5.635   1.00 8.09  ? 28  TRP A O   1 
ATOM   220  C CB  . TRP A 1 28  ? 2.144   0.832   7.735   1.00 13.90 ? 28  TRP A CB  1 
ATOM   221  C CG  . TRP A 1 28  ? 0.802   1.446   7.872   1.00 15.02 ? 28  TRP A CG  1 
ATOM   222  C CD1 . TRP A 1 28  ? 0.385   2.308   8.859   1.00 16.02 ? 28  TRP A CD1 1 
ATOM   223  C CD2 . TRP A 1 28  ? -0.276  1.360   6.928   1.00 15.77 ? 28  TRP A CD2 1 
ATOM   224  N NE1 . TRP A 1 28  ? -0.882  2.778   8.569   1.00 15.70 ? 28  TRP A NE1 1 
ATOM   225  C CE2 . TRP A 1 28  ? -1.308  2.214   7.391   1.00 16.34 ? 28  TRP A CE2 1 
ATOM   226  C CE3 . TRP A 1 28  ? -0.467  0.656   5.730   1.00 17.37 ? 28  TRP A CE3 1 
ATOM   227  C CZ2 . TRP A 1 28  ? -2.518  2.380   6.684   1.00 16.78 ? 28  TRP A CZ2 1 
ATOM   228  C CZ3 . TRP A 1 28  ? -1.671  0.821   5.030   1.00 15.37 ? 28  TRP A CZ3 1 
ATOM   229  C CH2 . TRP A 1 28  ? -2.676  1.677   5.510   1.00 15.51 ? 28  TRP A CH2 1 
ATOM   230  N N   . MET A 1 29  ? 4.428   -1.426  7.707   1.00 12.21 ? 29  MET A N   1 
ATOM   231  C CA  . MET A 1 29  ? 5.727   -1.890  7.254   1.00 11.76 ? 29  MET A CA  1 
ATOM   232  C C   . MET A 1 29  ? 5.567   -3.350  6.788   1.00 13.54 ? 29  MET A C   1 
ATOM   233  O O   . MET A 1 29  ? 6.051   -3.760  5.717   1.00 13.61 ? 29  MET A O   1 
ATOM   234  C CB  . MET A 1 29  ? 6.737   -1.795  8.404   1.00 11.37 ? 29  MET A CB  1 
ATOM   235  C CG  . MET A 1 29  ? 7.109   -0.365  8.822   1.00 12.41 ? 29  MET A CG  1 
ATOM   236  S SD  . MET A 1 29  ? 7.872   0.595   7.462   1.00 12.01 ? 29  MET A SD  1 
ATOM   237  C CE  . MET A 1 29  ? 9.335   -0.402  7.156   1.00 6.06  ? 29  MET A CE  1 
ATOM   238  N N   . CYS A 1 30  ? 4.840   -4.111  7.597   1.00 12.90 ? 30  CYS A N   1 
ATOM   239  C CA  . CYS A 1 30  ? 4.576   -5.503  7.321   1.00 10.51 ? 30  CYS A CA  1 
ATOM   240  C C   . CYS A 1 30  ? 3.863   -5.643  5.986   1.00 12.21 ? 30  CYS A C   1 
ATOM   241  O O   . CYS A 1 30  ? 4.301   -6.399  5.121   1.00 12.40 ? 30  CYS A O   1 
ATOM   242  C CB  . CYS A 1 30  ? 3.756   -6.097  8.441   1.00 9.64  ? 30  CYS A CB  1 
ATOM   243  S SG  . CYS A 1 30  ? 3.689   -7.889  8.290   1.00 12.31 ? 30  CYS A SG  1 
ATOM   244  N N   . LEU A 1 31  ? 2.798   -4.873  5.813   1.00 11.45 ? 31  LEU A N   1 
ATOM   245  C CA  . LEU A 1 31  ? 2.037   -4.870  4.588   1.00 12.08 ? 31  LEU A CA  1 
ATOM   246  C C   . LEU A 1 31  ? 2.942   -4.513  3.394   1.00 14.08 ? 31  LEU A C   1 
ATOM   247  O O   . LEU A 1 31  ? 3.085   -5.327  2.452   1.00 16.55 ? 31  LEU A O   1 
ATOM   248  C CB  . LEU A 1 31  ? 0.881   -3.865  4.689   1.00 11.28 ? 31  LEU A CB  1 
ATOM   249  C CG  . LEU A 1 31  ? -0.018  -3.610  3.466   1.00 10.68 ? 31  LEU A CG  1 
ATOM   250  C CD1 . LEU A 1 31  ? -0.698  -4.901  3.034   1.00 13.03 ? 31  LEU A CD1 1 
ATOM   251  C CD2 . LEU A 1 31  ? -1.076  -2.583  3.814   1.00 10.55 ? 31  LEU A CD2 1 
ATOM   252  N N   . ALA A 1 32  ? 3.569   -3.332  3.437   1.00 11.76 ? 32  ALA A N   1 
ATOM   253  C CA  . ALA A 1 32  ? 4.426   -2.884  2.336   1.00 12.03 ? 32  ALA A CA  1 
ATOM   254  C C   . ALA A 1 32  ? 5.560   -3.874  2.068   1.00 10.93 ? 32  ALA A C   1 
ATOM   255  O O   . ALA A 1 32  ? 5.929   -4.122  0.915   1.00 10.74 ? 32  ALA A O   1 
ATOM   256  C CB  . ALA A 1 32  ? 4.993   -1.464  2.620   1.00 14.00 ? 32  ALA A CB  1 
ATOM   257  N N   . LYS A 1 33  ? 6.088   -4.446  3.143   1.00 10.49 ? 33  LYS A N   1 
ATOM   258  C CA  . LYS A 1 33  ? 7.156   -5.427  3.040   1.00 11.18 ? 33  LYS A CA  1 
ATOM   259  C C   . LYS A 1 33  ? 6.711   -6.611  2.172   1.00 12.70 ? 33  LYS A C   1 
ATOM   260  O O   . LYS A 1 33  ? 7.350   -6.936  1.181   1.00 13.79 ? 33  LYS A O   1 
ATOM   261  C CB  . LYS A 1 33  ? 7.525   -5.940  4.426   1.00 9.55  ? 33  LYS A CB  1 
ATOM   262  C CG  . LYS A 1 33  ? 8.300   -7.256  4.440   1.00 12.16 ? 33  LYS A CG  1 
ATOM   263  C CD  . LYS A 1 33  ? 9.594   -7.212  3.631   1.00 10.95 ? 33  LYS A CD  1 
ATOM   264  C CE  . LYS A 1 33  ? 10.549  -8.311  4.094   1.00 12.63 ? 33  LYS A CE  1 
ATOM   265  N NZ  . LYS A 1 33  ? 12.014  -7.970  3.952   1.00 14.36 ? 33  LYS A NZ  1 
ATOM   266  N N   . TRP A 1 34  ? 5.583   -7.210  2.536   1.00 12.19 ? 34  TRP A N   1 
ATOM   267  C CA  . TRP A 1 34  ? 5.078   -8.369  1.843   1.00 12.46 ? 34  TRP A CA  1 
ATOM   268  C C   . TRP A 1 34  ? 4.362   -8.060  0.536   1.00 12.78 ? 34  TRP A C   1 
ATOM   269  O O   . TRP A 1 34  ? 4.263   -8.914  -0.324  1.00 15.88 ? 34  TRP A O   1 
ATOM   270  C CB  . TRP A 1 34  ? 4.276   -9.248  2.811   1.00 10.00 ? 34  TRP A CB  1 
ATOM   271  C CG  . TRP A 1 34  ? 5.166   -9.790  3.943   1.00 12.39 ? 34  TRP A CG  1 
ATOM   272  C CD1 . TRP A 1 34  ? 5.231   -9.324  5.241   1.00 13.23 ? 34  TRP A CD1 1 
ATOM   273  C CD2 . TRP A 1 34  ? 6.255   -10.726 3.815   1.00 13.30 ? 34  TRP A CD2 1 
ATOM   274  N NE1 . TRP A 1 34  ? 6.299   -9.873  5.893   1.00 12.21 ? 34  TRP A NE1 1 
ATOM   275  C CE2 . TRP A 1 34  ? 6.951   -10.732 5.047   1.00 13.24 ? 34  TRP A CE2 1 
ATOM   276  C CE3 . TRP A 1 34  ? 6.720   -11.544 2.772   1.00 16.88 ? 34  TRP A CE3 1 
ATOM   277  C CZ2 . TRP A 1 34  ? 8.092   -11.515 5.262   1.00 12.90 ? 34  TRP A CZ2 1 
ATOM   278  C CZ3 . TRP A 1 34  ? 7.866   -12.333 2.992   1.00 15.46 ? 34  TRP A CZ3 1 
ATOM   279  C CH2 . TRP A 1 34  ? 8.533   -12.302 4.228   1.00 13.40 ? 34  TRP A CH2 1 
ATOM   280  N N   . GLU A 1 35  ? 3.956   -6.817  0.329   1.00 13.91 ? 35  GLU A N   1 
ATOM   281  C CA  . GLU A 1 35  ? 3.296   -6.471  -0.926  1.00 12.72 ? 35  GLU A CA  1 
ATOM   282  C C   . GLU A 1 35  ? 4.265   -6.148  -2.073  1.00 11.94 ? 35  GLU A C   1 
ATOM   283  O O   . GLU A 1 35  ? 4.067   -6.601  -3.203  1.00 8.86  ? 35  GLU A O   1 
ATOM   284  C CB  . GLU A 1 35  ? 2.328   -5.302  -0.741  1.00 12.83 ? 35  GLU A CB  1 
ATOM   285  C CG  . GLU A 1 35  ? 1.141   -5.599  0.189   1.00 16.86 ? 35  GLU A CG  1 
ATOM   286  C CD  . GLU A 1 35  ? 0.120   -6.598  -0.365  1.00 17.88 ? 35  GLU A CD  1 
ATOM   287  O OE1 . GLU A 1 35  ? 0.151   -6.952  -1.564  1.00 19.15 ? 35  GLU A OE1 1 
ATOM   288  O OE2 . GLU A 1 35  ? -0.751  -7.013  0.421   1.00 21.49 ? 35  GLU A OE2 1 
ATOM   289  N N   . SER A 1 36  ? 5.300   -5.363  -1.784  1.00 11.55 ? 36  SER A N   1 
ATOM   290  C CA  . SER A 1 36  ? 6.250   -4.972  -2.825  1.00 11.67 ? 36  SER A CA  1 
ATOM   291  C C   . SER A 1 36  ? 7.699   -5.095  -2.411  1.00 11.14 ? 36  SER A C   1 
ATOM   292  O O   . SER A 1 36  ? 8.594   -4.798  -3.196  1.00 13.59 ? 36  SER A O   1 
ATOM   293  C CB  . SER A 1 36  ? 5.992   -3.516  -3.211  1.00 13.18 ? 36  SER A CB  1 
ATOM   294  O OG  . SER A 1 36  ? 6.146   -2.670  -2.068  1.00 14.82 ? 36  SER A OG  1 
ATOM   295  N N   . GLY A 1 37  ? 7.928   -5.527  -1.180  1.00 10.98 ? 37  GLY A N   1 
ATOM   296  C CA  . GLY A 1 37  ? 9.281   -5.610  -0.665  1.00 11.15 ? 37  GLY A CA  1 
ATOM   297  C C   . GLY A 1 37  ? 9.874   -4.212  -0.536  1.00 9.84  ? 37  GLY A C   1 
ATOM   298  O O   . GLY A 1 37  ? 11.097  -4.063  -0.488  1.00 11.90 ? 37  GLY A O   1 
ATOM   299  N N   . TYR A 1 38  ? 9.008   -3.198  -0.465  1.00 8.32  ? 38  TYR A N   1 
ATOM   300  C CA  . TYR A 1 38  ? 9.395   -1.779  -0.363  1.00 8.41  ? 38  TYR A CA  1 
ATOM   301  C C   . TYR A 1 38  ? 9.787   -1.148  -1.715  1.00 8.67  ? 38  TYR A C   1 
ATOM   302  O O   . TYR A 1 38  ? 10.525  -0.162  -1.733  1.00 9.25  ? 38  TYR A O   1 
ATOM   303  C CB  . TYR A 1 38  ? 10.551  -1.550  0.637   1.00 4.91  ? 38  TYR A CB  1 
ATOM   304  C CG  . TYR A 1 38  ? 10.371  -2.164  2.003   1.00 5.86  ? 38  TYR A CG  1 
ATOM   305  C CD1 . TYR A 1 38  ? 9.128   -2.193  2.623   1.00 3.80  ? 38  TYR A CD1 1 
ATOM   306  C CD2 . TYR A 1 38  ? 11.461  -2.681  2.701   1.00 3.57  ? 38  TYR A CD2 1 
ATOM   307  C CE1 . TYR A 1 38  ? 8.987   -2.705  3.894   1.00 5.41  ? 38  TYR A CE1 1 
ATOM   308  C CE2 . TYR A 1 38  ? 11.317  -3.199  3.979   1.00 4.03  ? 38  TYR A CE2 1 
ATOM   309  C CZ  . TYR A 1 38  ? 10.081  -3.200  4.566   1.00 3.73  ? 38  TYR A CZ  1 
ATOM   310  O OH  . TYR A 1 38  ? 9.920   -3.675  5.833   1.00 5.73  ? 38  TYR A OH  1 
ATOM   311  N N   . ASN A 1 39  ? 9.297   -1.686  -2.829  1.00 8.76  ? 39  ASN A N   1 
ATOM   312  C CA  . ASN A 1 39  ? 9.633   -1.140  -4.150  1.00 11.00 ? 39  ASN A CA  1 
ATOM   313  C C   . ASN A 1 39  ? 8.443   -0.406  -4.795  1.00 11.73 ? 39  ASN A C   1 
ATOM   314  O O   . ASN A 1 39  ? 7.383   -0.995  -5.059  1.00 12.34 ? 39  ASN A O   1 
ATOM   315  C CB  . ASN A 1 39  ? 10.178  -2.251  -5.069  1.00 13.26 ? 39  ASN A CB  1 
ATOM   316  C CG  . ASN A 1 39  ? 10.449  -1.775  -6.530  1.00 16.40 ? 39  ASN A CG  1 
ATOM   317  O OD1 . ASN A 1 39  ? 10.661  -0.582  -6.812  1.00 16.37 ? 39  ASN A OD1 1 
ATOM   318  N ND2 . ASN A 1 39  ? 10.461  -2.738  -7.458  1.00 16.32 ? 39  ASN A ND2 1 
ATOM   319  N N   . THR A 1 40  ? 8.647   0.882   -5.079  1.00 12.47 ? 40  THR A N   1 
ATOM   320  C CA  . THR A 1 40  ? 7.624   1.727   -5.678  1.00 10.86 ? 40  THR A CA  1 
ATOM   321  C C   . THR A 1 40  ? 7.240   1.324   -7.105  1.00 10.56 ? 40  THR A C   1 
ATOM   322  O O   . THR A 1 40  ? 6.099   1.547   -7.497  1.00 10.18 ? 40  THR A O   1 
ATOM   323  C CB  . THR A 1 40  ? 7.995   3.258   -5.625  1.00 11.97 ? 40  THR A CB  1 
ATOM   324  O OG1 . THR A 1 40  ? 9.063   3.559   -6.533  1.00 12.39 ? 40  THR A OG1 1 
ATOM   325  C CG2 . THR A 1 40  ? 8.391   3.661   -4.225  1.00 11.76 ? 40  THR A CG2 1 
ATOM   326  N N   . ARG A 1 41  ? 8.192   0.759   -7.863  1.00 10.80 ? 41  ARG A N   1 
ATOM   327  C CA  . ARG A 1 41  ? 7.953   0.302   -9.253  1.00 12.95 ? 41  ARG A CA  1 
ATOM   328  C C   . ARG A 1 41  ? 7.028   -0.917  -9.353  1.00 12.27 ? 41  ARG A C   1 
ATOM   329  O O   . ARG A 1 41  ? 6.376   -1.104  -10.374 1.00 14.92 ? 41  ARG A O   1 
ATOM   330  C CB  . ARG A 1 41  ? 9.260   -0.074  -9.976  1.00 11.67 ? 41  ARG A CB  1 
ATOM   331  C CG  . ARG A 1 41  ? 10.360  0.978   -9.990  1.00 15.18 ? 41  ARG A CG  1 
ATOM   332  C CD  . ARG A 1 41  ? 11.457  0.670   -11.036 1.00 16.36 ? 41  ARG A CD  1 
ATOM   333  N NE  . ARG A 1 41  ? 11.233  1.424   -12.284 1.00 20.87 ? 41  ARG A NE  1 
ATOM   334  C CZ  . ARG A 1 41  ? 10.775  0.906   -13.432 1.00 21.44 ? 41  ARG A CZ  1 
ATOM   335  N NH1 . ARG A 1 41  ? 10.492  -0.396  -13.523 1.00 20.55 ? 41  ARG A NH1 1 
ATOM   336  N NH2 . ARG A 1 41  ? 10.537  1.711   -14.473 1.00 20.33 ? 41  ARG A NH2 1 
ATOM   337  N N   . ALA A 1 42  ? 7.028   -1.752  -8.312  1.00 13.74 ? 42  ALA A N   1 
ATOM   338  C CA  . ALA A 1 42  ? 6.229   -2.985  -8.235  1.00 15.67 ? 42  ALA A CA  1 
ATOM   339  C C   . ALA A 1 42  ? 4.858   -2.952  -8.939  1.00 17.67 ? 42  ALA A C   1 
ATOM   340  O O   . ALA A 1 42  ? 3.939   -2.226  -8.518  1.00 18.72 ? 42  ALA A O   1 
ATOM   341  C CB  . ALA A 1 42  ? 6.060   -3.425  -6.774  1.00 15.08 ? 42  ALA A CB  1 
ATOM   342  N N   . THR A 1 43  ? 4.727   -3.798  -9.963  1.00 17.87 ? 43  THR A N   1 
ATOM   343  C CA  . THR A 1 43  ? 3.520   -3.915  -10.787 1.00 17.80 ? 43  THR A CA  1 
ATOM   344  C C   . THR A 1 43  ? 3.179   -5.399  -10.957 1.00 18.02 ? 43  THR A C   1 
ATOM   345  O O   . THR A 1 43  ? 4.021   -6.181  -11.446 1.00 18.20 ? 43  THR A O   1 
ATOM   346  C CB  . THR A 1 43  ? 3.777   -3.293  -12.178 1.00 18.44 ? 43  THR A CB  1 
ATOM   347  O OG1 . THR A 1 43  ? 5.047   -3.746  -12.674 1.00 17.37 ? 43  THR A OG1 1 
ATOM   348  C CG2 . THR A 1 43  ? 3.804   -1.775  -12.088 1.00 17.67 ? 43  THR A CG2 1 
ATOM   349  N N   . ASN A 1 44  ? 1.956   -5.770  -10.555 1.00 17.49 ? 44  ASN A N   1 
ATOM   350  C CA  . ASN A 1 44  ? 1.467   -7.158  -10.616 1.00 17.38 ? 44  ASN A CA  1 
ATOM   351  C C   . ASN A 1 44  ? 0.129   -7.359  -11.357 1.00 16.94 ? 44  ASN A C   1 
ATOM   352  O O   . ASN A 1 44  ? -0.951  -7.113  -10.797 1.00 15.36 ? 44  ASN A O   1 
ATOM   353  C CB  . ASN A 1 44  ? 1.325   -7.730  -9.197  1.00 19.18 ? 44  ASN A CB  1 
ATOM   354  C CG  . ASN A 1 44  ? 0.622   -9.096  -9.181  1.00 22.47 ? 44  ASN A CG  1 
ATOM   355  O OD1 . ASN A 1 44  ? 1.088   -10.071 -9.807  1.00 20.90 ? 44  ASN A OD1 1 
ATOM   356  N ND2 . ASN A 1 44  ? -0.491  -9.176  -8.449  1.00 23.22 ? 44  ASN A ND2 1 
ATOM   357  N N   . TYR A 1 45  ? 0.209   -7.876  -12.580 1.00 15.86 ? 45  TYR A N   1 
ATOM   358  C CA  . TYR A 1 45  ? -0.972  -8.128  -13.387 1.00 14.80 ? 45  TYR A CA  1 
ATOM   359  C C   . TYR A 1 45  ? -1.780  -9.329  -12.855 1.00 16.09 ? 45  TYR A C   1 
ATOM   360  O O   . TYR A 1 45  ? -1.203  -10.323 -12.416 1.00 17.36 ? 45  TYR A O   1 
ATOM   361  C CB  . TYR A 1 45  ? -0.546  -8.378  -14.820 1.00 14.61 ? 45  TYR A CB  1 
ATOM   362  C CG  . TYR A 1 45  ? -1.708  -8.607  -15.746 1.00 16.28 ? 45  TYR A CG  1 
ATOM   363  C CD1 . TYR A 1 45  ? -2.615  -7.582  -15.998 1.00 15.97 ? 45  TYR A CD1 1 
ATOM   364  C CD2 . TYR A 1 45  ? -1.912  -9.855  -16.369 1.00 15.65 ? 45  TYR A CD2 1 
ATOM   365  C CE1 . TYR A 1 45  ? -3.701  -7.774  -16.837 1.00 18.31 ? 45  TYR A CE1 1 
ATOM   366  C CE2 . TYR A 1 45  ? -2.996  -10.055 -17.216 1.00 16.98 ? 45  TYR A CE2 1 
ATOM   367  C CZ  . TYR A 1 45  ? -3.886  -9.009  -17.437 1.00 16.50 ? 45  TYR A CZ  1 
ATOM   368  O OH  . TYR A 1 45  ? -4.999  -9.185  -18.200 1.00 20.92 ? 45  TYR A OH  1 
ATOM   369  N N   . ASN A 1 46  ? -3.104  -9.264  -12.936 1.00 14.13 ? 46  ASN A N   1 
ATOM   370  C CA  . ASN A 1 46  ? -3.940  -10.355 -12.440 1.00 16.72 ? 46  ASN A CA  1 
ATOM   371  C C   . ASN A 1 46  ? -4.765  -10.961 -13.584 1.00 17.60 ? 46  ASN A C   1 
ATOM   372  O O   . ASN A 1 46  ? -5.993  -10.829 -13.627 1.00 18.98 ? 46  ASN A O   1 
ATOM   373  C CB  . ASN A 1 46  ? -4.881  -9.874  -11.315 1.00 17.00 ? 46  ASN A CB  1 
ATOM   374  C CG  . ASN A 1 46  ? -4.136  -9.260  -10.118 1.00 17.16 ? 46  ASN A CG  1 
ATOM   375  O OD1 . ASN A 1 46  ? -3.355  -9.932  -9.414  1.00 16.77 ? 46  ASN A OD1 1 
ATOM   376  N ND2 . ASN A 1 46  ? -4.413  -7.986  -9.857  1.00 16.92 ? 46  ASN A ND2 1 
ATOM   377  N N   . ALA A 1 47  ? -4.071  -11.660 -14.479 1.00 17.56 ? 47  ALA A N   1 
ATOM   378  C CA  . ALA A 1 47  ? -4.658  -12.299 -15.667 1.00 17.62 ? 47  ALA A CA  1 
ATOM   379  C C   . ALA A 1 47  ? -6.122  -12.757 -15.578 1.00 16.83 ? 47  ALA A C   1 
ATOM   380  O O   . ALA A 1 47  ? -6.911  -12.524 -16.508 1.00 15.99 ? 47  ALA A O   1 
ATOM   381  C CB  . ALA A 1 47  ? -3.771  -13.454 -16.119 1.00 16.04 ? 47  ALA A CB  1 
ATOM   382  N N   . GLY A 1 48  ? -6.468  -13.371 -14.441 1.00 16.78 ? 48  GLY A N   1 
ATOM   383  C CA  . GLY A 1 48  ? -7.808  -13.870 -14.222 1.00 16.41 ? 48  GLY A CA  1 
ATOM   384  C C   . GLY A 1 48  ? -8.872  -12.805 -14.339 1.00 16.15 ? 48  GLY A C   1 
ATOM   385  O O   . GLY A 1 48  ? -9.775  -12.897 -15.166 1.00 16.03 ? 48  GLY A O   1 
ATOM   386  N N   . ASP A 1 49  ? -8.807  -11.812 -13.469 1.00 13.77 ? 49  ASP A N   1 
ATOM   387  C CA  . ASP A 1 49  ? -9.783  -10.734 -13.537 1.00 13.06 ? 49  ASP A CA  1 
ATOM   388  C C   . ASP A 1 49  ? -9.210  -9.536  -14.367 1.00 13.65 ? 49  ASP A C   1 
ATOM   389  O O   . ASP A 1 49  ? -9.841  -8.482  -14.509 1.00 11.74 ? 49  ASP A O   1 
ATOM   390  C CB  . ASP A 1 49  ? -10.089 -10.306 -12.132 1.00 13.79 ? 49  ASP A CB  1 
ATOM   391  C CG  . ASP A 1 49  ? -9.007  -9.463  -11.584 1.00 12.51 ? 49  ASP A CG  1 
ATOM   392  O OD1 . ASP A 1 49  ? -7.999  -9.982  -11.103 1.00 12.70 ? 49  ASP A OD1 1 
ATOM   393  O OD2 . ASP A 1 49  ? -9.141  -8.261  -11.750 1.00 15.25 ? 49  ASP A OD2 1 
ATOM   394  N N   . ARG A 1 50  ? -7.982  -9.706  -14.864 1.00 13.76 ? 50  ARG A N   1 
ATOM   395  C CA  . ARG A 1 50  ? -7.304  -8.698  -15.671 1.00 14.90 ? 50  ARG A CA  1 
ATOM   396  C C   . ARG A 1 50  ? -7.136  -7.309  -14.996 1.00 14.84 ? 50  ARG A C   1 
ATOM   397  O O   . ARG A 1 50  ? -7.365  -6.255  -15.603 1.00 15.28 ? 50  ARG A O   1 
ATOM   398  C CB  . ARG A 1 50  ? -7.977  -8.594  -17.039 1.00 15.09 ? 50  ARG A CB  1 
ATOM   399  C CG  . ARG A 1 50  ? -7.794  -9.880  -17.881 1.00 19.74 ? 50  ARG A CG  1 
ATOM   400  C CD  . ARG A 1 50  ? -8.549  -9.814  -19.182 1.00 14.90 ? 50  ARG A CD  1 
ATOM   401  N NE  . ARG A 1 50  ? -9.973  -10.045 -18.960 1.00 18.80 ? 50  ARG A NE  1 
ATOM   402  C CZ  . ARG A 1 50  ? -10.751 -10.728 -19.809 1.00 20.77 ? 50  ARG A CZ  1 
ATOM   403  N NH1 . ARG A 1 50  ? -10.226 -11.239 -20.923 1.00 23.50 ? 50  ARG A NH1 1 
ATOM   404  N NH2 . ARG A 1 50  ? -12.045 -10.907 -19.552 1.00 16.99 ? 50  ARG A NH2 1 
ATOM   405  N N   . SER A 1 51  ? -6.712  -7.323  -13.737 1.00 14.58 ? 51  SER A N   1 
ATOM   406  C CA  . SER A 1 51  ? -6.492  -6.086  -12.998 1.00 12.97 ? 51  SER A CA  1 
ATOM   407  C C   . SER A 1 51  ? -4.988  -5.961  -12.768 1.00 12.64 ? 51  SER A C   1 
ATOM   408  O O   . SER A 1 51  ? -4.225  -6.852  -13.133 1.00 13.78 ? 51  SER A O   1 
ATOM   409  C CB  . SER A 1 51  ? -7.241  -6.105  -11.655 1.00 9.68  ? 51  SER A CB  1 
ATOM   410  O OG  . SER A 1 51  ? -6.816  -7.186  -10.815 1.00 5.76  ? 51  SER A OG  1 
ATOM   411  N N   . THR A 1 52  ? -4.558  -4.854  -12.174 1.00 13.90 ? 52  THR A N   1 
ATOM   412  C CA  . THR A 1 52  ? -3.151  -4.674  -11.894 1.00 12.13 ? 52  THR A CA  1 
ATOM   413  C C   . THR A 1 52  ? -3.053  -4.027  -10.518 1.00 14.15 ? 52  THR A C   1 
ATOM   414  O O   . THR A 1 52  ? -3.929  -3.240  -10.106 1.00 15.44 ? 52  THR A O   1 
ATOM   415  C CB  . THR A 1 52  ? -2.431  -3.762  -12.970 1.00 12.72 ? 52  THR A CB  1 
ATOM   416  O OG1 . THR A 1 52  ? -2.957  -4.002  -14.279 1.00 11.03 ? 52  THR A OG1 1 
ATOM   417  C CG2 . THR A 1 52  ? -0.922  -4.035  -13.012 1.00 12.12 ? 52  THR A CG2 1 
ATOM   418  N N   . ASP A 1 53  ? -2.054  -4.480  -9.767  1.00 14.71 ? 53  ASP A N   1 
ATOM   419  C CA  . ASP A 1 53  ? -1.733  -3.957  -8.451  1.00 14.31 ? 53  ASP A CA  1 
ATOM   420  C C   . ASP A 1 53  ? -0.470  -3.053  -8.643  1.00 13.45 ? 53  ASP A C   1 
ATOM   421  O O   . ASP A 1 53  ? 0.546   -3.473  -9.224  1.00 12.02 ? 53  ASP A O   1 
ATOM   422  C CB  . ASP A 1 53  ? -1.497  -5.115  -7.488  1.00 15.06 ? 53  ASP A CB  1 
ATOM   423  C CG  . ASP A 1 53  ? -2.640  -6.134  -7.513  1.00 15.93 ? 53  ASP A CG  1 
ATOM   424  O OD1 . ASP A 1 53  ? -3.783  -5.755  -7.174  1.00 15.85 ? 53  ASP A OD1 1 
ATOM   425  O OD2 . ASP A 1 53  ? -2.394  -7.311  -7.880  1.00 18.40 ? 53  ASP A OD2 1 
ATOM   426  N N   . TYR A 1 54  ? -0.575  -1.809  -8.170  1.00 11.24 ? 54  TYR A N   1 
ATOM   427  C CA  . TYR A 1 54  ? 0.469   -0.806  -8.330  1.00 8.29  ? 54  TYR A CA  1 
ATOM   428  C C   . TYR A 1 54  ? 1.161   -0.262  -7.082  1.00 10.29 ? 54  TYR A C   1 
ATOM   429  O O   . TYR A 1 54  ? 0.511   0.045   -6.069  1.00 8.06  ? 54  TYR A O   1 
ATOM   430  C CB  . TYR A 1 54  ? -0.099  0.376   -9.103  1.00 5.70  ? 54  TYR A CB  1 
ATOM   431  C CG  . TYR A 1 54  ? -0.513  0.093   -10.540 1.00 4.40  ? 54  TYR A CG  1 
ATOM   432  C CD1 . TYR A 1 54  ? 0.425   0.150   -11.574 1.00 6.54  ? 54  TYR A CD1 1 
ATOM   433  C CD2 . TYR A 1 54  ? -1.856  -0.132  -10.878 1.00 5.11  ? 54  TYR A CD2 1 
ATOM   434  C CE1 . TYR A 1 54  ? 0.046   -0.001  -12.920 1.00 6.46  ? 54  TYR A CE1 1 
ATOM   435  C CE2 . TYR A 1 54  ? -2.267  -0.281  -12.230 1.00 7.85  ? 54  TYR A CE2 1 
ATOM   436  C CZ  . TYR A 1 54  ? -1.306  -0.207  -13.249 1.00 9.35  ? 54  TYR A CZ  1 
ATOM   437  O OH  . TYR A 1 54  ? -1.675  -0.258  -14.577 1.00 8.98  ? 54  TYR A OH  1 
ATOM   438  N N   . GLY A 1 55  ? 2.486   -0.108  -7.210  1.00 12.19 ? 55  GLY A N   1 
ATOM   439  C CA  . GLY A 1 55  ? 3.354   0.448   -6.181  1.00 11.31 ? 55  GLY A CA  1 
ATOM   440  C C   . GLY A 1 55  ? 3.703   -0.250  -4.873  1.00 14.02 ? 55  GLY A C   1 
ATOM   441  O O   . GLY A 1 55  ? 3.466   -1.438  -4.666  1.00 14.03 ? 55  GLY A O   1 
ATOM   442  N N   . ILE A 1 56  ? 4.242   0.544   -3.949  1.00 13.95 ? 56  ILE A N   1 
ATOM   443  C CA  . ILE A 1 56  ? 4.654   0.047   -2.648  1.00 13.76 ? 56  ILE A CA  1 
ATOM   444  C C   . ILE A 1 56  ? 3.520   -0.694  -1.924  1.00 12.36 ? 56  ILE A C   1 
ATOM   445  O O   . ILE A 1 56  ? 3.749   -1.723  -1.276  1.00 11.21 ? 56  ILE A O   1 
ATOM   446  C CB  . ILE A 1 56  ? 5.318   1.211   -1.766  1.00 15.09 ? 56  ILE A CB  1 
ATOM   447  C CG1 . ILE A 1 56  ? 6.650   0.720   -1.193  1.00 13.38 ? 56  ILE A CG1 1 
ATOM   448  C CG2 . ILE A 1 56  ? 4.382   1.712   -0.635  1.00 13.69 ? 56  ILE A CG2 1 
ATOM   449  C CD1 . ILE A 1 56  ? 7.298   1.669   -0.242  1.00 13.29 ? 56  ILE A CD1 1 
ATOM   450  N N   . PHE A 1 57  ? 2.296   -0.201  -2.045  1.00 10.67 ? 57  PHE A N   1 
ATOM   451  C CA  . PHE A 1 57  ? 1.201   -0.876  -1.364  1.00 12.80 ? 57  PHE A CA  1 
ATOM   452  C C   . PHE A 1 57  ? 0.407   -1.823  -2.279  1.00 13.10 ? 57  PHE A C   1 
ATOM   453  O O   . PHE A 1 57  ? -0.563  -2.459  -1.844  1.00 12.43 ? 57  PHE A O   1 
ATOM   454  C CB  . PHE A 1 57  ? 0.291   0.141   -0.666  1.00 12.18 ? 57  PHE A CB  1 
ATOM   455  C CG  . PHE A 1 57  ? 0.925   0.796   0.541   1.00 14.72 ? 57  PHE A CG  1 
ATOM   456  C CD1 . PHE A 1 57  ? 1.505   0.020   1.553   1.00 13.30 ? 57  PHE A CD1 1 
ATOM   457  C CD2 . PHE A 1 57  ? 0.947   2.190   0.668   1.00 14.19 ? 57  PHE A CD2 1 
ATOM   458  C CE1 . PHE A 1 57  ? 2.099   0.619   2.681   1.00 16.28 ? 57  PHE A CE1 1 
ATOM   459  C CE2 . PHE A 1 57  ? 1.539   2.795   1.789   1.00 16.79 ? 57  PHE A CE2 1 
ATOM   460  C CZ  . PHE A 1 57  ? 2.117   2.006   2.797   1.00 15.90 ? 57  PHE A CZ  1 
ATOM   461  N N   . GLN A 1 58  ? 0.850   -1.938  -3.531  1.00 13.74 ? 58  GLN A N   1 
ATOM   462  C CA  . GLN A 1 58  ? 0.196   -2.803  -4.528  1.00 13.38 ? 58  GLN A CA  1 
ATOM   463  C C   . GLN A 1 58  ? -1.329  -2.538  -4.652  1.00 11.63 ? 58  GLN A C   1 
ATOM   464  O O   . GLN A 1 58  ? -2.162  -3.450  -4.550  1.00 11.23 ? 58  GLN A O   1 
ATOM   465  C CB  . GLN A 1 58  ? 0.513   -4.289  -4.246  1.00 11.00 ? 58  GLN A CB  1 
ATOM   466  C CG  . GLN A 1 58  ? 1.910   -4.745  -4.685  1.00 13.14 ? 58  GLN A CG  1 
ATOM   467  C CD  . GLN A 1 58  ? 2.109   -4.744  -6.220  1.00 15.53 ? 58  GLN A CD  1 
ATOM   468  O OE1 . GLN A 1 58  ? 1.565   -5.582  -6.930  1.00 17.09 ? 58  GLN A OE1 1 
ATOM   469  N NE2 . GLN A 1 58  ? 2.901   -3.814  -6.718  1.00 16.06 ? 58  GLN A NE2 1 
ATOM   470  N N   . ILE A 1 59  ? -1.656  -1.272  -4.890  1.00 10.88 ? 59  ILE A N   1 
ATOM   471  C CA  . ILE A 1 59  ? -3.024  -0.791  -5.054  1.00 12.32 ? 59  ILE A CA  1 
ATOM   472  C C   . ILE A 1 59  ? -3.632  -1.247  -6.410  1.00 11.30 ? 59  ILE A C   1 
ATOM   473  O O   . ILE A 1 59  ? -3.052  -1.063  -7.478  1.00 9.99  ? 59  ILE A O   1 
ATOM   474  C CB  . ILE A 1 59  ? -3.059  0.755   -4.966  1.00 14.02 ? 59  ILE A CB  1 
ATOM   475  C CG1 . ILE A 1 59  ? -2.256  1.249   -3.737  1.00 15.26 ? 59  ILE A CG1 1 
ATOM   476  C CG2 . ILE A 1 59  ? -4.512  1.245   -4.970  1.00 14.38 ? 59  ILE A CG2 1 
ATOM   477  C CD1 . ILE A 1 59  ? -2.892  1.008   -2.360  1.00 14.84 ? 59  ILE A CD1 1 
ATOM   478  N N   . ASN A 1 60  ? -4.834  -1.809  -6.339  1.00 12.86 ? 60  ASN A N   1 
ATOM   479  C CA  . ASN A 1 60  ? -5.525  -2.379  -7.499  1.00 10.19 ? 60  ASN A CA  1 
ATOM   480  C C   . ASN A 1 60  ? -6.270  -1.367  -8.356  1.00 10.11 ? 60  ASN A C   1 
ATOM   481  O O   . ASN A 1 60  ? -7.093  -0.593  -7.852  1.00 9.15  ? 60  ASN A O   1 
ATOM   482  C CB  . ASN A 1 60  ? -6.461  -3.500  -7.021  1.00 9.83  ? 60  ASN A CB  1 
ATOM   483  C CG  . ASN A 1 60  ? -6.958  -4.378  -8.153  1.00 7.23  ? 60  ASN A CG  1 
ATOM   484  O OD1 . ASN A 1 60  ? -8.092  -4.253  -8.577  1.00 11.66 ? 60  ASN A OD1 1 
ATOM   485  N ND2 . ASN A 1 60  ? -6.105  -5.241  -8.660  1.00 7.51  ? 60  ASN A ND2 1 
ATOM   486  N N   . SER A 1 61  ? -6.051  -1.453  -9.670  1.00 10.99 ? 61  SER A N   1 
ATOM   487  C CA  . SER A 1 61  ? -6.664  -0.535  -10.622 1.00 10.86 ? 61  SER A CA  1 
ATOM   488  C C   . SER A 1 61  ? -8.167  -0.655  -10.848 1.00 12.93 ? 61  SER A C   1 
ATOM   489  O O   . SER A 1 61  ? -8.744  0.152   -11.573 1.00 13.50 ? 61  SER A O   1 
ATOM   490  C CB  . SER A 1 61  ? -5.925  -0.597  -11.947 1.00 10.91 ? 61  SER A CB  1 
ATOM   491  O OG  . SER A 1 61  ? -5.771  -1.943  -12.358 1.00 11.43 ? 61  SER A OG  1 
ATOM   492  N N   . ARG A 1 62  ? -8.813  -1.655  -10.243 1.00 14.51 ? 62  ARG A N   1 
ATOM   493  C CA  . ARG A 1 62  ? -10.255 -1.798  -10.407 1.00 12.21 ? 62  ARG A CA  1 
ATOM   494  C C   . ARG A 1 62  ? -10.986 -0.900  -9.455  1.00 12.19 ? 62  ARG A C   1 
ATOM   495  O O   . ARG A 1 62  ? -11.954 -0.244  -9.855  1.00 13.09 ? 62  ARG A O   1 
ATOM   496  C CB  . ARG A 1 62  ? -10.728 -3.253  -10.221 1.00 12.68 ? 62  ARG A CB  1 
ATOM   497  C CG  . ARG A 1 62  ? -12.259 -3.418  -10.319 1.00 11.47 ? 62  ARG A CG  1 
ATOM   498  C CD  . ARG A 1 62  ? -12.663 -4.813  -10.736 1.00 11.65 ? 62  ARG A CD  1 
ATOM   499  N NE  . ARG A 1 62  ? -12.316 -5.056  -12.136 1.00 13.87 ? 62  ARG A NE  1 
ATOM   500  C CZ  . ARG A 1 62  ? -11.653 -6.124  -12.554 1.00 15.19 ? 62  ARG A CZ  1 
ATOM   501  N NH1 . ARG A 1 62  ? -11.277 -7.034  -11.675 1.00 16.52 ? 62  ARG A NH1 1 
ATOM   502  N NH2 . ARG A 1 62  ? -11.317 -6.266  -13.829 1.00 15.05 ? 62  ARG A NH2 1 
ATOM   503  N N   . TYR A 1 63  ? -10.487 -0.819  -8.224  1.00 12.80 ? 63  TYR A N   1 
ATOM   504  C CA  . TYR A 1 63  ? -11.136 -0.015  -7.183  1.00 15.87 ? 63  TYR A CA  1 
ATOM   505  C C   . TYR A 1 63  ? -10.588 1.376   -6.779  1.00 16.56 ? 63  TYR A C   1 
ATOM   506  O O   . TYR A 1 63  ? -11.376 2.255   -6.395  1.00 18.07 ? 63  TYR A O   1 
ATOM   507  C CB  . TYR A 1 63  ? -11.282 -0.846  -5.901  1.00 14.72 ? 63  TYR A CB  1 
ATOM   508  C CG  . TYR A 1 63  ? -11.998 -2.153  -6.115  1.00 17.32 ? 63  TYR A CG  1 
ATOM   509  C CD1 . TYR A 1 63  ? -13.387 -2.225  -6.077  1.00 17.98 ? 63  TYR A CD1 1 
ATOM   510  C CD2 . TYR A 1 63  ? -11.287 -3.308  -6.443  1.00 18.07 ? 63  TYR A CD2 1 
ATOM   511  C CE1 . TYR A 1 63  ? -14.065 -3.432  -6.386  1.00 19.78 ? 63  TYR A CE1 1 
ATOM   512  C CE2 . TYR A 1 63  ? -11.940 -4.511  -6.737  1.00 19.17 ? 63  TYR A CE2 1 
ATOM   513  C CZ  . TYR A 1 63  ? -13.328 -4.560  -6.710  1.00 18.51 ? 63  TYR A CZ  1 
ATOM   514  O OH  . TYR A 1 63  ? -13.962 -5.739  -7.002  1.00 20.91 ? 63  TYR A OH  1 
ATOM   515  N N   . TRP A 1 64  ? -9.279  1.607   -6.873  1.00 16.65 ? 64  TRP A N   1 
ATOM   516  C CA  . TRP A 1 64  ? -8.743  2.871   -6.375  1.00 16.68 ? 64  TRP A CA  1 
ATOM   517  C C   . TRP A 1 64  ? -7.994  3.780   -7.340  1.00 18.36 ? 64  TRP A C   1 
ATOM   518  O O   . TRP A 1 64  ? -7.856  4.998   -7.077  1.00 18.17 ? 64  TRP A O   1 
ATOM   519  C CB  . TRP A 1 64  ? -7.894  2.582   -5.129  1.00 13.57 ? 64  TRP A CB  1 
ATOM   520  C CG  . TRP A 1 64  ? -8.553  1.540   -4.263  1.00 13.65 ? 64  TRP A CG  1 
ATOM   521  C CD1 . TRP A 1 64  ? -8.261  0.206   -4.227  1.00 12.64 ? 64  TRP A CD1 1 
ATOM   522  C CD2 . TRP A 1 64  ? -9.679  1.731   -3.365  1.00 14.84 ? 64  TRP A CD2 1 
ATOM   523  N NE1 . TRP A 1 64  ? -9.126  -0.446  -3.377  1.00 15.01 ? 64  TRP A NE1 1 
ATOM   524  C CE2 . TRP A 1 64  ? -10.001 0.460   -2.826  1.00 12.17 ? 64  TRP A CE2 1 
ATOM   525  C CE3 . TRP A 1 64  ? -10.436 2.853   -2.955  1.00 14.22 ? 64  TRP A CE3 1 
ATOM   526  C CZ2 . TRP A 1 64  ? -11.041 0.276   -1.893  1.00 8.95  ? 64  TRP A CZ2 1 
ATOM   527  C CZ3 . TRP A 1 64  ? -11.479 2.662   -2.016  1.00 12.16 ? 64  TRP A CZ3 1 
ATOM   528  C CH2 . TRP A 1 64  ? -11.761 1.386   -1.503  1.00 12.16 ? 64  TRP A CH2 1 
ATOM   529  N N   . CYS A 1 65  ? -7.514  3.211   -8.449  1.00 19.47 ? 65  CYS A N   1 
ATOM   530  C CA  . CYS A 1 65  ? -6.800  4.018   -9.449  1.00 18.97 ? 65  CYS A CA  1 
ATOM   531  C C   . CYS A 1 65  ? -7.131  3.484   -10.841 1.00 19.39 ? 65  CYS A C   1 
ATOM   532  O O   . CYS A 1 65  ? -7.400  2.288   -11.007 1.00 20.46 ? 65  CYS A O   1 
ATOM   533  C CB  . CYS A 1 65  ? -5.282  3.947   -9.241  1.00 14.62 ? 65  CYS A CB  1 
ATOM   534  S SG  . CYS A 1 65  ? -4.531  2.358   -9.731  1.00 14.44 ? 65  CYS A SG  1 
ATOM   535  N N   . ASN A 1 66  ? -7.069  4.338   -11.848 1.00 16.87 ? 66  ASN A N   1 
ATOM   536  C CA  . ASN A 1 66  ? -7.369  3.826   -13.146 1.00 17.24 ? 66  ASN A CA  1 
ATOM   537  C C   . ASN A 1 66  ? -6.294  3.937   -14.210 1.00 15.96 ? 66  ASN A C   1 
ATOM   538  O O   . ASN A 1 66  ? -5.623  4.970   -14.346 1.00 13.97 ? 66  ASN A O   1 
ATOM   539  C CB  . ASN A 1 66  ? -8.735  4.322   -13.626 1.00 21.50 ? 66  ASN A CB  1 
ATOM   540  C CG  . ASN A 1 66  ? -8.792  5.818   -13.819 1.00 21.84 ? 66  ASN A CG  1 
ATOM   541  O OD1 . ASN A 1 66  ? -8.155  6.371   -14.739 1.00 23.47 ? 66  ASN A OD1 1 
ATOM   542  N ND2 . ASN A 1 66  ? -9.631  6.480   -13.018 1.00 18.92 ? 66  ASN A ND2 1 
ATOM   543  N N   . ASP A 1 67  ? -6.091  2.798   -14.885 1.00 16.41 ? 67  ASP A N   1 
ATOM   544  C CA  . ASP A 1 67  ? -5.134  2.620   -15.983 1.00 14.44 ? 67  ASP A CA  1 
ATOM   545  C C   . ASP A 1 67  ? -5.832  2.486   -17.361 1.00 14.45 ? 67  ASP A C   1 
ATOM   546  O O   . ASP A 1 67  ? -5.187  2.266   -18.392 1.00 11.94 ? 67  ASP A O   1 
ATOM   547  C CB  . ASP A 1 67  ? -4.202  1.415   -15.719 1.00 14.47 ? 67  ASP A CB  1 
ATOM   548  C CG  . ASP A 1 67  ? -4.958  0.128   -15.351 1.00 16.90 ? 67  ASP A CG  1 
ATOM   549  O OD1 . ASP A 1 67  ? -6.134  -0.047  -15.744 1.00 17.96 ? 67  ASP A OD1 1 
ATOM   550  O OD2 . ASP A 1 67  ? -4.359  -0.743  -14.688 1.00 17.68 ? 67  ASP A OD2 1 
ATOM   551  N N   . GLY A 1 68  ? -7.148  2.661   -17.388 1.00 13.68 ? 68  GLY A N   1 
ATOM   552  C CA  . GLY A 1 68  ? -7.853  2.543   -18.649 1.00 14.79 ? 68  GLY A CA  1 
ATOM   553  C C   . GLY A 1 68  ? -8.014  1.118   -19.200 1.00 15.94 ? 68  GLY A C   1 
ATOM   554  O O   . GLY A 1 68  ? -9.017  0.814   -19.848 1.00 17.79 ? 68  GLY A O   1 
ATOM   555  N N   . LYS A 1 69  ? -7.048  0.236   -18.974 1.00 16.05 ? 69  LYS A N   1 
ATOM   556  C CA  . LYS A 1 69  ? -7.164  -1.111  -19.503 1.00 15.51 ? 69  LYS A CA  1 
ATOM   557  C C   . LYS A 1 69  ? -8.079  -2.046  -18.691 1.00 16.59 ? 69  LYS A C   1 
ATOM   558  O O   . LYS A 1 69  ? -8.733  -2.937  -19.252 1.00 19.43 ? 69  LYS A O   1 
ATOM   559  C CB  . LYS A 1 69  ? -5.773  -1.730  -19.687 1.00 13.35 ? 69  LYS A CB  1 
ATOM   560  C CG  . LYS A 1 69  ? -4.945  -1.748  -18.407 1.00 9.75  ? 69  LYS A CG  1 
ATOM   561  C CD  . LYS A 1 69  ? -3.984  -2.905  -18.358 1.00 9.93  ? 69  LYS A CD  1 
ATOM   562  C CE  . LYS A 1 69  ? -2.761  -2.721  -19.246 1.00 12.67 ? 69  LYS A CE  1 
ATOM   563  N NZ  . LYS A 1 69  ? -2.997  -2.039  -20.570 1.00 15.50 ? 69  LYS A NZ  1 
ATOM   564  N N   . THR A 1 70  ? -8.175  -1.817  -17.389 1.00 17.10 ? 70  THR A N   1 
ATOM   565  C CA  . THR A 1 70  ? -8.978  -2.665  -16.522 1.00 15.84 ? 70  THR A CA  1 
ATOM   566  C C   . THR A 1 70  ? -10.470 -2.758  -16.814 1.00 17.18 ? 70  THR A C   1 
ATOM   567  O O   . THR A 1 70  ? -11.178 -1.752  -16.855 1.00 16.87 ? 70  THR A O   1 
ATOM   568  C CB  . THR A 1 70  ? -8.730  -2.321  -15.021 1.00 16.14 ? 70  THR A CB  1 
ATOM   569  O OG1 . THR A 1 70  ? -7.344  -2.565  -14.719 1.00 17.46 ? 70  THR A OG1 1 
ATOM   570  C CG2 . THR A 1 70  ? -9.587  -3.175  -14.093 1.00 12.19 ? 70  THR A CG2 1 
ATOM   571  N N   . PRO A 1 71  ? -10.965 -3.996  -17.007 1.00 17.83 ? 71  PRO A N   1 
ATOM   572  C CA  . PRO A 1 71  ? -12.389 -4.248  -17.287 1.00 18.19 ? 71  PRO A CA  1 
ATOM   573  C C   . PRO A 1 71  ? -13.198 -3.977  -15.998 1.00 17.92 ? 71  PRO A C   1 
ATOM   574  O O   . PRO A 1 71  ? -12.687 -4.165  -14.886 1.00 17.70 ? 71  PRO A O   1 
ATOM   575  C CB  . PRO A 1 71  ? -12.399 -5.733  -17.689 1.00 17.75 ? 71  PRO A CB  1 
ATOM   576  C CG  . PRO A 1 71  ? -11.275 -6.322  -16.828 1.00 17.44 ? 71  PRO A CG  1 
ATOM   577  C CD  . PRO A 1 71  ? -10.190 -5.255  -16.952 1.00 18.01 ? 71  PRO A CD  1 
ATOM   578  N N   . GLY A 1 72  ? -14.434 -3.513  -16.155 1.00 17.06 ? 72  GLY A N   1 
ATOM   579  C CA  . GLY A 1 72  ? -15.272 -3.194  -15.011 1.00 18.58 ? 72  GLY A CA  1 
ATOM   580  C C   . GLY A 1 72  ? -14.491 -2.351  -14.016 1.00 18.43 ? 72  GLY A C   1 
ATOM   581  O O   . GLY A 1 72  ? -14.139 -2.843  -12.945 1.00 18.92 ? 72  GLY A O   1 
ATOM   582  N N   . ALA A 1 73  ? -14.282 -1.070  -14.320 1.00 21.45 ? 73  ALA A N   1 
ATOM   583  C CA  . ALA A 1 73  ? -13.482 -0.228  -13.440 1.00 22.67 ? 73  ALA A CA  1 
ATOM   584  C C   . ALA A 1 73  ? -13.890 1.230   -13.232 1.00 24.03 ? 73  ALA A C   1 
ATOM   585  O O   . ALA A 1 73  ? -14.721 1.792   -13.975 1.00 24.62 ? 73  ALA A O   1 
ATOM   586  C CB  . ALA A 1 73  ? -12.022 -0.286  -13.893 1.00 23.47 ? 73  ALA A CB  1 
ATOM   587  N N   . VAL A 1 74  ? -13.248 1.832   -12.219 1.00 25.00 ? 74  VAL A N   1 
ATOM   588  C CA  . VAL A 1 74  ? -13.431 3.233   -11.798 1.00 23.58 ? 74  VAL A CA  1 
ATOM   589  C C   . VAL A 1 74  ? -13.077 4.251   -12.919 1.00 23.85 ? 74  VAL A C   1 
ATOM   590  O O   . VAL A 1 74  ? -12.013 4.165   -13.554 1.00 21.81 ? 74  VAL A O   1 
ATOM   591  C CB  . VAL A 1 74  ? -12.583 3.525   -10.520 1.00 23.47 ? 74  VAL A CB  1 
ATOM   592  C CG1 . VAL A 1 74  ? -13.361 3.097   -9.262  1.00 22.28 ? 74  VAL A CG1 1 
ATOM   593  C CG2 . VAL A 1 74  ? -11.206 2.774   -10.599 1.00 20.66 ? 74  VAL A CG2 1 
ATOM   594  N N   . ASN A 1 75  ? -13.966 5.220   -13.139 1.00 24.43 ? 75  ASN A N   1 
ATOM   595  C CA  . ASN A 1 75  ? -13.763 6.211   -14.208 1.00 24.87 ? 75  ASN A CA  1 
ATOM   596  C C   . ASN A 1 75  ? -12.491 7.069   -14.157 1.00 24.06 ? 75  ASN A C   1 
ATOM   597  O O   . ASN A 1 75  ? -11.890 7.247   -13.085 1.00 22.85 ? 75  ASN A O   1 
ATOM   598  C CB  . ASN A 1 75  ? -15.020 7.104   -14.414 1.00 23.64 ? 75  ASN A CB  1 
ATOM   599  C CG  . ASN A 1 75  ? -15.395 7.961   -13.181 1.00 25.49 ? 75  ASN A CG  1 
ATOM   600  O OD1 . ASN A 1 75  ? -16.562 8.396   -13.076 1.00 23.01 ? 75  ASN A OD1 1 
ATOM   601  N ND2 . ASN A 1 75  ? -14.418 8.245   -12.273 1.00 23.15 ? 75  ASN A ND2 1 
ATOM   602  N N   . ALA A 1 76  ? -12.080 7.540   -15.339 1.00 23.46 ? 76  ALA A N   1 
ATOM   603  C CA  . ALA A 1 76  ? -10.909 8.407   -15.527 1.00 24.46 ? 76  ALA A CA  1 
ATOM   604  C C   . ALA A 1 76  ? -11.196 9.864   -15.053 1.00 24.93 ? 76  ALA A C   1 
ATOM   605  O O   . ALA A 1 76  ? -11.058 10.844  -15.813 1.00 25.07 ? 76  ALA A O   1 
ATOM   606  C CB  . ALA A 1 76  ? -10.469 8.392   -17.003 1.00 23.68 ? 76  ALA A CB  1 
ATOM   607  N N   . ALA A 1 77  ? -11.721 9.945   -13.828 1.00 24.26 ? 77  ALA A N   1 
ATOM   608  C CA  . ALA A 1 77  ? -12.043 11.185  -13.117 1.00 22.54 ? 77  ALA A CA  1 
ATOM   609  C C   . ALA A 1 77  ? -11.193 11.061  -11.827 1.00 22.55 ? 77  ALA A C   1 
ATOM   610  O O   . ALA A 1 77  ? -10.798 12.055  -11.183 1.00 21.58 ? 77  ALA A O   1 
ATOM   611  C CB  . ALA A 1 77  ? -13.547 11.218  -12.782 1.00 17.72 ? 77  ALA A CB  1 
ATOM   612  N N   . HIS A 1 78  ? -10.851 9.807   -11.529 1.00 22.87 ? 78  HIS A N   1 
ATOM   613  C CA  . HIS A 1 78  ? -10.068 9.429   -10.373 1.00 22.29 ? 78  HIS A CA  1 
ATOM   614  C C   . HIS A 1 78  ? -8.597  9.760   -10.504 1.00 21.57 ? 78  HIS A C   1 
ATOM   615  O O   . HIS A 1 78  ? -8.205  10.625  -11.308 1.00 24.95 ? 78  HIS A O   1 
ATOM   616  C CB  . HIS A 1 78  ? -10.216 7.926   -10.160 1.00 24.02 ? 78  HIS A CB  1 
ATOM   617  C CG  . HIS A 1 78  ? -11.517 7.542   -9.542  1.00 26.02 ? 78  HIS A CG  1 
ATOM   618  N ND1 . HIS A 1 78  ? -11.615 7.121   -8.229  1.00 25.92 ? 78  HIS A ND1 1 
ATOM   619  C CD2 . HIS A 1 78  ? -12.781 7.560   -10.034 1.00 26.29 ? 78  HIS A CD2 1 
ATOM   620  C CE1 . HIS A 1 78  ? -12.888 6.898   -7.937  1.00 28.16 ? 78  HIS A CE1 1 
ATOM   621  N NE2 . HIS A 1 78  ? -13.616 7.159   -9.014  1.00 27.19 ? 78  HIS A NE2 1 
ATOM   622  N N   . LEU A 1 79  ? -7.801  9.064   -9.693  1.00 17.92 ? 79  LEU A N   1 
ATOM   623  C CA  . LEU A 1 79  ? -6.356  9.184   -9.640  1.00 16.18 ? 79  LEU A CA  1 
ATOM   624  C C   . LEU A 1 79  ? -5.806  8.190   -10.671 1.00 16.17 ? 79  LEU A C   1 
ATOM   625  O O   . LEU A 1 79  ? -6.357  7.099   -10.849 1.00 16.26 ? 79  LEU A O   1 
ATOM   626  C CB  . LEU A 1 79  ? -5.879  8.794   -8.219  1.00 15.18 ? 79  LEU A CB  1 
ATOM   627  C CG  . LEU A 1 79  ? -4.476  8.941   -7.606  1.00 11.76 ? 79  LEU A CG  1 
ATOM   628  C CD1 . LEU A 1 79  ? -4.556  8.584   -6.127  1.00 13.76 ? 79  LEU A CD1 1 
ATOM   629  C CD2 . LEU A 1 79  ? -3.465  8.051   -8.240  1.00 15.12 ? 79  LEU A CD2 1 
ATOM   630  N N   . SER A 1 80  ? -4.764  8.591   -11.394 1.00 15.68 ? 80  SER A N   1 
ATOM   631  C CA  . SER A 1 80  ? -4.150  7.706   -12.367 1.00 13.40 ? 80  SER A CA  1 
ATOM   632  C C   . SER A 1 80  ? -3.248  6.766   -11.610 1.00 14.68 ? 80  SER A C   1 
ATOM   633  O O   . SER A 1 80  ? -2.551  7.182   -10.665 1.00 15.35 ? 80  SER A O   1 
ATOM   634  C CB  . SER A 1 80  ? -3.281  8.479   -13.357 1.00 13.12 ? 80  SER A CB  1 
ATOM   635  O OG  . SER A 1 80  ? -2.457  7.573   -14.088 1.00 15.29 ? 80  SER A OG  1 
ATOM   636  N N   . CYS A 1 81  ? -3.206  5.522   -12.070 1.00 12.49 ? 81  CYS A N   1 
ATOM   637  C CA  . CYS A 1 81  ? -2.355  4.505   -11.468 1.00 12.27 ? 81  CYS A CA  1 
ATOM   638  C C   . CYS A 1 81  ? -0.864  4.855   -11.591 1.00 10.73 ? 81  CYS A C   1 
ATOM   639  O O   . CYS A 1 81  ? -0.053  4.396   -10.792 1.00 9.91  ? 81  CYS A O   1 
ATOM   640  C CB  . CYS A 1 81  ? -2.644  3.126   -12.086 1.00 12.47 ? 81  CYS A CB  1 
ATOM   641  S SG  . CYS A 1 81  ? -4.331  2.467   -11.769 1.00 12.52 ? 81  CYS A SG  1 
ATOM   642  N N   . SER A 1 82  ? -0.506  5.675   -12.578 1.00 11.84 ? 82  SER A N   1 
ATOM   643  C CA  . SER A 1 82  ? 0.891   6.084   -12.743 1.00 11.86 ? 82  SER A CA  1 
ATOM   644  C C   . SER A 1 82  ? 1.392   6.769   -11.486 1.00 12.45 ? 82  SER A C   1 
ATOM   645  O O   . SER A 1 82  ? 2.524   6.514   -11.061 1.00 14.64 ? 82  SER A O   1 
ATOM   646  C CB  . SER A 1 82  ? 1.098   7.001   -13.957 1.00 13.23 ? 82  SER A CB  1 
ATOM   647  O OG  . SER A 1 82  ? 0.222   8.126   -13.952 1.00 15.70 ? 82  SER A OG  1 
ATOM   648  N N   . ALA A 1 83  ? 0.529   7.571   -10.853 1.00 11.24 ? 83  ALA A N   1 
ATOM   649  C CA  . ALA A 1 83  ? 0.879   8.292   -9.627  1.00 10.90 ? 83  ALA A CA  1 
ATOM   650  C C   . ALA A 1 83  ? 1.400   7.389   -8.529  1.00 11.49 ? 83  ALA A C   1 
ATOM   651  O O   . ALA A 1 83  ? 2.134   7.847   -7.664  1.00 9.91  ? 83  ALA A O   1 
ATOM   652  C CB  . ALA A 1 83  ? -0.291  9.094   -9.107  1.00 10.88 ? 83  ALA A CB  1 
ATOM   653  N N   . LEU A 1 84  ? 1.036   6.102   -8.588  1.00 12.74 ? 84  LEU A N   1 
ATOM   654  C CA  . LEU A 1 84  ? 1.468   5.108   -7.593  1.00 12.39 ? 84  LEU A CA  1 
ATOM   655  C C   . LEU A 1 84  ? 2.827   4.460   -7.931  1.00 12.68 ? 84  LEU A C   1 
ATOM   656  O O   . LEU A 1 84  ? 3.306   3.591   -7.210  1.00 12.32 ? 84  LEU A O   1 
ATOM   657  C CB  . LEU A 1 84  ? 0.387   4.021   -7.439  1.00 11.17 ? 84  LEU A CB  1 
ATOM   658  C CG  . LEU A 1 84  ? -1.054  4.522   -7.349  1.00 11.61 ? 84  LEU A CG  1 
ATOM   659  C CD1 . LEU A 1 84  ? -2.019  3.364   -7.277  1.00 10.55 ? 84  LEU A CD1 1 
ATOM   660  C CD2 . LEU A 1 84  ? -1.238  5.469   -6.173  1.00 8.64  ? 84  LEU A CD2 1 
ATOM   661  N N   . LEU A 1 85  ? 3.460   4.879   -9.019  1.00 11.42 ? 85  LEU A N   1 
ATOM   662  C CA  . LEU A 1 85  ? 4.734   4.286   -9.385  1.00 11.37 ? 85  LEU A CA  1 
ATOM   663  C C   . LEU A 1 85  ? 5.890   5.278   -9.195  1.00 14.15 ? 85  LEU A C   1 
ATOM   664  O O   . LEU A 1 85  ? 7.045   4.972   -9.497  1.00 15.63 ? 85  LEU A O   1 
ATOM   665  C CB  . LEU A 1 85  ? 4.683   3.782   -10.842 1.00 11.57 ? 85  LEU A CB  1 
ATOM   666  C CG  . LEU A 1 85  ? 3.532   2.844   -11.215 1.00 9.63  ? 85  LEU A CG  1 
ATOM   667  C CD1 . LEU A 1 85  ? 3.478   2.645   -12.699 1.00 9.41  ? 85  LEU A CD1 1 
ATOM   668  C CD2 . LEU A 1 85  ? 3.709   1.531   -10.469 1.00 10.11 ? 85  LEU A CD2 1 
ATOM   669  N N   . GLN A 1 86  ? 5.594   6.450   -8.658  1.00 14.67 ? 86  GLN A N   1 
ATOM   670  C CA  . GLN A 1 86  ? 6.622   7.459   -8.458  1.00 15.88 ? 86  GLN A CA  1 
ATOM   671  C C   . GLN A 1 86  ? 7.532   7.138   -7.266  1.00 15.43 ? 86  GLN A C   1 
ATOM   672  O O   . GLN A 1 86  ? 7.217   6.284   -6.433  1.00 14.89 ? 86  GLN A O   1 
ATOM   673  C CB  . GLN A 1 86  ? 5.955   8.817   -8.274  1.00 16.21 ? 86  GLN A CB  1 
ATOM   674  C CG  . GLN A 1 86  ? 4.930   9.101   -9.335  1.00 16.50 ? 86  GLN A CG  1 
ATOM   675  C CD  . GLN A 1 86  ? 4.279   10.438  -9.162  1.00 16.36 ? 86  GLN A CD  1 
ATOM   676  O OE1 . GLN A 1 86  ? 4.938   11.466  -9.288  1.00 17.37 ? 86  GLN A OE1 1 
ATOM   677  N NE2 . GLN A 1 86  ? 2.981   10.444  -8.853  1.00 15.09 ? 86  GLN A NE2 1 
ATOM   678  N N   . ASP A 1 87  ? 8.675   7.817   -7.192  1.00 16.98 ? 87  ASP A N   1 
ATOM   679  C CA  . ASP A 1 87  ? 9.607   7.600   -6.078  1.00 14.76 ? 87  ASP A CA  1 
ATOM   680  C C   . ASP A 1 87  ? 8.999   8.194   -4.800  1.00 13.92 ? 87  ASP A C   1 
ATOM   681  O O   . ASP A 1 87  ? 9.085   7.601   -3.718  1.00 14.72 ? 87  ASP A O   1 
ATOM   682  C CB  . ASP A 1 87  ? 10.997  8.180   -6.385  1.00 16.31 ? 87  ASP A CB  1 
ATOM   683  C CG  . ASP A 1 87  ? 11.834  7.292   -7.370  1.00 18.18 ? 87  ASP A CG  1 
ATOM   684  O OD1 . ASP A 1 87  ? 11.351  6.240   -7.874  1.00 18.10 ? 87  ASP A OD1 1 
ATOM   685  O OD2 . ASP A 1 87  ? 13.012  7.647   -7.626  1.00 17.88 ? 87  ASP A OD2 1 
ATOM   686  N N   . ASN A 1 88  ? 8.345   9.338   -4.925  1.00 12.36 ? 88  ASN A N   1 
ATOM   687  C CA  . ASN A 1 88  ? 7.702   9.934   -3.763  1.00 14.45 ? 88  ASN A CA  1 
ATOM   688  C C   . ASN A 1 88  ? 6.401   9.158   -3.515  1.00 12.60 ? 88  ASN A C   1 
ATOM   689  O O   . ASN A 1 88  ? 5.578   9.051   -4.417  1.00 11.18 ? 88  ASN A O   1 
ATOM   690  C CB  . ASN A 1 88  ? 7.371   11.420  -3.992  1.00 15.63 ? 88  ASN A CB  1 
ATOM   691  C CG  . ASN A 1 88  ? 6.531   12.015  -2.853  1.00 19.64 ? 88  ASN A CG  1 
ATOM   692  O OD1 . ASN A 1 88  ? 5.489   12.645  -3.091  1.00 21.39 ? 88  ASN A OD1 1 
ATOM   693  N ND2 . ASN A 1 88  ? 6.974   11.809  -1.609  1.00 18.30 ? 88  ASN A ND2 1 
ATOM   694  N N   . ILE A 1 89  ? 6.209   8.665   -2.292  1.00 10.94 ? 89  ILE A N   1 
ATOM   695  C CA  . ILE A 1 89  ? 5.014   7.907   -1.951  1.00 10.13 ? 89  ILE A CA  1 
ATOM   696  C C   . ILE A 1 89  ? 3.834   8.628   -1.304  1.00 11.66 ? 89  ILE A C   1 
ATOM   697  O O   . ILE A 1 89  ? 2.904   7.984   -0.829  1.00 13.11 ? 89  ILE A O   1 
ATOM   698  C CB  . ILE A 1 89  ? 5.339   6.717   -1.075  1.00 10.48 ? 89  ILE A CB  1 
ATOM   699  C CG1 . ILE A 1 89  ? 6.159   7.148   0.135   1.00 8.65  ? 89  ILE A CG1 1 
ATOM   700  C CG2 . ILE A 1 89  ? 5.988   5.632   -1.914  1.00 11.40 ? 89  ILE A CG2 1 
ATOM   701  C CD1 . ILE A 1 89  ? 6.118   6.146   1.262   1.00 10.06 ? 89  ILE A CD1 1 
ATOM   702  N N   . ALA A 1 90  ? 3.851   9.953   -1.287  1.00 12.39 ? 90  ALA A N   1 
ATOM   703  C CA  . ALA A 1 90  ? 2.756   10.707  -0.700  1.00 11.92 ? 90  ALA A CA  1 
ATOM   704  C C   . ALA A 1 90  ? 1.388   10.341  -1.285  1.00 11.87 ? 90  ALA A C   1 
ATOM   705  O O   . ALA A 1 90  ? 0.430   10.139  -0.539  1.00 11.83 ? 90  ALA A O   1 
ATOM   706  C CB  . ALA A 1 90  ? 3.020   12.198  -0.841  1.00 15.41 ? 90  ALA A CB  1 
ATOM   707  N N   . ASP A 1 91  ? 1.284   10.215  -2.608  1.00 14.15 ? 91  ASP A N   1 
ATOM   708  C CA  . ASP A 1 91  ? -0.024  9.859   -3.228  1.00 15.59 ? 91  ASP A CA  1 
ATOM   709  C C   . ASP A 1 91  ? -0.491  8.436   -2.903  1.00 13.30 ? 91  ASP A C   1 
ATOM   710  O O   . ASP A 1 91  ? -1.654  8.217   -2.589  1.00 14.86 ? 91  ASP A O   1 
ATOM   711  C CB  . ASP A 1 91  ? -0.019  10.099  -4.747  1.00 16.28 ? 91  ASP A CB  1 
ATOM   712  C CG  . ASP A 1 91  ? 0.092   11.570  -5.101  1.00 16.28 ? 91  ASP A CG  1 
ATOM   713  O OD1 . ASP A 1 91  ? -0.944  12.270  -5.089  1.00 12.89 ? 91  ASP A OD1 1 
ATOM   714  O OD2 . ASP A 1 91  ? 1.226   12.013  -5.380  1.00 17.09 ? 91  ASP A OD2 1 
ATOM   715  N N   . ALA A 1 92  ? 0.444   7.494   -2.912  1.00 14.03 ? 92  ALA A N   1 
ATOM   716  C CA  . ALA A 1 92  ? 0.145   6.104   -2.594  1.00 12.08 ? 92  ALA A CA  1 
ATOM   717  C C   . ALA A 1 92  ? -0.339  6.061   -1.151  1.00 12.45 ? 92  ALA A C   1 
ATOM   718  O O   . ALA A 1 92  ? -1.240  5.291   -0.791  1.00 12.05 ? 92  ALA A O   1 
ATOM   719  C CB  . ALA A 1 92  ? 1.393   5.252   -2.745  1.00 10.41 ? 92  ALA A CB  1 
ATOM   720  N N   . VAL A 1 93  ? 0.270   6.901   -0.324  1.00 11.70 ? 93  VAL A N   1 
ATOM   721  C CA  . VAL A 1 93  ? -0.091  6.954   1.076   1.00 10.21 ? 93  VAL A CA  1 
ATOM   722  C C   . VAL A 1 93  ? -1.495  7.488   1.194   1.00 10.31 ? 93  VAL A C   1 
ATOM   723  O O   . VAL A 1 93  ? -2.311  6.927   1.935   1.00 13.45 ? 93  VAL A O   1 
ATOM   724  C CB  . VAL A 1 93  ? 0.911   7.818   1.911   1.00 10.02 ? 93  VAL A CB  1 
ATOM   725  C CG1 . VAL A 1 93  ? 0.323   8.162   3.274   1.00 6.10  ? 93  VAL A CG1 1 
ATOM   726  C CG2 . VAL A 1 93  ? 2.230   7.030   2.100   1.00 7.17  ? 93  VAL A CG2 1 
ATOM   727  N N   . ALA A 1 94  ? -1.785  8.529   0.420   1.00 9.95  ? 94  ALA A N   1 
ATOM   728  C CA  . ALA A 1 94  ? -3.098  9.158   0.425   1.00 10.18 ? 94  ALA A CA  1 
ATOM   729  C C   . ALA A 1 94  ? -4.177  8.165   0.038   1.00 10.05 ? 94  ALA A C   1 
ATOM   730  O O   . ALA A 1 94  ? -5.233  8.120   0.640   1.00 8.88  ? 94  ALA A O   1 
ATOM   731  C CB  . ALA A 1 94  ? -3.113  10.346  -0.526  1.00 9.53  ? 94  ALA A CB  1 
ATOM   732  N N   . CYS A 1 95  ? -3.890  7.358   -0.974  1.00 13.56 ? 95  CYS A N   1 
ATOM   733  C CA  . CYS A 1 95  ? -4.834  6.369   -1.469  1.00 12.88 ? 95  CYS A CA  1 
ATOM   734  C C   . CYS A 1 95  ? -4.935  5.209   -0.465  1.00 12.96 ? 95  CYS A C   1 
ATOM   735  O O   . CYS A 1 95  ? -5.999  4.610   -0.294  1.00 10.83 ? 95  CYS A O   1 
ATOM   736  C CB  . CYS A 1 95  ? -4.337  5.891   -2.846  1.00 16.89 ? 95  CYS A CB  1 
ATOM   737  S SG  . CYS A 1 95  ? -5.505  5.156   -4.060  1.00 19.32 ? 95  CYS A SG  1 
ATOM   738  N N   . ALA A 1 96  ? -3.822  4.923   0.212   1.00 13.28 ? 96  ALA A N   1 
ATOM   739  C CA  . ALA A 1 96  ? -3.762  3.838   1.183   1.00 12.42 ? 96  ALA A CA  1 
ATOM   740  C C   . ALA A 1 96  ? -4.722  4.098   2.318   1.00 13.05 ? 96  ALA A C   1 
ATOM   741  O O   . ALA A 1 96  ? -5.483  3.200   2.721   1.00 11.19 ? 96  ALA A O   1 
ATOM   742  C CB  . ALA A 1 96  ? -2.348  3.666   1.723   1.00 11.95 ? 96  ALA A CB  1 
ATOM   743  N N   . LYS A 1 97  ? -4.714  5.343   2.787   1.00 13.02 ? 97  LYS A N   1 
ATOM   744  C CA  . LYS A 1 97  ? -5.576  5.768   3.895   1.00 13.19 ? 97  LYS A CA  1 
ATOM   745  C C   . LYS A 1 97  ? -7.055  5.644   3.529   1.00 12.92 ? 97  LYS A C   1 
ATOM   746  O O   . LYS A 1 97  ? -7.908  5.345   4.380   1.00 12.98 ? 97  LYS A O   1 
ATOM   747  C CB  . LYS A 1 97  ? -5.248  7.206   4.288   1.00 11.94 ? 97  LYS A CB  1 
ATOM   748  C CG  . LYS A 1 97  ? -3.921  7.371   5.024   1.00 12.85 ? 97  LYS A CG  1 
ATOM   749  C CD  . LYS A 1 97  ? -3.754  8.825   5.466   1.00 11.21 ? 97  LYS A CD  1 
ATOM   750  C CE  . LYS A 1 97  ? -2.460  9.033   6.249   1.00 11.52 ? 97  LYS A CE  1 
ATOM   751  N NZ  . LYS A 1 97  ? -2.247  10.476  6.514   1.00 10.04 ? 97  LYS A NZ  1 
ATOM   752  N N   . ARG A 1 98  ? -7.327  5.872   2.250   1.00 10.77 ? 98  ARG A N   1 
ATOM   753  C CA  . ARG A 1 98  ? -8.661  5.805   1.707   1.00 11.26 ? 98  ARG A CA  1 
ATOM   754  C C   . ARG A 1 98  ? -9.146  4.368   1.741   1.00 11.84 ? 98  ARG A C   1 
ATOM   755  O O   . ARG A 1 98  ? -10.174 4.062   2.341   1.00 12.10 ? 98  ARG A O   1 
ATOM   756  C CB  . ARG A 1 98  ? -8.636  6.329   0.277   1.00 12.31 ? 98  ARG A CB  1 
ATOM   757  C CG  . ARG A 1 98  ? -9.933  6.172   -0.456  1.00 17.75 ? 98  ARG A CG  1 
ATOM   758  C CD  . ARG A 1 98  ? -11.092 6.808   0.320   1.00 20.60 ? 98  ARG A CD  1 
ATOM   759  N NE  . ARG A 1 98  ? -12.351 6.426   -0.300  1.00 20.85 ? 98  ARG A NE  1 
ATOM   760  C CZ  . ARG A 1 98  ? -12.963 5.261   -0.096  1.00 24.38 ? 98  ARG A CZ  1 
ATOM   761  N NH1 . ARG A 1 98  ? -12.526 4.396   0.832   1.00 25.05 ? 98  ARG A NH1 1 
ATOM   762  N NH2 . ARG A 1 98  ? -14.088 4.996   -0.756  1.00 25.86 ? 98  ARG A NH2 1 
ATOM   763  N N   . VAL A 1 99  ? -8.388  3.496   1.093   1.00 10.86 ? 99  VAL A N   1 
ATOM   764  C CA  . VAL A 1 99  ? -8.699  2.085   1.023   1.00 10.26 ? 99  VAL A CA  1 
ATOM   765  C C   . VAL A 1 99  ? -9.166  1.548   2.376   1.00 13.37 ? 99  VAL A C   1 
ATOM   766  O O   . VAL A 1 99  ? -10.241 0.952   2.462   1.00 12.28 ? 99  VAL A O   1 
ATOM   767  C CB  . VAL A 1 99  ? -7.446  1.258   0.586   1.00 9.77  ? 99  VAL A CB  1 
ATOM   768  C CG1 . VAL A 1 99  ? -7.713  -0.247  0.747   1.00 12.98 ? 99  VAL A CG1 1 
ATOM   769  C CG2 . VAL A 1 99  ? -7.020  1.610   -0.861  1.00 7.23  ? 99  VAL A CG2 1 
ATOM   770  N N   . VAL A 1 100 ? -8.414  1.853   3.438   1.00 14.29 ? 100 VAL A N   1 
ATOM   771  C CA  . VAL A 1 100 ? -8.715  1.330   4.773   1.00 14.95 ? 100 VAL A CA  1 
ATOM   772  C C   . VAL A 1 100 ? -9.854  1.956   5.583   1.00 17.14 ? 100 VAL A C   1 
ATOM   773  O O   . VAL A 1 100 ? -10.186 1.472   6.667   1.00 19.55 ? 100 VAL A O   1 
ATOM   774  C CB  . VAL A 1 100 ? -7.429  1.229   5.666   1.00 11.78 ? 100 VAL A CB  1 
ATOM   775  C CG1 . VAL A 1 100 ? -6.319  0.508   4.923   1.00 5.56  ? 100 VAL A CG1 1 
ATOM   776  C CG2 . VAL A 1 100 ? -6.996  2.618   6.169   1.00 10.02 ? 100 VAL A CG2 1 
ATOM   777  N N   . ARG A 1 101 ? -10.441 3.038   5.101   1.00 18.95 ? 101 ARG A N   1 
ATOM   778  C CA  . ARG A 1 101 ? -11.533 3.624   5.859   1.00 20.56 ? 101 ARG A CA  1 
ATOM   779  C C   . ARG A 1 101 ? -12.757 2.713   5.656   1.00 21.36 ? 101 ARG A C   1 
ATOM   780  O O   . ARG A 1 101 ? -13.705 2.740   6.460   1.00 21.57 ? 101 ARG A O   1 
ATOM   781  C CB  . ARG A 1 101 ? -11.795 5.077   5.445   1.00 19.86 ? 101 ARG A CB  1 
ATOM   782  C CG  . ARG A 1 101 ? -12.609 5.877   6.482   1.00 20.99 ? 101 ARG A CG  1 
ATOM   783  C CD  . ARG A 1 101 ? -13.006 7.238   5.938   1.00 23.34 ? 101 ARG A CD  1 
ATOM   784  N NE  . ARG A 1 101 ? -13.563 7.079   4.590   1.00 23.07 ? 101 ARG A NE  1 
ATOM   785  C CZ  . ARG A 1 101 ? -12.872 7.234   3.459   1.00 23.28 ? 101 ARG A CZ  1 
ATOM   786  N NH1 . ARG A 1 101 ? -11.580 7.587   3.496   1.00 20.17 ? 101 ARG A NH1 1 
ATOM   787  N NH2 . ARG A 1 101 ? -13.441 6.900   2.298   1.00 21.98 ? 101 ARG A NH2 1 
ATOM   788  N N   . ASP A 1 102 ? -12.738 1.921   4.576   1.00 20.67 ? 102 ASP A N   1 
ATOM   789  C CA  . ASP A 1 102 ? -13.805 0.946   4.322   1.00 19.60 ? 102 ASP A CA  1 
ATOM   790  C C   . ASP A 1 102 ? -13.689 0.048   5.546   1.00 19.31 ? 102 ASP A C   1 
ATOM   791  O O   . ASP A 1 102 ? -12.575 -0.227  5.992   1.00 19.97 ? 102 ASP A O   1 
ATOM   792  C CB  . ASP A 1 102 ? -13.483 0.067   3.115   1.00 20.02 ? 102 ASP A CB  1 
ATOM   793  C CG  . ASP A 1 102 ? -13.672 0.764   1.783   1.00 22.75 ? 102 ASP A CG  1 
ATOM   794  O OD1 . ASP A 1 102 ? -13.946 1.999   1.730   1.00 23.64 ? 102 ASP A OD1 1 
ATOM   795  O OD2 . ASP A 1 102 ? -13.511 0.039   0.765   1.00 22.96 ? 102 ASP A OD2 1 
ATOM   796  N N   . PRO A 1 103 ? -14.819 -0.480  6.050   1.00 19.73 ? 103 PRO A N   1 
ATOM   797  C CA  . PRO A 1 103 ? -14.949 -1.364  7.223   1.00 20.26 ? 103 PRO A CA  1 
ATOM   798  C C   . PRO A 1 103 ? -13.909 -2.480  7.452   1.00 18.92 ? 103 PRO A C   1 
ATOM   799  O O   . PRO A 1 103 ? -13.397 -2.647  8.568   1.00 21.09 ? 103 PRO A O   1 
ATOM   800  C CB  . PRO A 1 103 ? -16.392 -1.909  7.089   1.00 18.91 ? 103 PRO A CB  1 
ATOM   801  C CG  . PRO A 1 103 ? -16.731 -1.707  5.635   1.00 18.94 ? 103 PRO A CG  1 
ATOM   802  C CD  . PRO A 1 103 ? -16.118 -0.361  5.368   1.00 20.58 ? 103 PRO A CD  1 
ATOM   803  N N   . GLN A 1 104 ? -13.586 -3.243  6.423   1.00 17.35 ? 104 GLN A N   1 
ATOM   804  C CA  . GLN A 1 104 ? -12.583 -4.319  6.566   1.00 19.85 ? 104 GLN A CA  1 
ATOM   805  C C   . GLN A 1 104 ? -11.185 -3.827  6.994   1.00 17.98 ? 104 GLN A C   1 
ATOM   806  O O   . GLN A 1 104 ? -10.285 -4.628  7.295   1.00 16.19 ? 104 GLN A O   1 
ATOM   807  C CB  . GLN A 1 104 ? -12.457 -5.097  5.253   1.00 22.26 ? 104 GLN A CB  1 
ATOM   808  C CG  . GLN A 1 104 ? -11.796 -4.300  4.140   1.00 24.45 ? 104 GLN A CG  1 
ATOM   809  C CD  . GLN A 1 104 ? -12.263 -2.851  4.115   1.00 26.14 ? 104 GLN A CD  1 
ATOM   810  O OE1 . GLN A 1 104 ? -13.469 -2.572  3.951   1.00 24.40 ? 104 GLN A OE1 1 
ATOM   811  N NE2 . GLN A 1 104 ? -11.320 -1.921  4.359   1.00 26.21 ? 104 GLN A NE2 1 
ATOM   812  N N   . GLY A 1 105 ? -11.000 -2.509  6.952   1.00 17.78 ? 105 GLY A N   1 
ATOM   813  C CA  . GLY A 1 105 ? -9.732  -1.899  7.336   1.00 16.13 ? 105 GLY A CA  1 
ATOM   814  C C   . GLY A 1 105 ? -8.550  -2.502  6.607   1.00 13.84 ? 105 GLY A C   1 
ATOM   815  O O   . GLY A 1 105 ? -8.589  -2.695  5.384   1.00 15.92 ? 105 GLY A O   1 
ATOM   816  N N   . ILE A 1 106 ? -7.532  -2.858  7.381   1.00 11.53 ? 106 ILE A N   1 
ATOM   817  C CA  . ILE A 1 106 ? -6.297  -3.444  6.873   1.00 11.39 ? 106 ILE A CA  1 
ATOM   818  C C   . ILE A 1 106 ? -6.491  -4.841  6.241   1.00 11.14 ? 106 ILE A C   1 
ATOM   819  O O   . ILE A 1 106 ? -5.733  -5.198  5.346   1.00 9.72  ? 106 ILE A O   1 
ATOM   820  C CB  . ILE A 1 106 ? -5.171  -3.451  7.992   1.00 10.28 ? 106 ILE A CB  1 
ATOM   821  C CG1 . ILE A 1 106 ? -3.800  -3.785  7.401   1.00 7.95  ? 106 ILE A CG1 1 
ATOM   822  C CG2 . ILE A 1 106 ? -5.530  -4.365  9.138   1.00 10.80 ? 106 ILE A CG2 1 
ATOM   823  C CD1 . ILE A 1 106 ? -3.338  -2.787  6.385   1.00 5.78  ? 106 ILE A CD1 1 
ATOM   824  N N   . ARG A 1 107 ? -7.557  -5.558  6.632   1.00 13.24 ? 107 ARG A N   1 
ATOM   825  C CA  . ARG A 1 107 ? -7.873  -6.910  6.101   1.00 15.05 ? 107 ARG A CA  1 
ATOM   826  C C   . ARG A 1 107 ? -8.056  -6.864  4.576   1.00 16.35 ? 107 ARG A C   1 
ATOM   827  O O   . ARG A 1 107 ? -8.260  -7.887  3.927   1.00 15.98 ? 107 ARG A O   1 
ATOM   828  C CB  . ARG A 1 107 ? -9.180  -7.465  6.687   1.00 15.96 ? 107 ARG A CB  1 
ATOM   829  C CG  . ARG A 1 107 ? -9.122  -8.099  8.071   1.00 20.07 ? 107 ARG A CG  1 
ATOM   830  C CD  . ARG A 1 107 ? -9.616  -7.116  9.145   1.00 23.50 ? 107 ARG A CD  1 
ATOM   831  N NE  . ARG A 1 107 ? -8.523  -6.610  9.972   1.00 24.98 ? 107 ARG A NE  1 
ATOM   832  C CZ  . ARG A 1 107 ? -8.581  -5.506  10.713  1.00 24.47 ? 107 ARG A CZ  1 
ATOM   833  N NH1 . ARG A 1 107 ? -9.673  -4.747  10.707  1.00 24.73 ? 107 ARG A NH1 1 
ATOM   834  N NH2 . ARG A 1 107 ? -7.517  -5.146  11.424  1.00 23.30 ? 107 ARG A NH2 1 
ATOM   835  N N   . ALA A 1 108 ? -8.050  -5.646  4.039   1.00 16.63 ? 108 ALA A N   1 
ATOM   836  C CA  . ALA A 1 108 ? -8.210  -5.391  2.623   1.00 13.77 ? 108 ALA A CA  1 
ATOM   837  C C   . ALA A 1 108 ? -7.171  -6.144  1.810   1.00 12.64 ? 108 ALA A C   1 
ATOM   838  O O   . ALA A 1 108 ? -7.464  -6.681  0.741   1.00 12.65 ? 108 ALA A O   1 
ATOM   839  C CB  . ALA A 1 108 ? -8.107  -3.900  2.379   1.00 17.32 ? 108 ALA A CB  1 
ATOM   840  N N   . TRP A 1 109 ? -5.963  -6.223  2.340   1.00 13.21 ? 109 TRP A N   1 
ATOM   841  C CA  . TRP A 1 109 ? -4.914  -6.911  1.627   1.00 14.23 ? 109 TRP A CA  1 
ATOM   842  C C   . TRP A 1 109 ? -4.739  -8.301  2.150   1.00 15.88 ? 109 TRP A C   1 
ATOM   843  O O   . TRP A 1 109 ? -4.125  -8.491  3.202   1.00 16.96 ? 109 TRP A O   1 
ATOM   844  C CB  . TRP A 1 109 ? -3.576  -6.181  1.734   1.00 13.81 ? 109 TRP A CB  1 
ATOM   845  C CG  . TRP A 1 109 ? -3.536  -4.911  1.010   1.00 13.64 ? 109 TRP A CG  1 
ATOM   846  C CD1 . TRP A 1 109 ? -3.044  -4.692  -0.254  1.00 13.87 ? 109 TRP A CD1 1 
ATOM   847  C CD2 . TRP A 1 109 ? -3.956  -3.643  1.506   1.00 11.87 ? 109 TRP A CD2 1 
ATOM   848  N NE1 . TRP A 1 109 ? -3.129  -3.359  -0.563  1.00 12.90 ? 109 TRP A NE1 1 
ATOM   849  C CE2 . TRP A 1 109 ? -3.683  -2.691  0.501   1.00 11.53 ? 109 TRP A CE2 1 
ATOM   850  C CE3 . TRP A 1 109 ? -4.520  -3.216  2.712   1.00 10.88 ? 109 TRP A CE3 1 
ATOM   851  C CZ2 . TRP A 1 109 ? -3.956  -1.335  0.667   1.00 11.72 ? 109 TRP A CZ2 1 
ATOM   852  C CZ3 . TRP A 1 109 ? -4.787  -1.872  2.882   1.00 9.73  ? 109 TRP A CZ3 1 
ATOM   853  C CH2 . TRP A 1 109 ? -4.504  -0.943  1.864   1.00 12.69 ? 109 TRP A CH2 1 
ATOM   854  N N   . VAL A 1 110 ? -5.195  -9.274  1.370   1.00 14.54 ? 110 VAL A N   1 
ATOM   855  C CA  . VAL A 1 110 ? -5.069  -10.663 1.743   1.00 12.08 ? 110 VAL A CA  1 
ATOM   856  C C   . VAL A 1 110 ? -3.660  -11.018 2.214   1.00 11.54 ? 110 VAL A C   1 
ATOM   857  O O   . VAL A 1 110 ? -3.495  -11.845 3.119   1.00 11.76 ? 110 VAL A O   1 
ATOM   858  C CB  . VAL A 1 110 ? -5.520  -11.589 0.592   1.00 11.64 ? 110 VAL A CB  1 
ATOM   859  C CG1 . VAL A 1 110 ? -5.369  -13.040 1.000   1.00 7.70  ? 110 VAL A CG1 1 
ATOM   860  C CG2 . VAL A 1 110 ? -6.989  -11.299 0.261   1.00 11.66 ? 110 VAL A CG2 1 
ATOM   861  N N   . ALA A 1 111 ? -2.650  -10.382 1.630   1.00 11.69 ? 111 ALA A N   1 
ATOM   862  C CA  . ALA A 1 111 ? -1.267  -10.645 2.044   1.00 11.95 ? 111 ALA A CA  1 
ATOM   863  C C   . ALA A 1 111 ? -1.061  -10.319 3.549   1.00 13.28 ? 111 ALA A C   1 
ATOM   864  O O   . ALA A 1 111 ? -0.441  -11.109 4.290   1.00 11.92 ? 111 ALA A O   1 
ATOM   865  C CB  . ALA A 1 111 ? -0.293  -9.873  1.178   1.00 10.84 ? 111 ALA A CB  1 
ATOM   866  N N   . TRP A 1 112 ? -1.618  -9.186  3.995   1.00 12.05 ? 112 TRP A N   1 
ATOM   867  C CA  . TRP A 1 112 ? -1.547  -8.804  5.398   1.00 12.43 ? 112 TRP A CA  1 
ATOM   868  C C   . TRP A 1 112 ? -2.175  -9.895  6.298   1.00 11.75 ? 112 TRP A C   1 
ATOM   869  O O   . TRP A 1 112 ? -1.648  -10.227 7.354   1.00 12.56 ? 112 TRP A O   1 
ATOM   870  C CB  . TRP A 1 112 ? -2.251  -7.476  5.643   1.00 9.80  ? 112 TRP A CB  1 
ATOM   871  C CG  . TRP A 1 112 ? -2.076  -7.023  7.063   1.00 8.96  ? 112 TRP A CG  1 
ATOM   872  C CD1 . TRP A 1 112 ? -1.034  -6.306  7.566   1.00 7.57  ? 112 TRP A CD1 1 
ATOM   873  C CD2 . TRP A 1 112 ? -2.979  -7.252  8.164   1.00 11.09 ? 112 TRP A CD2 1 
ATOM   874  N NE1 . TRP A 1 112 ? -1.223  -6.062  8.907   1.00 11.01 ? 112 TRP A NE1 1 
ATOM   875  C CE2 . TRP A 1 112 ? -2.411  -6.625  9.306   1.00 11.67 ? 112 TRP A CE2 1 
ATOM   876  C CE3 . TRP A 1 112 ? -4.216  -7.914  8.296   1.00 6.72  ? 112 TRP A CE3 1 
ATOM   877  C CZ2 . TRP A 1 112 ? -3.042  -6.638  10.566  1.00 11.47 ? 112 TRP A CZ2 1 
ATOM   878  C CZ3 . TRP A 1 112 ? -4.838  -7.927  9.536   1.00 7.37  ? 112 TRP A CZ3 1 
ATOM   879  C CH2 . TRP A 1 112 ? -4.250  -7.289  10.661  1.00 11.35 ? 112 TRP A CH2 1 
ATOM   880  N N   . ARG A 1 113 ? -3.279  -10.485 5.860   1.00 13.80 ? 113 ARG A N   1 
ATOM   881  C CA  . ARG A 1 113 ? -3.920  -11.538 6.652   1.00 13.47 ? 113 ARG A CA  1 
ATOM   882  C C   . ARG A 1 113 ? -2.995  -12.743 6.769   1.00 14.32 ? 113 ARG A C   1 
ATOM   883  O O   . ARG A 1 113 ? -2.703  -13.211 7.874   1.00 15.52 ? 113 ARG A O   1 
ATOM   884  C CB  . ARG A 1 113 ? -5.238  -11.980 6.020   1.00 11.86 ? 113 ARG A CB  1 
ATOM   885  C CG  . ARG A 1 113 ? -6.101  -10.829 5.639   1.00 11.10 ? 113 ARG A CG  1 
ATOM   886  C CD  . ARG A 1 113 ? -7.454  -11.295 5.296   1.00 11.04 ? 113 ARG A CD  1 
ATOM   887  N NE  . ARG A 1 113 ? -7.992  -10.537 4.177   1.00 13.85 ? 113 ARG A NE  1 
ATOM   888  C CZ  . ARG A 1 113 ? -9.087  -10.884 3.499   1.00 16.52 ? 113 ARG A CZ  1 
ATOM   889  N NH1 . ARG A 1 113 ? -9.786  -11.991 3.831   1.00 15.21 ? 113 ARG A NH1 1 
ATOM   890  N NH2 . ARG A 1 113 ? -9.448  -10.163 2.439   1.00 17.58 ? 113 ARG A NH2 1 
ATOM   891  N N   . ASN A 1 114 ? -2.489  -13.191 5.630   1.00 13.23 ? 114 ASN A N   1 
ATOM   892  C CA  . ASN A 1 114 ? -1.612  -14.341 5.583   1.00 13.99 ? 114 ASN A CA  1 
ATOM   893  C C   . ASN A 1 114 ? -0.354  -14.201 6.429   1.00 14.05 ? 114 ASN A C   1 
ATOM   894  O O   . ASN A 1 114 ? -0.042  -15.109 7.203   1.00 13.40 ? 114 ASN A O   1 
ATOM   895  C CB  . ASN A 1 114 ? -1.200  -14.640 4.137   1.00 11.65 ? 114 ASN A CB  1 
ATOM   896  C CG  . ASN A 1 114 ? -2.378  -14.675 3.182   1.00 14.10 ? 114 ASN A CG  1 
ATOM   897  O OD1 . ASN A 1 114 ? -3.549  -14.814 3.596   1.00 15.27 ? 114 ASN A OD1 1 
ATOM   898  N ND2 . ASN A 1 114 ? -2.087  -14.500 1.893   1.00 13.75 ? 114 ASN A ND2 1 
ATOM   899  N N   . ARG A 1 115 ? 0.345   -13.067 6.255   1.00 16.13 ? 115 ARG A N   1 
ATOM   900  C CA  . ARG A 1 115 ? 1.636   -12.745 6.902   1.00 16.57 ? 115 ARG A CA  1 
ATOM   901  C C   . ARG A 1 115 ? 1.667   -11.839 8.130   1.00 16.34 ? 115 ARG A C   1 
ATOM   902  O O   . ARG A 1 115 ? 2.622   -11.921 8.907   1.00 17.10 ? 115 ARG A O   1 
ATOM   903  C CB  . ARG A 1 115 ? 2.593   -12.021 5.923   1.00 18.88 ? 115 ARG A CB  1 
ATOM   904  C CG  . ARG A 1 115 ? 2.772   -12.580 4.516   1.00 21.47 ? 115 ARG A CG  1 
ATOM   905  C CD  . ARG A 1 115 ? 3.516   -13.899 4.489   1.00 21.34 ? 115 ARG A CD  1 
ATOM   906  N NE  . ARG A 1 115 ? 4.954   -13.788 4.730   1.00 23.74 ? 115 ARG A NE  1 
ATOM   907  C CZ  . ARG A 1 115 ? 5.562   -14.102 5.877   1.00 23.46 ? 115 ARG A CZ  1 
ATOM   908  N NH1 . ARG A 1 115 ? 4.873   -14.515 6.937   1.00 24.24 ? 115 ARG A NH1 1 
ATOM   909  N NH2 . ARG A 1 115 ? 6.888   -14.158 5.926   1.00 26.18 ? 115 ARG A NH2 1 
ATOM   910  N N   . CYS A 1 116 ? 0.713   -10.919 8.261   1.00 15.16 ? 116 CYS A N   1 
ATOM   911  C CA  . CYS A 1 116 ? 0.776   -9.941  9.364   1.00 14.53 ? 116 CYS A CA  1 
ATOM   912  C C   . CYS A 1 116 ? -0.268  -10.026 10.477  1.00 13.83 ? 116 CYS A C   1 
ATOM   913  O O   . CYS A 1 116 ? -0.037  -9.567  11.607  1.00 10.68 ? 116 CYS A O   1 
ATOM   914  C CB  . CYS A 1 116 ? 0.783   -8.499  8.801   1.00 14.34 ? 116 CYS A CB  1 
ATOM   915  S SG  . CYS A 1 116 ? 1.896   -8.140  7.386   1.00 14.33 ? 116 CYS A SG  1 
ATOM   916  N N   . GLN A 1 117 ? -1.415  -10.600 10.156  1.00 11.91 ? 117 GLN A N   1 
ATOM   917  C CA  . GLN A 1 117 ? -2.478  -10.712 11.134  1.00 13.31 ? 117 GLN A CA  1 
ATOM   918  C C   . GLN A 1 117 ? -2.120  -11.535 12.393  1.00 13.36 ? 117 GLN A C   1 
ATOM   919  O O   . GLN A 1 117 ? -1.503  -12.608 12.311  1.00 13.04 ? 117 GLN A O   1 
ATOM   920  C CB  . GLN A 1 117 ? -3.706  -11.280 10.456  1.00 13.09 ? 117 GLN A CB  1 
ATOM   921  C CG  . GLN A 1 117 ? -4.988  -11.071 11.193  1.00 14.31 ? 117 GLN A CG  1 
ATOM   922  C CD  . GLN A 1 117 ? -6.125  -11.726 10.459  1.00 14.05 ? 117 GLN A CD  1 
ATOM   923  O OE1 . GLN A 1 117 ? -7.046  -11.061 9.991   1.00 13.66 ? 117 GLN A OE1 1 
ATOM   924  N NE2 . GLN A 1 117 ? -6.046  -13.052 10.320  1.00 15.59 ? 117 GLN A NE2 1 
ATOM   925  N N   . ASN A 1 118 ? -2.523  -11.011 13.549  1.00 14.06 ? 118 ASN A N   1 
ATOM   926  C CA  . ASN A 1 118 ? -2.288  -11.637 14.866  1.00 16.37 ? 118 ASN A CA  1 
ATOM   927  C C   . ASN A 1 118 ? -0.839  -12.094 15.152  1.00 16.67 ? 118 ASN A C   1 
ATOM   928  O O   . ASN A 1 118 ? -0.618  -13.182 15.698  1.00 17.94 ? 118 ASN A O   1 
ATOM   929  C CB  . ASN A 1 118 ? -3.262  -12.815 15.131  1.00 16.15 ? 118 ASN A CB  1 
ATOM   930  C CG  . ASN A 1 118 ? -4.728  -12.477 14.808  1.00 20.56 ? 118 ASN A CG  1 
ATOM   931  O OD1 . ASN A 1 118 ? -5.335  -11.575 15.411  1.00 18.35 ? 118 ASN A OD1 1 
ATOM   932  N ND2 . ASN A 1 118 ? -5.306  -13.209 13.840  1.00 20.10 ? 118 ASN A ND2 1 
ATOM   933  N N   . ARG A 1 119 ? 0.147   -11.324 14.709  1.00 15.81 ? 119 ARG A N   1 
ATOM   934  C CA  . ARG A 1 119 ? 1.526   -11.673 15.000  1.00 14.46 ? 119 ARG A CA  1 
ATOM   935  C C   . ARG A 1 119 ? 2.386   -10.463 15.457  1.00 12.54 ? 119 ARG A C   1 
ATOM   936  O O   . ARG A 1 119 ? 1.973   -9.317  15.399  1.00 12.62 ? 119 ARG A O   1 
ATOM   937  C CB  . ARG A 1 119 ? 2.179   -12.525 13.872  1.00 12.89 ? 119 ARG A CB  1 
ATOM   938  C CG  . ARG A 1 119 ? 2.030   -12.047 12.434  1.00 14.47 ? 119 ARG A CG  1 
ATOM   939  C CD  . ARG A 1 119 ? 1.565   -13.198 11.468  1.00 12.15 ? 119 ARG A CD  1 
ATOM   940  N NE  . ARG A 1 119 ? 2.640   -14.122 11.078  1.00 14.32 ? 119 ARG A NE  1 
ATOM   941  C CZ  . ARG A 1 119 ? 2.670   -14.840 9.944   1.00 15.58 ? 119 ARG A CZ  1 
ATOM   942  N NH1 . ARG A 1 119 ? 1.698   -14.737 9.061   1.00 16.16 ? 119 ARG A NH1 1 
ATOM   943  N NH2 . ARG A 1 119 ? 3.684   -15.647 9.669   1.00 11.94 ? 119 ARG A NH2 1 
ATOM   944  N N   . ASP A 1 120 ? 3.544   -10.753 16.012  1.00 12.18 ? 120 ASP A N   1 
ATOM   945  C CA  . ASP A 1 120 ? 4.450   -9.727  16.484  1.00 12.47 ? 120 ASP A CA  1 
ATOM   946  C C   . ASP A 1 120 ? 5.159   -9.054  15.302  1.00 12.29 ? 120 ASP A C   1 
ATOM   947  O O   . ASP A 1 120 ? 6.180   -9.558  14.803  1.00 14.50 ? 120 ASP A O   1 
ATOM   948  C CB  . ASP A 1 120 ? 5.460   -10.400 17.395  1.00 13.50 ? 120 ASP A CB  1 
ATOM   949  C CG  . ASP A 1 120 ? 6.327   -9.427  18.138  1.00 12.12 ? 120 ASP A CG  1 
ATOM   950  O OD1 . ASP A 1 120 ? 5.937   -8.258  18.334  1.00 11.10 ? 120 ASP A OD1 1 
ATOM   951  O OD2 . ASP A 1 120 ? 7.405   -9.885  18.536  1.00 14.77 ? 120 ASP A OD2 1 
ATOM   952  N N   . VAL A 1 121 ? 4.624   -7.917  14.864  1.00 11.52 ? 121 VAL A N   1 
ATOM   953  C CA  . VAL A 1 121 ? 5.190   -7.191  13.715  1.00 11.45 ? 121 VAL A CA  1 
ATOM   954  C C   . VAL A 1 121 ? 6.281   -6.156  14.041  1.00 11.61 ? 121 VAL A C   1 
ATOM   955  O O   . VAL A 1 121 ? 6.725   -5.415  13.159  1.00 10.02 ? 121 VAL A O   1 
ATOM   956  C CB  . VAL A 1 121 ? 4.075   -6.511  12.861  1.00 9.66  ? 121 VAL A CB  1 
ATOM   957  C CG1 . VAL A 1 121 ? 3.301   -7.551  12.056  1.00 9.77  ? 121 VAL A CG1 1 
ATOM   958  C CG2 . VAL A 1 121 ? 3.125   -5.725  13.767  1.00 12.24 ? 121 VAL A CG2 1 
ATOM   959  N N   . ARG A 1 122 ? 6.771   -6.168  15.278  1.00 13.25 ? 122 ARG A N   1 
ATOM   960  C CA  . ARG A 1 122 ? 7.796   -5.209  15.720  1.00 15.36 ? 122 ARG A CA  1 
ATOM   961  C C   . ARG A 1 122 ? 9.136   -5.221  14.979  1.00 14.52 ? 122 ARG A C   1 
ATOM   962  O O   . ARG A 1 122 ? 9.771   -4.183  14.831  1.00 12.77 ? 122 ARG A O   1 
ATOM   963  C CB  . ARG A 1 122 ? 8.004   -5.324  17.235  1.00 17.12 ? 122 ARG A CB  1 
ATOM   964  C CG  . ARG A 1 122 ? 6.703   -5.090  18.010  1.00 20.65 ? 122 ARG A CG  1 
ATOM   965  C CD  . ARG A 1 122 ? 6.892   -5.157  19.507  1.00 24.53 ? 122 ARG A CD  1 
ATOM   966  N NE  . ARG A 1 122 ? 6.639   -6.488  20.052  1.00 26.76 ? 122 ARG A NE  1 
ATOM   967  C CZ  . ARG A 1 122 ? 7.349   -7.052  21.035  1.00 28.62 ? 122 ARG A CZ  1 
ATOM   968  N NH1 . ARG A 1 122 ? 8.378   -6.391  21.599  1.00 27.74 ? 122 ARG A NH1 1 
ATOM   969  N NH2 . ARG A 1 122 ? 6.996   -8.265  21.488  1.00 25.23 ? 122 ARG A NH2 1 
ATOM   970  N N   . GLN A 1 123 ? 9.534   -6.384  14.459  1.00 16.89 ? 123 GLN A N   1 
ATOM   971  C CA  . GLN A 1 123 ? 10.802  -6.505  13.740  1.00 17.38 ? 123 GLN A CA  1 
ATOM   972  C C   . GLN A 1 123 ? 10.887  -5.478  12.617  1.00 18.71 ? 123 GLN A C   1 
ATOM   973  O O   . GLN A 1 123 ? 11.969  -4.968  12.301  1.00 20.01 ? 123 GLN A O   1 
ATOM   974  C CB  . GLN A 1 123 ? 10.995  -7.928  13.173  1.00 19.84 ? 123 GLN A CB  1 
ATOM   975  C CG  . GLN A 1 123 ? 9.928   -8.442  12.183  1.00 19.28 ? 123 GLN A CG  1 
ATOM   976  C CD  . GLN A 1 123 ? 10.059  -9.949  11.947  1.00 20.36 ? 123 GLN A CD  1 
ATOM   977  O OE1 . GLN A 1 123 ? 11.166  -10.472 11.852  1.00 18.78 ? 123 GLN A OE1 1 
ATOM   978  N NE2 . GLN A 1 123 ? 8.927   -10.653 11.900  1.00 20.38 ? 123 GLN A NE2 1 
ATOM   979  N N   . TYR A 1 124 ? 9.731   -5.118  12.078  1.00 17.33 ? 124 TYR A N   1 
ATOM   980  C CA  . TYR A 1 124 ? 9.712   -4.173  10.992  1.00 17.91 ? 124 TYR A CA  1 
ATOM   981  C C   . TYR A 1 124 ? 10.127  -2.770  11.428  1.00 16.87 ? 124 TYR A C   1 
ATOM   982  O O   . TYR A 1 124 ? 10.883  -2.102  10.721  1.00 17.95 ? 124 TYR A O   1 
ATOM   983  C CB  . TYR A 1 124 ? 8.358   -4.197  10.268  1.00 14.69 ? 124 TYR A CB  1 
ATOM   984  C CG  . TYR A 1 124 ? 7.919   -5.588  9.842   1.00 15.16 ? 124 TYR A CG  1 
ATOM   985  C CD1 . TYR A 1 124 ? 8.389   -6.158  8.661   1.00 14.37 ? 124 TYR A CD1 1 
ATOM   986  C CD2 . TYR A 1 124 ? 7.063   -6.344  10.640  1.00 14.31 ? 124 TYR A CD2 1 
ATOM   987  C CE1 . TYR A 1 124 ? 8.032   -7.446  8.288   1.00 14.59 ? 124 TYR A CE1 1 
ATOM   988  C CE2 . TYR A 1 124 ? 6.689   -7.634  10.284  1.00 17.43 ? 124 TYR A CE2 1 
ATOM   989  C CZ  . TYR A 1 124 ? 7.185   -8.188  9.102   1.00 17.55 ? 124 TYR A CZ  1 
ATOM   990  O OH  . TYR A 1 124 ? 6.868   -9.495  8.768   1.00 18.39 ? 124 TYR A OH  1 
ATOM   991  N N   . VAL A 1 125 ? 9.680   -2.318  12.593  1.00 17.35 ? 125 VAL A N   1 
ATOM   992  C CA  . VAL A 1 125 ? 10.080  -0.972  13.016  1.00 16.45 ? 125 VAL A CA  1 
ATOM   993  C C   . VAL A 1 125 ? 11.274  -0.953  13.971  1.00 18.14 ? 125 VAL A C   1 
ATOM   994  O O   . VAL A 1 125 ? 11.737  0.124   14.400  1.00 22.20 ? 125 VAL A O   1 
ATOM   995  C CB  . VAL A 1 125 ? 8.900   -0.152  13.585  1.00 15.00 ? 125 VAL A CB  1 
ATOM   996  C CG1 . VAL A 1 125 ? 7.847   0.043   12.503  1.00 11.64 ? 125 VAL A CG1 1 
ATOM   997  C CG2 . VAL A 1 125 ? 8.321   -0.806  14.841  1.00 12.35 ? 125 VAL A CG2 1 
ATOM   998  N N   . GLN A 1 126 ? 11.834  -2.139  14.190  1.00 17.85 ? 126 GLN A N   1 
ATOM   999  C CA  . GLN A 1 126 ? 12.957  -2.340  15.084  1.00 17.86 ? 126 GLN A CA  1 
ATOM   1000 C C   . GLN A 1 126 ? 14.157  -1.409  14.835  1.00 18.89 ? 126 GLN A C   1 
ATOM   1001 O O   . GLN A 1 126 ? 14.744  -1.371  13.754  1.00 18.96 ? 126 GLN A O   1 
ATOM   1002 C CB  . GLN A 1 126 ? 13.338  -3.840  15.093  1.00 19.65 ? 126 GLN A CB  1 
ATOM   1003 C CG  . GLN A 1 126 ? 14.689  -4.254  14.485  1.00 23.64 ? 126 GLN A CG  1 
ATOM   1004 C CD  . GLN A 1 126 ? 14.679  -5.679  13.859  1.00 23.04 ? 126 GLN A CD  1 
ATOM   1005 O OE1 . GLN A 1 126 ? 15.083  -6.677  14.495  1.00 24.41 ? 126 GLN A OE1 1 
ATOM   1006 N NE2 . GLN A 1 126 ? 14.256  -5.759  12.606  1.00 21.93 ? 126 GLN A NE2 1 
ATOM   1007 N N   . GLY A 1 127 ? 14.462  -0.603  15.847  1.00 18.08 ? 127 GLY A N   1 
ATOM   1008 C CA  . GLY A 1 127 ? 15.577  0.323   15.783  1.00 17.47 ? 127 GLY A CA  1 
ATOM   1009 C C   . GLY A 1 127 ? 15.492  1.478   14.800  1.00 17.24 ? 127 GLY A C   1 
ATOM   1010 O O   . GLY A 1 127 ? 16.501  2.146   14.581  1.00 17.29 ? 127 GLY A O   1 
ATOM   1011 N N   . CYS A 1 128 ? 14.315  1.772   14.251  1.00 17.77 ? 128 CYS A N   1 
ATOM   1012 C CA  . CYS A 1 128 ? 14.214  2.878   13.291  1.00 16.12 ? 128 CYS A CA  1 
ATOM   1013 C C   . CYS A 1 128 ? 14.058  4.254   13.956  1.00 16.27 ? 128 CYS A C   1 
ATOM   1014 O O   . CYS A 1 128 ? 14.129  5.300   13.283  1.00 16.05 ? 128 CYS A O   1 
ATOM   1015 C CB  . CYS A 1 128 ? 13.104  2.607   12.262  1.00 16.71 ? 128 CYS A CB  1 
ATOM   1016 S SG  . CYS A 1 128 ? 13.391  1.105   11.240  1.00 15.85 ? 128 CYS A SG  1 
ATOM   1017 N N   . GLY A 1 129 ? 13.895  4.240   15.281  1.00 15.23 ? 129 GLY A N   1 
ATOM   1018 C CA  . GLY A 1 129 ? 13.754  5.464   16.046  1.00 16.73 ? 129 GLY A CA  1 
ATOM   1019 C C   . GLY A 1 129 ? 12.522  6.249   15.661  1.00 17.80 ? 129 GLY A C   1 
ATOM   1020 O O   . GLY A 1 129 ? 12.640  7.387   15.202  1.00 19.60 ? 129 GLY A O   1 
ATOM   1021 N N   . VAL A 1 130 ? 11.352  5.621   15.785  1.00 17.58 ? 130 VAL A N   1 
ATOM   1022 C CA  . VAL A 1 130 ? 10.073  6.242   15.462  1.00 17.18 ? 130 VAL A CA  1 
ATOM   1023 C C   . VAL A 1 130 ? 8.988   5.762   16.463  1.00 17.82 ? 130 VAL A C   1 
ATOM   1024 O O   . VAL A 1 130 ? 9.121   4.641   17.028  1.00 16.40 ? 130 VAL A O   1 
ATOM   1025 C CB  . VAL A 1 130 ? 9.618   5.890   14.011  1.00 17.53 ? 130 VAL A CB  1 
ATOM   1026 C CG1 . VAL A 1 130 ? 10.651  6.310   12.995  1.00 17.79 ? 130 VAL A CG1 1 
ATOM   1027 C CG2 . VAL A 1 130 ? 9.350   4.395   13.884  1.00 18.62 ? 130 VAL A CG2 1 
ATOM   1028 O OXT . VAL A 1 130 ? 7.983   6.492   16.647  1.00 17.89 ? 130 VAL A OXT 1 
HETATM 1029 N N   . CYS B 2 .   ? -9.747  6.847   -5.110  1.00 21.73 ? 200 CYS A N   1 
HETATM 1030 C CA  . CYS B 2 .   ? -8.802  7.989   -4.984  1.00 21.77 ? 200 CYS A CA  1 
HETATM 1031 C C   . CYS B 2 .   ? -8.920  8.753   -6.302  1.00 22.06 ? 200 CYS A C   1 
HETATM 1032 O O   . CYS B 2 .   ? -9.370  9.915   -6.294  1.00 21.96 ? 200 CYS A O   1 
HETATM 1033 C CB  . CYS B 2 .   ? -7.381  7.451   -4.799  1.00 20.60 ? 200 CYS A CB  1 
HETATM 1034 S SG  . CYS B 2 .   ? -7.320  5.987   -3.707  1.00 19.32 ? 200 CYS A SG  1 
HETATM 1035 O OXT . CYS B 2 .   ? -8.669  8.122   -7.349  1.00 23.92 ? 200 CYS A OXT 1 
HETATM 1036 O O   . HOH C 3 .   ? 14.781  3.377   18.096  1.00 19.96 ? 213 HOH A O   1 
HETATM 1037 O O   . HOH C 3 .   ? 4.455   1.024   15.273  1.00 8.91  ? 214 HOH A O   1 
HETATM 1038 O O   . HOH C 3 .   ? 3.642   -8.168  -14.029 1.00 17.20 ? 215 HOH A O   1 
HETATM 1039 O O   . HOH C 3 .   ? 1.307   -8.562  -4.617  1.00 15.29 ? 216 HOH A O   1 
HETATM 1040 O O   . HOH C 3 .   ? -4.243  -8.579  14.815  1.00 7.50  ? 217 HOH A O   1 
HETATM 1041 O O   . HOH C 3 .   ? 7.925   10.019  -0.117  1.00 6.27  ? 218 HOH A O   1 
HETATM 1042 O O   . HOH C 3 .   ? -2.853  -8.757  -0.991  1.00 10.84 ? 219 HOH A O   1 
HETATM 1043 O O   . HOH C 3 .   ? 8.578   10.951  -7.220  1.00 12.20 ? 220 HOH A O   1 
HETATM 1044 O O   . HOH C 3 .   ? 7.314   12.457  2.029   1.00 12.36 ? 221 HOH A O   1 
HETATM 1045 O O   . HOH C 3 .   ? -5.848  -13.214 -11.085 1.00 4.71  ? 222 HOH A O   1 
HETATM 1046 O O   . HOH C 3 .   ? 0.889   1.742   -3.528  1.00 6.33  ? 223 HOH A O   1 
HETATM 1047 O O   . HOH C 3 .   ? 0.240   -1.674  -15.845 1.00 19.17 ? 224 HOH A O   1 
HETATM 1048 O O   . HOH C 3 .   ? -6.032  -3.839  -1.948  1.00 16.75 ? 225 HOH A O   1 
HETATM 1049 O O   . HOH C 3 .   ? -5.200  8.188   13.801  1.00 21.31 ? 226 HOH A O   1 
HETATM 1050 O O   . HOH C 3 .   ? -3.378  12.233  -3.877  1.00 15.49 ? 227 HOH A O   1 
HETATM 1051 O O   . HOH C 3 .   ? -8.444  11.345  -14.082 1.00 18.46 ? 228 HOH A O   1 
HETATM 1052 O O   . HOH C 3 .   ? -16.053 5.881   -8.764  1.00 26.36 ? 229 HOH A O   1 
HETATM 1053 O O   . HOH C 3 .   ? 17.965  -2.734  2.220   1.00 21.95 ? 230 HOH A O   1 
HETATM 1054 O O   . HOH C 3 .   ? 10.882  -8.040  22.823  1.00 25.35 ? 231 HOH A O   1 
HETATM 1055 O O   . HOH C 3 .   ? 17.169  0.565   7.079   1.00 12.85 ? 232 HOH A O   1 
HETATM 1056 O O   . HOH C 3 .   ? 21.445  0.629   -0.850  1.00 19.46 ? 233 HOH A O   1 
HETATM 1057 O O   . HOH C 3 .   ? 5.800   -12.258 9.208   1.00 25.55 ? 234 HOH A O   1 
HETATM 1058 O O   . HOH C 3 .   ? 16.207  1.936   -5.136  1.00 19.60 ? 235 HOH A O   1 
HETATM 1059 O O   . HOH C 3 .   ? 6.989   -8.163  -2.377  1.00 21.13 ? 236 HOH A O   1 
HETATM 1060 O O   . HOH C 3 .   ? 5.761   3.552   15.965  1.00 12.42 ? 237 HOH A O   1 
HETATM 1061 O O   . HOH C 3 .   ? 6.313   8.731   18.214  1.00 19.61 ? 238 HOH A O   1 
HETATM 1062 O O   . HOH C 3 .   ? 5.312   5.787   18.090  1.00 26.64 ? 239 HOH A O   1 
HETATM 1063 O O   . HOH C 3 .   ? -0.730  -12.673 -10.560 1.00 35.10 ? 240 HOH A O   1 
HETATM 1064 O O   . HOH C 3 .   ? 2.517   -4.690  -14.537 1.00 21.57 ? 241 HOH A O   1 
HETATM 1065 O O   . HOH C 3 .   ? -7.899  -11.931 15.986  1.00 16.26 ? 242 HOH A O   1 
HETATM 1066 O O   . HOH C 3 .   ? 4.732   5.357   -5.375  1.00 19.48 ? 243 HOH A O   1 
HETATM 1067 O O   . HOH C 3 .   ? -9.263  -8.593  11.802  1.00 24.61 ? 244 HOH A O   1 
HETATM 1068 O O   . HOH C 3 .   ? 2.460   8.515   11.280  1.00 11.76 ? 245 HOH A O   1 
HETATM 1069 O O   . HOH C 3 .   ? 0.585   9.204   14.445  1.00 20.18 ? 246 HOH A O   1 
HETATM 1070 O O   . HOH C 3 .   ? -3.064  10.845  9.097   1.00 16.45 ? 247 HOH A O   1 
HETATM 1071 O O   . HOH C 3 .   ? -8.671  1.266   -14.554 1.00 11.37 ? 248 HOH A O   1 
HETATM 1072 O O   . HOH C 3 .   ? -8.616  11.332  7.051   1.00 23.82 ? 249 HOH A O   1 
HETATM 1073 O O   . HOH C 3 .   ? -9.019  4.583   -16.436 1.00 19.02 ? 250 HOH A O   1 
HETATM 1074 O O   . HOH C 3 .   ? -12.936 9.382   0.630   1.00 30.77 ? 251 HOH A O   1 
HETATM 1075 O O   . HOH C 3 .   ? -16.452 0.867   -16.134 1.00 15.75 ? 252 HOH A O   1 
# 
